data_2LV5
#
_entry.id   2LV5
#
_entity_poly.entity_id   1
_entity_poly.type   'polypeptide(L)'
_entity_poly.pdbx_seq_one_letter_code
;GSHMTEQTSTLYAKLLGETAVISWAELQPFFARGALLQVDAALDLVEVAEALAGDDREKVAAWLSGGGLSKVGEDAAKDF
LERDPTLWAVVVAPWVVIQERAEKATLH
;
_entity_poly.pdbx_strand_id   A
#
# COMPACT_ATOMS: atom_id res chain seq x y z
N GLY A 1 -19.76 -16.83 18.18
CA GLY A 1 -18.88 -15.78 17.60
C GLY A 1 -17.40 -16.12 17.72
N SER A 2 -17.05 -17.40 17.48
CA SER A 2 -15.66 -17.87 17.53
C SER A 2 -14.87 -17.34 16.32
N HIS A 3 -13.83 -16.54 16.60
CA HIS A 3 -12.99 -15.90 15.56
C HIS A 3 -12.26 -16.97 14.73
N MET A 4 -12.62 -17.05 13.44
CA MET A 4 -12.03 -17.97 12.46
C MET A 4 -10.53 -17.68 12.31
N THR A 5 -9.69 -18.61 12.77
CA THR A 5 -8.24 -18.55 12.59
C THR A 5 -7.91 -18.64 11.08
N GLU A 6 -7.56 -17.48 10.51
CA GLU A 6 -7.37 -17.30 9.05
C GLU A 6 -6.06 -17.96 8.57
N GLN A 7 -6.11 -19.30 8.45
CA GLN A 7 -4.98 -20.14 8.05
C GLN A 7 -4.97 -20.35 6.52
N THR A 8 -6.08 -19.94 5.87
CA THR A 8 -6.21 -19.94 4.41
C THR A 8 -5.33 -18.81 3.78
N SER A 9 -4.87 -19.05 2.54
CA SER A 9 -4.01 -18.13 1.80
C SER A 9 -4.86 -17.16 0.94
N THR A 10 -5.95 -16.65 1.55
CA THR A 10 -6.86 -15.69 0.93
C THR A 10 -6.18 -14.32 0.72
N LEU A 11 -5.17 -14.02 1.57
CA LEU A 11 -4.39 -12.77 1.50
C LEU A 11 -3.57 -12.75 0.19
N TYR A 12 -2.99 -13.90 -0.18
CA TYR A 12 -2.25 -14.09 -1.44
C TYR A 12 -3.18 -13.83 -2.65
N ALA A 13 -4.38 -14.41 -2.58
CA ALA A 13 -5.41 -14.32 -3.63
C ALA A 13 -5.95 -12.87 -3.76
N LYS A 14 -5.89 -12.11 -2.65
CA LYS A 14 -6.31 -10.70 -2.59
C LYS A 14 -5.24 -9.78 -3.21
N LEU A 15 -4.00 -9.94 -2.72
CA LEU A 15 -2.85 -9.06 -3.02
C LEU A 15 -2.51 -9.16 -4.51
N LEU A 16 -2.33 -10.40 -4.99
CA LEU A 16 -1.99 -10.68 -6.40
C LEU A 16 -3.27 -10.81 -7.26
N GLY A 17 -4.44 -10.69 -6.61
CA GLY A 17 -5.72 -10.67 -7.32
C GLY A 17 -5.98 -9.34 -8.00
N GLU A 18 -5.99 -8.26 -7.19
CA GLU A 18 -6.24 -6.89 -7.66
C GLU A 18 -5.90 -5.87 -6.54
N THR A 19 -5.94 -4.57 -6.90
CA THR A 19 -5.87 -3.47 -5.92
C THR A 19 -7.27 -3.21 -5.33
N ALA A 20 -7.34 -2.50 -4.19
CA ALA A 20 -8.61 -2.14 -3.53
C ALA A 20 -8.68 -0.63 -3.30
N VAL A 21 -9.90 -0.05 -3.36
CA VAL A 21 -10.13 1.40 -3.18
C VAL A 21 -11.02 1.62 -1.94
N ILE A 22 -10.58 2.48 -1.02
CA ILE A 22 -11.26 2.71 0.28
C ILE A 22 -11.08 4.19 0.69
N SER A 23 -11.84 4.64 1.70
CA SER A 23 -11.66 5.97 2.30
C SER A 23 -10.46 5.95 3.27
N TRP A 24 -9.76 7.09 3.32
CA TRP A 24 -8.63 7.32 4.23
C TRP A 24 -9.05 7.23 5.72
N ALA A 25 -10.29 7.67 6.04
CA ALA A 25 -10.78 7.73 7.43
C ALA A 25 -11.02 6.33 8.03
N GLU A 26 -11.08 5.31 7.17
CA GLU A 26 -11.16 3.89 7.59
C GLU A 26 -9.78 3.38 8.03
N LEU A 27 -8.72 4.07 7.56
CA LEU A 27 -7.31 3.70 7.77
C LEU A 27 -6.66 4.48 8.94
N GLN A 28 -7.50 5.22 9.70
CA GLN A 28 -7.06 5.97 10.90
C GLN A 28 -6.41 5.06 11.99
N PRO A 29 -7.03 3.88 12.40
CA PRO A 29 -6.39 2.96 13.39
C PRO A 29 -5.11 2.29 12.83
N PHE A 30 -4.96 2.26 11.49
CA PHE A 30 -3.82 1.62 10.82
C PHE A 30 -2.55 2.50 10.89
N PHE A 31 -2.67 3.81 10.57
CA PHE A 31 -1.48 4.72 10.62
C PHE A 31 -1.17 5.14 12.07
N ALA A 32 -2.21 5.12 12.93
CA ALA A 32 -2.10 5.48 14.37
C ALA A 32 -1.07 4.58 15.08
N ARG A 33 -1.17 3.27 14.83
CA ARG A 33 -0.22 2.27 15.37
C ARG A 33 1.05 2.17 14.50
N GLY A 34 0.99 2.75 13.28
CA GLY A 34 2.12 2.76 12.35
C GLY A 34 2.20 1.54 11.45
N ALA A 35 1.08 0.81 11.34
CA ALA A 35 0.94 -0.38 10.46
C ALA A 35 0.41 0.03 9.06
N LEU A 36 0.85 1.22 8.60
CA LEU A 36 0.43 1.77 7.31
C LEU A 36 1.68 2.30 6.59
N LEU A 37 1.93 1.77 5.38
CA LEU A 37 3.06 2.17 4.52
C LEU A 37 2.52 3.01 3.35
N GLN A 38 3.18 4.14 3.08
CA GLN A 38 2.87 5.03 1.94
C GLN A 38 3.73 4.63 0.74
N VAL A 39 3.10 4.47 -0.43
CA VAL A 39 3.82 4.31 -1.72
C VAL A 39 3.52 5.53 -2.62
N ASP A 40 4.55 5.92 -3.38
CA ASP A 40 4.52 7.08 -4.31
C ASP A 40 3.62 6.78 -5.53
N ALA A 41 3.13 7.86 -6.18
CA ALA A 41 2.30 7.78 -7.40
C ALA A 41 3.08 7.20 -8.60
N ALA A 42 4.43 7.30 -8.54
CA ALA A 42 5.32 6.79 -9.58
C ALA A 42 5.35 5.24 -9.59
N LEU A 43 5.32 4.65 -8.39
CA LEU A 43 5.37 3.19 -8.21
C LEU A 43 3.96 2.59 -8.26
N ASP A 44 3.85 1.27 -8.00
CA ASP A 44 2.55 0.56 -7.98
C ASP A 44 2.40 -0.18 -6.65
N LEU A 45 1.15 -0.53 -6.32
CA LEU A 45 0.80 -1.23 -5.07
C LEU A 45 1.27 -2.69 -5.08
N VAL A 46 1.10 -3.40 -6.21
CA VAL A 46 1.41 -4.85 -6.28
C VAL A 46 2.92 -5.12 -6.08
N GLU A 47 3.77 -4.20 -6.59
CA GLU A 47 5.24 -4.37 -6.57
C GLU A 47 5.84 -4.04 -5.18
N VAL A 48 5.23 -3.10 -4.45
CA VAL A 48 5.64 -2.79 -3.06
C VAL A 48 5.06 -3.81 -2.07
N ALA A 49 3.85 -4.30 -2.37
CA ALA A 49 3.11 -5.23 -1.50
C ALA A 49 3.72 -6.65 -1.56
N GLU A 50 4.18 -7.05 -2.77
CA GLU A 50 4.87 -8.35 -2.96
C GLU A 50 6.25 -8.32 -2.27
N ALA A 51 6.85 -7.13 -2.21
CA ALA A 51 8.15 -6.92 -1.56
C ALA A 51 8.02 -7.05 -0.04
N LEU A 52 6.94 -6.47 0.51
CA LEU A 52 6.67 -6.46 1.96
C LEU A 52 6.05 -7.80 2.45
N ALA A 53 5.43 -8.56 1.53
CA ALA A 53 4.91 -9.92 1.82
C ALA A 53 6.03 -10.96 1.69
N GLY A 54 6.84 -10.81 0.63
CA GLY A 54 7.91 -11.75 0.28
C GLY A 54 9.22 -11.43 0.96
N ASP A 55 9.25 -10.32 1.75
CA ASP A 55 10.43 -9.88 2.54
C ASP A 55 11.62 -9.48 1.62
N ASP A 56 11.30 -9.15 0.34
CA ASP A 56 12.30 -8.77 -0.69
C ASP A 56 13.01 -7.47 -0.29
N ARG A 57 14.17 -7.63 0.38
CA ARG A 57 14.84 -6.54 1.11
C ARG A 57 15.43 -5.48 0.17
N GLU A 58 16.05 -5.92 -0.94
CA GLU A 58 16.66 -5.01 -1.92
C GLU A 58 15.57 -4.15 -2.61
N LYS A 59 14.39 -4.74 -2.79
CA LYS A 59 13.22 -4.09 -3.41
C LYS A 59 12.69 -2.97 -2.49
N VAL A 60 12.43 -3.35 -1.22
CA VAL A 60 11.91 -2.46 -0.18
C VAL A 60 12.88 -1.30 0.11
N ALA A 61 14.13 -1.67 0.48
CA ALA A 61 15.17 -0.72 0.94
C ALA A 61 15.62 0.25 -0.15
N ALA A 62 15.49 -0.17 -1.43
CA ALA A 62 15.74 0.69 -2.59
C ALA A 62 14.76 1.87 -2.60
N TRP A 63 13.48 1.55 -2.33
CA TRP A 63 12.39 2.53 -2.31
C TRP A 63 12.36 3.31 -0.98
N LEU A 64 12.89 2.73 0.10
CA LEU A 64 13.00 3.45 1.40
C LEU A 64 14.00 4.61 1.27
N SER A 65 15.19 4.30 0.72
CA SER A 65 16.25 5.29 0.47
C SER A 65 15.92 6.18 -0.74
N GLY A 66 15.15 5.61 -1.68
CA GLY A 66 14.72 6.34 -2.89
C GLY A 66 13.49 7.21 -2.66
N GLY A 67 12.83 7.04 -1.49
CA GLY A 67 11.68 7.86 -1.09
C GLY A 67 10.38 7.47 -1.79
N GLY A 68 10.36 6.31 -2.46
CA GLY A 68 9.15 5.79 -3.10
C GLY A 68 8.26 5.02 -2.14
N LEU A 69 8.87 4.47 -1.08
CA LEU A 69 8.16 3.73 -0.02
C LEU A 69 8.54 4.36 1.32
N SER A 70 7.54 4.63 2.15
CA SER A 70 7.66 5.30 3.45
C SER A 70 6.57 4.75 4.38
N LYS A 71 6.47 5.29 5.61
CA LYS A 71 5.37 4.97 6.55
C LYS A 71 4.53 6.22 6.80
N VAL A 72 3.25 6.03 7.10
CA VAL A 72 2.27 7.12 7.21
C VAL A 72 2.23 7.65 8.66
N GLY A 73 2.83 8.84 8.84
CA GLY A 73 2.72 9.61 10.08
C GLY A 73 1.76 10.77 9.92
N GLU A 74 1.95 11.85 10.71
CA GLU A 74 1.04 13.02 10.70
C GLU A 74 1.16 13.83 9.39
N ASP A 75 2.37 13.87 8.81
CA ASP A 75 2.64 14.60 7.56
C ASP A 75 1.86 13.97 6.40
N ALA A 76 2.00 12.65 6.26
CA ALA A 76 1.28 11.87 5.23
C ALA A 76 -0.22 11.78 5.55
N ALA A 77 -0.56 11.83 6.85
CA ALA A 77 -1.95 11.75 7.32
C ALA A 77 -2.80 12.90 6.78
N LYS A 78 -2.36 14.14 7.08
CA LYS A 78 -3.05 15.37 6.67
C LYS A 78 -2.96 15.55 5.15
N ASP A 79 -1.91 14.97 4.55
CA ASP A 79 -1.67 15.01 3.10
C ASP A 79 -2.79 14.29 2.36
N PHE A 80 -2.96 12.98 2.68
CA PHE A 80 -3.98 12.11 2.06
C PHE A 80 -5.39 12.59 2.39
N LEU A 81 -5.58 13.00 3.66
CA LEU A 81 -6.86 13.54 4.17
C LEU A 81 -7.37 14.68 3.26
N GLU A 82 -6.50 15.66 3.02
CA GLU A 82 -6.84 16.87 2.24
C GLU A 82 -6.60 16.67 0.73
N ARG A 83 -6.00 15.53 0.34
CA ARG A 83 -5.74 15.21 -1.07
C ARG A 83 -7.03 14.69 -1.72
N ASP A 84 -7.33 13.39 -1.55
CA ASP A 84 -8.49 12.74 -2.18
C ASP A 84 -9.82 12.89 -1.36
N PRO A 85 -10.01 12.30 -0.09
CA PRO A 85 -9.07 11.40 0.65
C PRO A 85 -9.17 9.88 0.24
N THR A 86 -10.20 9.57 -0.55
CA THR A 86 -10.41 8.24 -1.17
C THR A 86 -9.17 7.77 -1.97
N LEU A 87 -8.55 6.68 -1.54
CA LEU A 87 -7.25 6.24 -2.07
C LEU A 87 -7.22 4.71 -2.18
N TRP A 88 -6.21 4.20 -2.87
CA TRP A 88 -6.07 2.77 -3.14
C TRP A 88 -5.28 2.09 -2.01
N ALA A 89 -5.94 1.27 -1.17
CA ALA A 89 -5.30 0.55 -0.06
C ALA A 89 -5.32 -0.97 -0.33
N VAL A 90 -4.14 -1.62 -0.30
CA VAL A 90 -4.00 -3.08 -0.43
C VAL A 90 -3.39 -3.61 0.87
N VAL A 91 -4.15 -4.49 1.54
CA VAL A 91 -3.73 -5.10 2.81
C VAL A 91 -2.75 -6.25 2.53
N VAL A 92 -1.51 -6.07 2.99
CA VAL A 92 -0.47 -7.12 2.99
C VAL A 92 -0.59 -7.89 4.34
N ALA A 93 0.05 -9.08 4.44
CA ALA A 93 -0.05 -9.96 5.63
C ALA A 93 0.35 -9.23 6.97
N PRO A 94 1.55 -8.52 7.06
CA PRO A 94 1.89 -7.75 8.29
C PRO A 94 1.10 -6.41 8.43
N TRP A 95 0.98 -5.65 7.32
CA TRP A 95 0.45 -4.26 7.34
C TRP A 95 -0.24 -3.91 6.02
N VAL A 96 -0.90 -2.75 5.97
CA VAL A 96 -1.56 -2.24 4.74
C VAL A 96 -0.67 -1.16 4.08
N VAL A 97 -0.71 -1.09 2.72
CA VAL A 97 0.03 -0.07 1.93
C VAL A 97 -1.00 0.74 1.10
N ILE A 98 -0.76 2.07 0.95
CA ILE A 98 -1.69 2.98 0.25
C ILE A 98 -0.97 3.81 -0.82
N GLN A 99 -1.67 4.01 -1.93
CA GLN A 99 -1.29 4.93 -3.00
C GLN A 99 -2.44 5.93 -3.19
N GLU A 100 -2.09 7.19 -3.48
CA GLU A 100 -3.05 8.26 -3.79
C GLU A 100 -3.87 7.89 -5.05
N ARG A 101 -5.17 8.19 -5.01
CA ARG A 101 -6.06 7.93 -6.16
C ARG A 101 -5.76 8.99 -7.24
N ALA A 102 -5.78 10.26 -6.83
CA ALA A 102 -5.47 11.41 -7.70
C ALA A 102 -4.07 11.30 -8.31
N GLU A 103 -4.02 10.81 -9.54
CA GLU A 103 -2.81 10.81 -10.37
C GLU A 103 -2.83 12.09 -11.22
N LYS A 104 -2.03 13.09 -10.80
CA LYS A 104 -2.01 14.43 -11.43
C LYS A 104 -1.46 14.35 -12.88
N ALA A 105 -0.64 13.33 -13.16
CA ALA A 105 -0.07 13.07 -14.48
C ALA A 105 -0.39 11.63 -14.90
N THR A 106 -1.27 11.50 -15.92
CA THR A 106 -1.67 10.20 -16.49
C THR A 106 -1.58 10.30 -18.04
N LEU A 107 -0.36 10.10 -18.55
CA LEU A 107 -0.07 10.16 -19.99
C LEU A 107 0.17 8.73 -20.52
N HIS A 108 -0.80 8.23 -21.29
CA HIS A 108 -0.72 6.93 -21.96
C HIS A 108 -1.31 7.09 -23.39
N GLY A 1 -0.75 -39.37 0.61
CA GLY A 1 0.32 -39.75 -0.33
C GLY A 1 1.22 -38.58 -0.67
N SER A 2 2.26 -38.84 -1.48
CA SER A 2 3.16 -37.78 -1.99
C SER A 2 2.49 -37.09 -3.20
N HIS A 3 1.71 -36.02 -2.90
CA HIS A 3 0.88 -35.31 -3.90
C HIS A 3 1.59 -34.06 -4.45
N MET A 4 1.01 -33.51 -5.53
CA MET A 4 1.49 -32.30 -6.24
C MET A 4 0.69 -31.06 -5.79
N THR A 5 0.00 -31.18 -4.64
CA THR A 5 -0.90 -30.15 -4.11
C THR A 5 -0.11 -28.94 -3.57
N GLU A 6 -0.58 -27.73 -3.88
CA GLU A 6 -0.07 -26.47 -3.33
C GLU A 6 -1.12 -25.38 -3.58
N GLN A 7 -2.18 -25.41 -2.77
CA GLN A 7 -3.27 -24.44 -2.82
C GLN A 7 -2.79 -23.12 -2.19
N THR A 8 -2.89 -22.03 -2.97
CA THR A 8 -2.51 -20.69 -2.55
C THR A 8 -3.38 -20.22 -1.37
N SER A 9 -2.73 -19.90 -0.24
CA SER A 9 -3.40 -19.43 0.98
C SER A 9 -4.17 -18.12 0.72
N THR A 10 -5.21 -17.88 1.53
CA THR A 10 -6.17 -16.77 1.31
C THR A 10 -5.46 -15.41 1.18
N LEU A 11 -4.49 -15.13 2.09
CA LEU A 11 -3.72 -13.85 2.09
C LEU A 11 -3.00 -13.65 0.74
N TYR A 12 -2.36 -14.73 0.25
CA TYR A 12 -1.60 -14.70 -1.02
C TYR A 12 -2.54 -14.47 -2.21
N ALA A 13 -3.75 -15.04 -2.12
CA ALA A 13 -4.78 -14.89 -3.16
C ALA A 13 -5.38 -13.47 -3.16
N LYS A 14 -5.45 -12.84 -1.96
CA LYS A 14 -5.90 -11.44 -1.78
C LYS A 14 -4.82 -10.47 -2.29
N LEU A 15 -3.56 -10.91 -2.19
CA LEU A 15 -2.39 -10.17 -2.68
C LEU A 15 -2.39 -10.17 -4.22
N LEU A 16 -2.82 -11.31 -4.79
CA LEU A 16 -2.98 -11.48 -6.25
C LEU A 16 -4.28 -10.83 -6.76
N GLY A 17 -5.15 -10.40 -5.81
CA GLY A 17 -6.35 -9.63 -6.14
C GLY A 17 -6.04 -8.18 -6.48
N GLU A 18 -7.04 -7.46 -7.01
CA GLU A 18 -6.89 -6.06 -7.49
C GLU A 18 -6.71 -5.06 -6.33
N THR A 19 -6.26 -3.84 -6.69
CA THR A 19 -6.06 -2.75 -5.74
C THR A 19 -7.40 -2.27 -5.16
N ALA A 20 -7.60 -2.49 -3.85
CA ALA A 20 -8.88 -2.23 -3.17
C ALA A 20 -8.99 -0.75 -2.79
N VAL A 21 -10.06 -0.08 -3.24
CA VAL A 21 -10.33 1.33 -2.95
C VAL A 21 -11.11 1.42 -1.63
N ILE A 22 -10.63 2.27 -0.70
CA ILE A 22 -11.22 2.42 0.63
C ILE A 22 -11.27 3.92 1.03
N SER A 23 -12.08 4.23 2.06
CA SER A 23 -12.10 5.56 2.68
C SER A 23 -10.85 5.73 3.56
N TRP A 24 -10.24 6.93 3.51
CA TRP A 24 -9.06 7.26 4.33
C TRP A 24 -9.36 7.15 5.85
N ALA A 25 -10.58 7.54 6.25
CA ALA A 25 -10.98 7.61 7.68
C ALA A 25 -10.94 6.23 8.36
N GLU A 26 -11.14 5.17 7.55
CA GLU A 26 -11.02 3.77 7.99
C GLU A 26 -9.55 3.41 8.31
N LEU A 27 -8.63 4.09 7.62
CA LEU A 27 -7.18 3.87 7.71
C LEU A 27 -6.51 4.72 8.81
N GLN A 28 -7.28 5.62 9.45
CA GLN A 28 -6.75 6.48 10.54
C GLN A 28 -6.21 5.67 11.76
N PRO A 29 -6.90 4.59 12.29
CA PRO A 29 -6.31 3.72 13.35
C PRO A 29 -5.04 2.98 12.84
N PHE A 30 -5.04 2.64 11.53
CA PHE A 30 -3.91 1.94 10.89
C PHE A 30 -2.67 2.85 10.80
N PHE A 31 -2.88 4.14 10.50
CA PHE A 31 -1.79 5.13 10.44
C PHE A 31 -1.26 5.41 11.86
N ALA A 32 -2.20 5.49 12.84
CA ALA A 32 -1.90 5.88 14.24
C ALA A 32 -0.88 4.92 14.90
N ARG A 33 -1.05 3.62 14.61
CA ARG A 33 -0.16 2.56 15.11
C ARG A 33 1.09 2.38 14.21
N GLY A 34 1.05 2.97 13.01
CA GLY A 34 2.15 2.89 12.04
C GLY A 34 2.13 1.62 11.19
N ALA A 35 0.92 1.09 10.97
CA ALA A 35 0.70 -0.08 10.08
C ALA A 35 0.42 0.35 8.63
N LEU A 36 0.57 1.66 8.33
CA LEU A 36 0.42 2.19 6.95
C LEU A 36 1.76 2.58 6.36
N LEU A 37 2.01 2.10 5.14
CA LEU A 37 3.16 2.48 4.30
C LEU A 37 2.65 3.32 3.11
N GLN A 38 3.25 4.50 2.93
CA GLN A 38 2.90 5.44 1.85
C GLN A 38 3.72 5.09 0.60
N VAL A 39 3.05 4.55 -0.42
CA VAL A 39 3.66 4.37 -1.74
C VAL A 39 3.27 5.55 -2.65
N ASP A 40 4.29 6.07 -3.36
CA ASP A 40 4.17 7.20 -4.28
C ASP A 40 3.69 6.69 -5.65
N ALA A 41 3.03 7.57 -6.42
CA ALA A 41 2.50 7.25 -7.77
C ALA A 41 3.60 6.80 -8.76
N ALA A 42 4.88 7.13 -8.46
CA ALA A 42 6.05 6.68 -9.25
C ALA A 42 6.19 5.14 -9.19
N LEU A 43 5.87 4.56 -8.03
CA LEU A 43 5.83 3.09 -7.83
C LEU A 43 4.38 2.59 -8.02
N ASP A 44 4.05 1.40 -7.48
CA ASP A 44 2.70 0.81 -7.61
C ASP A 44 2.42 -0.08 -6.40
N LEU A 45 1.12 -0.28 -6.07
CA LEU A 45 0.70 -1.20 -5.00
C LEU A 45 1.12 -2.64 -5.28
N VAL A 46 1.01 -3.08 -6.56
CA VAL A 46 1.29 -4.49 -6.91
C VAL A 46 2.78 -4.84 -6.69
N GLU A 47 3.70 -3.90 -7.01
CA GLU A 47 5.16 -4.14 -6.91
C GLU A 47 5.65 -4.05 -5.46
N VAL A 48 5.07 -3.12 -4.67
CA VAL A 48 5.46 -2.93 -3.25
C VAL A 48 4.91 -4.08 -2.38
N ALA A 49 3.67 -4.51 -2.68
CA ALA A 49 2.99 -5.59 -1.95
C ALA A 49 3.61 -6.95 -2.30
N GLU A 50 4.12 -7.07 -3.55
CA GLU A 50 4.86 -8.26 -4.01
C GLU A 50 6.16 -8.42 -3.23
N ALA A 51 6.87 -7.29 -3.04
CA ALA A 51 8.17 -7.24 -2.35
C ALA A 51 8.04 -7.60 -0.85
N LEU A 52 6.89 -7.24 -0.26
CA LEU A 52 6.56 -7.55 1.14
C LEU A 52 6.15 -9.02 1.29
N ALA A 53 5.27 -9.49 0.38
CA ALA A 53 4.76 -10.88 0.36
C ALA A 53 5.85 -11.87 -0.11
N GLY A 54 6.89 -11.32 -0.76
CA GLY A 54 8.05 -12.10 -1.19
C GLY A 54 9.22 -11.95 -0.24
N ASP A 55 9.01 -11.19 0.86
CA ASP A 55 9.94 -11.07 2.00
C ASP A 55 11.27 -10.33 1.61
N ASP A 56 11.25 -9.67 0.44
CA ASP A 56 12.45 -8.99 -0.13
C ASP A 56 12.64 -7.62 0.54
N ARG A 57 13.53 -7.58 1.53
CA ARG A 57 13.86 -6.35 2.27
C ARG A 57 14.74 -5.40 1.45
N GLU A 58 15.52 -5.94 0.48
CA GLU A 58 16.47 -5.15 -0.34
C GLU A 58 15.73 -4.06 -1.14
N LYS A 59 14.63 -4.46 -1.78
CA LYS A 59 13.85 -3.61 -2.69
C LYS A 59 13.13 -2.50 -1.92
N VAL A 60 12.41 -2.90 -0.87
CA VAL A 60 11.65 -1.96 -0.02
C VAL A 60 12.58 -1.01 0.75
N ALA A 61 13.80 -1.48 1.11
CA ALA A 61 14.81 -0.65 1.80
C ALA A 61 15.36 0.42 0.84
N ALA A 62 15.56 0.02 -0.43
CA ALA A 62 15.99 0.93 -1.51
C ALA A 62 14.94 2.03 -1.74
N TRP A 63 13.66 1.63 -1.65
CA TRP A 63 12.50 2.52 -1.80
C TRP A 63 12.34 3.45 -0.58
N LEU A 64 12.70 2.95 0.61
CA LEU A 64 12.70 3.74 1.87
C LEU A 64 13.87 4.75 1.87
N SER A 65 15.00 4.36 1.24
CA SER A 65 16.22 5.19 1.16
C SER A 65 16.14 6.24 0.03
N GLY A 66 15.28 5.98 -0.97
CA GLY A 66 15.12 6.88 -2.12
C GLY A 66 14.54 6.17 -3.32
N GLY A 67 13.24 5.84 -3.24
CA GLY A 67 12.54 5.15 -4.34
C GLY A 67 11.10 5.61 -4.49
N GLY A 68 10.45 5.88 -3.36
CA GLY A 68 9.06 6.36 -3.35
C GLY A 68 8.18 5.59 -2.39
N LEU A 69 8.76 5.05 -1.31
CA LEU A 69 8.02 4.31 -0.28
C LEU A 69 8.53 4.75 1.08
N SER A 70 7.62 5.23 1.92
CA SER A 70 7.89 5.64 3.31
C SER A 70 6.72 5.16 4.19
N LYS A 71 6.73 5.54 5.47
CA LYS A 71 5.60 5.23 6.38
C LYS A 71 4.72 6.47 6.57
N VAL A 72 3.41 6.25 6.79
CA VAL A 72 2.42 7.33 6.94
C VAL A 72 2.45 7.86 8.39
N GLY A 73 3.18 8.96 8.59
CA GLY A 73 3.17 9.67 9.86
C GLY A 73 2.04 10.68 9.93
N GLU A 74 2.01 11.41 11.04
CA GLU A 74 1.02 12.49 11.32
C GLU A 74 0.95 13.55 10.20
N ASP A 75 2.13 13.90 9.65
CA ASP A 75 2.23 14.92 8.60
C ASP A 75 1.69 14.36 7.26
N ALA A 76 2.11 13.12 6.93
CA ALA A 76 1.67 12.40 5.72
C ALA A 76 0.15 12.12 5.74
N ALA A 77 -0.40 11.98 6.94
CA ALA A 77 -1.83 11.70 7.16
C ALA A 77 -2.72 12.87 6.72
N LYS A 78 -2.27 14.11 7.01
CA LYS A 78 -2.97 15.35 6.62
C LYS A 78 -3.09 15.42 5.09
N ASP A 79 -1.98 15.04 4.41
CA ASP A 79 -1.86 15.11 2.94
C ASP A 79 -3.00 14.33 2.26
N PHE A 80 -3.11 13.04 2.60
CA PHE A 80 -4.14 12.12 2.05
C PHE A 80 -5.56 12.56 2.43
N LEU A 81 -5.75 13.03 3.67
CA LEU A 81 -7.06 13.47 4.19
C LEU A 81 -7.58 14.68 3.38
N GLU A 82 -6.66 15.57 2.99
CA GLU A 82 -6.99 16.79 2.24
C GLU A 82 -6.88 16.58 0.72
N ARG A 83 -6.36 15.42 0.29
CA ARG A 83 -6.12 15.12 -1.13
C ARG A 83 -7.41 14.67 -1.86
N ASP A 84 -7.71 13.35 -1.86
CA ASP A 84 -8.85 12.81 -2.63
C ASP A 84 -10.20 12.91 -1.86
N PRO A 85 -10.31 12.50 -0.52
CA PRO A 85 -9.32 11.70 0.27
C PRO A 85 -9.38 10.18 -0.02
N THR A 86 -10.42 9.78 -0.76
CA THR A 86 -10.65 8.40 -1.24
C THR A 86 -9.42 7.86 -1.99
N LEU A 87 -8.74 6.88 -1.40
CA LEU A 87 -7.47 6.36 -1.90
C LEU A 87 -7.53 4.83 -1.89
N TRP A 88 -6.46 4.20 -2.40
CA TRP A 88 -6.32 2.75 -2.41
C TRP A 88 -5.55 2.29 -1.17
N ALA A 89 -5.83 1.06 -0.75
CA ALA A 89 -5.14 0.39 0.36
C ALA A 89 -5.27 -1.12 0.19
N VAL A 90 -4.12 -1.82 0.19
CA VAL A 90 -4.06 -3.29 0.07
C VAL A 90 -3.43 -3.86 1.35
N VAL A 91 -4.19 -4.73 2.02
CA VAL A 91 -3.76 -5.39 3.27
C VAL A 91 -2.83 -6.58 2.95
N VAL A 92 -1.52 -6.34 3.10
CA VAL A 92 -0.46 -7.35 2.93
C VAL A 92 -0.24 -8.07 4.29
N ALA A 93 0.50 -9.20 4.29
CA ALA A 93 0.79 -9.98 5.51
C ALA A 93 1.41 -9.12 6.68
N PRO A 94 2.51 -8.29 6.47
CA PRO A 94 3.09 -7.46 7.55
C PRO A 94 2.20 -6.23 7.89
N TRP A 95 1.87 -5.42 6.88
CA TRP A 95 1.13 -4.15 7.05
C TRP A 95 0.29 -3.82 5.81
N VAL A 96 -0.57 -2.79 5.95
CA VAL A 96 -1.41 -2.27 4.87
C VAL A 96 -0.65 -1.14 4.14
N VAL A 97 -0.55 -1.20 2.81
CA VAL A 97 0.12 -0.15 2.00
C VAL A 97 -0.95 0.66 1.23
N ILE A 98 -0.83 1.99 1.28
CA ILE A 98 -1.81 2.92 0.67
C ILE A 98 -1.21 3.68 -0.51
N GLN A 99 -2.04 3.92 -1.52
CA GLN A 99 -1.69 4.65 -2.74
C GLN A 99 -2.71 5.77 -2.93
N GLU A 100 -2.24 6.99 -3.25
CA GLU A 100 -3.13 8.11 -3.58
C GLU A 100 -3.88 7.80 -4.89
N ARG A 101 -5.20 8.10 -4.96
CA ARG A 101 -6.03 7.76 -6.13
C ARG A 101 -5.73 8.71 -7.32
N ALA A 102 -6.08 10.01 -7.16
CA ALA A 102 -5.79 11.06 -8.17
C ALA A 102 -6.49 10.78 -9.52
N GLU A 103 -7.76 10.32 -9.46
CA GLU A 103 -8.53 9.96 -10.67
C GLU A 103 -8.87 11.22 -11.50
N LYS A 104 -8.84 12.42 -10.83
CA LYS A 104 -9.10 13.75 -11.44
C LYS A 104 -10.54 13.77 -12.04
N ALA A 105 -11.42 13.00 -11.38
CA ALA A 105 -12.80 12.74 -11.82
C ALA A 105 -13.69 12.47 -10.59
N THR A 106 -13.46 13.26 -9.52
CA THR A 106 -14.22 13.19 -8.24
C THR A 106 -15.73 13.47 -8.46
N LEU A 107 -16.03 14.16 -9.58
CA LEU A 107 -17.41 14.41 -10.04
C LEU A 107 -18.18 13.09 -10.25
N HIS A 108 -17.49 12.09 -10.84
CA HIS A 108 -18.04 10.75 -11.15
C HIS A 108 -19.21 10.82 -12.17
N GLY A 1 -11.23 -35.57 -15.86
CA GLY A 1 -10.93 -34.13 -15.95
C GLY A 1 -10.47 -33.57 -14.61
N SER A 2 -9.14 -33.50 -14.39
CA SER A 2 -8.54 -32.96 -13.16
C SER A 2 -7.90 -31.59 -13.47
N HIS A 3 -8.34 -30.54 -12.76
CA HIS A 3 -7.89 -29.15 -13.00
C HIS A 3 -6.84 -28.73 -11.96
N MET A 4 -5.95 -27.80 -12.36
CA MET A 4 -4.86 -27.24 -11.51
C MET A 4 -5.40 -26.14 -10.57
N THR A 5 -4.55 -25.73 -9.61
CA THR A 5 -4.89 -24.69 -8.61
C THR A 5 -4.86 -23.27 -9.24
N GLU A 6 -5.93 -22.94 -9.98
CA GLU A 6 -6.06 -21.68 -10.71
C GLU A 6 -6.58 -20.57 -9.79
N GLN A 7 -5.64 -19.80 -9.20
CA GLN A 7 -5.91 -18.57 -8.42
C GLN A 7 -6.91 -18.78 -7.25
N THR A 8 -7.05 -20.05 -6.82
CA THR A 8 -7.91 -20.43 -5.68
C THR A 8 -7.26 -19.99 -4.35
N SER A 9 -5.96 -19.64 -4.41
CA SER A 9 -5.27 -18.91 -3.36
C SER A 9 -5.85 -17.48 -3.33
N THR A 10 -6.86 -17.28 -2.48
CA THR A 10 -7.73 -16.09 -2.49
C THR A 10 -6.94 -14.79 -2.25
N LEU A 11 -6.16 -14.76 -1.17
CA LEU A 11 -5.40 -13.55 -0.75
C LEU A 11 -4.36 -13.17 -1.83
N TYR A 12 -3.73 -14.21 -2.41
CA TYR A 12 -2.70 -14.06 -3.48
C TYR A 12 -3.33 -13.47 -4.76
N ALA A 13 -4.54 -13.96 -5.09
CA ALA A 13 -5.30 -13.52 -6.27
C ALA A 13 -5.78 -12.06 -6.11
N LYS A 14 -6.08 -11.68 -4.86
CA LYS A 14 -6.55 -10.32 -4.51
C LYS A 14 -5.39 -9.33 -4.43
N LEU A 15 -4.21 -9.82 -4.00
CA LEU A 15 -3.00 -8.98 -3.83
C LEU A 15 -2.50 -8.53 -5.21
N LEU A 16 -2.56 -9.45 -6.19
CA LEU A 16 -2.09 -9.21 -7.58
C LEU A 16 -3.27 -8.95 -8.54
N GLY A 17 -4.42 -8.49 -7.99
CA GLY A 17 -5.61 -8.24 -8.81
C GLY A 17 -6.55 -7.20 -8.19
N GLU A 18 -7.09 -7.54 -7.02
CA GLU A 18 -8.11 -6.72 -6.32
C GLU A 18 -7.46 -5.66 -5.40
N THR A 19 -7.11 -4.49 -5.97
CA THR A 19 -6.69 -3.31 -5.19
C THR A 19 -7.94 -2.72 -4.51
N ALA A 20 -7.99 -2.80 -3.16
CA ALA A 20 -9.21 -2.50 -2.40
C ALA A 20 -9.37 -0.99 -2.19
N VAL A 21 -10.41 -0.43 -2.83
CA VAL A 21 -10.74 0.99 -2.74
C VAL A 21 -11.51 1.23 -1.43
N ILE A 22 -10.85 1.88 -0.47
CA ILE A 22 -11.38 2.05 0.90
C ILE A 22 -11.42 3.54 1.26
N SER A 23 -12.26 3.90 2.24
CA SER A 23 -12.26 5.23 2.86
C SER A 23 -10.96 5.44 3.65
N TRP A 24 -10.34 6.62 3.50
CA TRP A 24 -9.15 7.01 4.27
C TRP A 24 -9.43 6.95 5.79
N ALA A 25 -10.66 7.32 6.19
CA ALA A 25 -11.06 7.42 7.60
C ALA A 25 -10.93 6.06 8.33
N GLU A 26 -11.05 4.94 7.59
CA GLU A 26 -10.89 3.58 8.15
C GLU A 26 -9.41 3.31 8.53
N LEU A 27 -8.50 4.02 7.85
CA LEU A 27 -7.04 3.85 7.98
C LEU A 27 -6.44 4.72 9.10
N GLN A 28 -7.31 5.47 9.82
CA GLN A 28 -6.88 6.34 10.95
C GLN A 28 -6.18 5.55 12.11
N PRO A 29 -6.72 4.38 12.61
CA PRO A 29 -6.01 3.57 13.63
C PRO A 29 -4.71 2.93 13.08
N PHE A 30 -4.67 2.72 11.75
CA PHE A 30 -3.56 2.03 11.08
C PHE A 30 -2.31 2.91 10.98
N PHE A 31 -2.47 4.22 10.62
CA PHE A 31 -1.30 5.14 10.59
C PHE A 31 -0.89 5.50 12.02
N ALA A 32 -1.87 5.51 12.95
CA ALA A 32 -1.66 5.84 14.37
C ALA A 32 -0.68 4.86 15.05
N ARG A 33 -0.81 3.55 14.73
CA ARG A 33 0.10 2.50 15.25
C ARG A 33 1.38 2.37 14.40
N GLY A 34 1.32 2.83 13.13
CA GLY A 34 2.45 2.76 12.20
C GLY A 34 2.42 1.54 11.29
N ALA A 35 1.24 0.94 11.14
CA ALA A 35 1.04 -0.21 10.23
C ALA A 35 0.59 0.26 8.83
N LEU A 36 0.60 1.58 8.59
CA LEU A 36 0.17 2.18 7.30
C LEU A 36 1.39 2.69 6.53
N LEU A 37 1.67 2.08 5.37
CA LEU A 37 2.83 2.41 4.53
C LEU A 37 2.42 3.30 3.33
N GLN A 38 3.14 4.41 3.15
CA GLN A 38 2.91 5.41 2.09
C GLN A 38 3.67 5.05 0.82
N VAL A 39 2.93 4.78 -0.27
CA VAL A 39 3.51 4.64 -1.62
C VAL A 39 3.38 5.97 -2.36
N ASP A 40 4.52 6.48 -2.85
CA ASP A 40 4.57 7.64 -3.74
C ASP A 40 4.09 7.23 -5.14
N ALA A 41 3.50 8.18 -5.86
CA ALA A 41 2.96 7.94 -7.22
C ALA A 41 4.06 7.49 -8.22
N ALA A 42 5.35 7.71 -7.87
CA ALA A 42 6.50 7.19 -8.60
C ALA A 42 6.47 5.64 -8.69
N LEU A 43 6.17 5.00 -7.54
CA LEU A 43 6.12 3.53 -7.43
C LEU A 43 4.76 2.99 -7.89
N ASP A 44 4.48 1.71 -7.59
CA ASP A 44 3.21 1.05 -7.96
C ASP A 44 2.74 0.21 -6.78
N LEU A 45 1.47 0.40 -6.37
CA LEU A 45 0.90 -0.23 -5.17
C LEU A 45 1.03 -1.76 -5.18
N VAL A 46 0.76 -2.38 -6.35
CA VAL A 46 0.73 -3.86 -6.49
C VAL A 46 2.15 -4.45 -6.30
N GLU A 47 3.18 -3.83 -6.92
CA GLU A 47 4.56 -4.35 -6.83
C GLU A 47 5.18 -4.07 -5.45
N VAL A 48 4.73 -3.00 -4.76
CA VAL A 48 5.19 -2.69 -3.39
C VAL A 48 4.59 -3.70 -2.39
N ALA A 49 3.32 -4.04 -2.62
CA ALA A 49 2.59 -5.04 -1.83
C ALA A 49 3.20 -6.44 -2.04
N GLU A 50 3.54 -6.73 -3.30
CA GLU A 50 4.17 -8.00 -3.73
C GLU A 50 5.61 -8.10 -3.20
N ALA A 51 6.25 -6.93 -2.99
CA ALA A 51 7.61 -6.85 -2.42
C ALA A 51 7.61 -7.30 -0.95
N LEU A 52 6.54 -6.95 -0.22
CA LEU A 52 6.36 -7.31 1.20
C LEU A 52 5.80 -8.74 1.34
N ALA A 53 5.00 -9.17 0.33
CA ALA A 53 4.43 -10.53 0.27
C ALA A 53 5.48 -11.55 -0.21
N GLY A 54 6.46 -11.05 -0.98
CA GLY A 54 7.52 -11.87 -1.56
C GLY A 54 8.85 -11.76 -0.83
N ASP A 55 8.87 -10.96 0.28
CA ASP A 55 10.05 -10.79 1.17
C ASP A 55 11.25 -10.13 0.42
N ASP A 56 10.94 -9.34 -0.62
CA ASP A 56 11.94 -8.56 -1.38
C ASP A 56 12.50 -7.41 -0.50
N ARG A 57 13.42 -7.79 0.39
CA ARG A 57 13.91 -6.95 1.50
C ARG A 57 14.79 -5.80 1.01
N GLU A 58 15.64 -6.07 -0.01
CA GLU A 58 16.56 -5.06 -0.58
C GLU A 58 15.80 -4.10 -1.52
N LYS A 59 14.70 -4.59 -2.10
CA LYS A 59 13.80 -3.79 -2.96
C LYS A 59 13.10 -2.70 -2.13
N VAL A 60 12.49 -3.14 -1.01
CA VAL A 60 11.83 -2.27 -0.04
C VAL A 60 12.85 -1.30 0.60
N ALA A 61 14.03 -1.83 0.95
CA ALA A 61 15.13 -1.05 1.57
C ALA A 61 15.64 0.04 0.62
N ALA A 62 15.63 -0.26 -0.70
CA ALA A 62 16.02 0.70 -1.75
C ALA A 62 14.99 1.83 -1.87
N TRP A 63 13.71 1.46 -1.72
CA TRP A 63 12.58 2.40 -1.75
C TRP A 63 12.54 3.29 -0.49
N LEU A 64 13.04 2.75 0.63
CA LEU A 64 13.18 3.51 1.89
C LEU A 64 14.46 4.39 1.86
N SER A 65 15.48 3.92 1.12
CA SER A 65 16.77 4.64 0.99
C SER A 65 16.63 5.85 0.06
N GLY A 66 15.90 5.67 -1.05
CA GLY A 66 15.74 6.70 -2.07
C GLY A 66 14.95 6.21 -3.27
N GLY A 67 13.71 5.73 -3.01
CA GLY A 67 12.82 5.25 -4.05
C GLY A 67 11.49 5.99 -4.02
N GLY A 68 10.65 5.67 -3.01
CA GLY A 68 9.36 6.35 -2.84
C GLY A 68 8.44 5.69 -1.82
N LEU A 69 8.99 4.87 -0.91
CA LEU A 69 8.21 4.15 0.11
C LEU A 69 8.60 4.65 1.50
N SER A 70 7.60 5.04 2.30
CA SER A 70 7.76 5.57 3.64
C SER A 70 6.60 5.10 4.54
N LYS A 71 6.57 5.55 5.79
CA LYS A 71 5.42 5.37 6.71
C LYS A 71 4.49 6.60 6.62
N VAL A 72 3.26 6.49 7.17
CA VAL A 72 2.28 7.60 7.16
C VAL A 72 2.23 8.27 8.56
N GLY A 73 2.91 9.43 8.68
CA GLY A 73 2.86 10.25 9.90
C GLY A 73 1.63 11.16 9.92
N GLU A 74 1.65 12.15 10.83
CA GLU A 74 0.52 13.11 11.00
C GLU A 74 0.38 14.04 9.79
N ASP A 75 1.53 14.50 9.26
CA ASP A 75 1.56 15.43 8.13
C ASP A 75 1.09 14.73 6.84
N ALA A 76 1.53 13.48 6.68
CA ALA A 76 1.12 12.62 5.55
C ALA A 76 -0.36 12.23 5.67
N ALA A 77 -0.85 12.13 6.91
CA ALA A 77 -2.25 11.77 7.20
C ALA A 77 -3.21 12.88 6.77
N LYS A 78 -2.86 14.14 7.11
CA LYS A 78 -3.61 15.33 6.66
C LYS A 78 -3.61 15.39 5.12
N ASP A 79 -2.42 15.12 4.56
CA ASP A 79 -2.14 15.26 3.13
C ASP A 79 -3.01 14.30 2.31
N PHE A 80 -3.02 13.01 2.70
CA PHE A 80 -3.88 11.98 2.05
C PHE A 80 -5.38 12.33 2.13
N LEU A 81 -5.80 12.93 3.26
CA LEU A 81 -7.20 13.39 3.45
C LEU A 81 -7.51 14.58 2.51
N GLU A 82 -6.47 15.34 2.14
CA GLU A 82 -6.59 16.49 1.23
C GLU A 82 -6.28 16.12 -0.25
N ARG A 83 -5.71 14.91 -0.49
CA ARG A 83 -5.35 14.48 -1.87
C ARG A 83 -6.61 14.19 -2.70
N ASP A 84 -7.12 12.94 -2.66
CA ASP A 84 -8.30 12.54 -3.43
C ASP A 84 -9.64 12.83 -2.68
N PRO A 85 -9.88 12.41 -1.36
CA PRO A 85 -8.95 11.61 -0.48
C PRO A 85 -8.97 10.08 -0.70
N THR A 86 -10.01 9.59 -1.41
CA THR A 86 -10.21 8.15 -1.70
C THR A 86 -8.94 7.51 -2.28
N LEU A 87 -8.55 6.35 -1.75
CA LEU A 87 -7.25 5.74 -2.06
C LEU A 87 -7.35 4.21 -2.02
N TRP A 88 -6.41 3.57 -2.71
CA TRP A 88 -6.34 2.12 -2.83
C TRP A 88 -5.43 1.58 -1.72
N ALA A 89 -6.03 0.86 -0.76
CA ALA A 89 -5.29 0.22 0.34
C ALA A 89 -5.33 -1.31 0.15
N VAL A 90 -4.16 -1.93 0.14
CA VAL A 90 -4.01 -3.40 0.08
C VAL A 90 -3.31 -3.86 1.37
N VAL A 91 -4.02 -4.69 2.14
CA VAL A 91 -3.52 -5.18 3.43
C VAL A 91 -2.64 -6.41 3.19
N VAL A 92 -1.33 -6.22 3.32
CA VAL A 92 -0.33 -7.29 3.17
C VAL A 92 -0.15 -7.98 4.55
N ALA A 93 0.44 -9.19 4.55
CA ALA A 93 0.60 -10.02 5.75
C ALA A 93 1.28 -9.30 6.96
N PRO A 94 2.43 -8.52 6.79
CA PRO A 94 3.00 -7.70 7.90
C PRO A 94 2.11 -6.49 8.26
N TRP A 95 1.81 -5.64 7.24
CA TRP A 95 1.10 -4.35 7.42
C TRP A 95 0.31 -3.97 6.15
N VAL A 96 -0.55 -2.94 6.29
CA VAL A 96 -1.37 -2.41 5.17
C VAL A 96 -0.62 -1.26 4.46
N VAL A 97 -0.75 -1.23 3.12
CA VAL A 97 -0.02 -0.30 2.23
C VAL A 97 -1.05 0.48 1.40
N ILE A 98 -0.83 1.81 1.21
CA ILE A 98 -1.79 2.71 0.54
C ILE A 98 -1.12 3.51 -0.58
N GLN A 99 -1.95 3.98 -1.51
CA GLN A 99 -1.58 4.87 -2.61
C GLN A 99 -2.83 5.65 -3.05
N GLU A 100 -2.72 6.97 -3.22
CA GLU A 100 -3.86 7.85 -3.56
C GLU A 100 -4.41 7.55 -4.98
N ARG A 101 -5.72 7.80 -5.17
CA ARG A 101 -6.38 7.69 -6.48
C ARG A 101 -6.17 9.01 -7.28
N ALA A 102 -5.68 10.07 -6.58
CA ALA A 102 -5.48 11.43 -7.15
C ALA A 102 -4.27 11.55 -8.12
N GLU A 103 -3.92 10.45 -8.78
CA GLU A 103 -2.94 10.44 -9.89
C GLU A 103 -3.68 10.66 -11.22
N LYS A 104 -3.59 11.90 -11.74
CA LYS A 104 -4.25 12.30 -13.00
C LYS A 104 -3.56 11.59 -14.18
N ALA A 105 -2.22 11.59 -14.18
CA ALA A 105 -1.40 11.01 -15.26
C ALA A 105 -1.57 9.48 -15.30
N THR A 106 -2.54 9.02 -16.09
CA THR A 106 -2.86 7.59 -16.27
C THR A 106 -2.70 7.22 -17.77
N LEU A 107 -2.01 8.12 -18.51
CA LEU A 107 -1.79 8.02 -19.98
C LEU A 107 -3.15 8.10 -20.72
N HIS A 108 -3.72 9.31 -20.70
CA HIS A 108 -5.01 9.62 -21.35
C HIS A 108 -4.78 9.97 -22.84
N GLY A 1 -6.49 -38.23 3.76
CA GLY A 1 -6.49 -37.62 5.12
C GLY A 1 -6.68 -36.11 5.07
N SER A 2 -5.72 -35.36 5.64
CA SER A 2 -5.74 -33.88 5.65
C SER A 2 -5.51 -33.33 4.24
N HIS A 3 -6.49 -32.57 3.73
CA HIS A 3 -6.42 -31.94 2.39
C HIS A 3 -6.75 -30.44 2.53
N MET A 4 -5.83 -29.57 2.08
CA MET A 4 -6.01 -28.11 2.11
C MET A 4 -7.16 -27.69 1.18
N THR A 5 -7.94 -26.68 1.61
CA THR A 5 -9.04 -26.13 0.82
C THR A 5 -8.52 -25.58 -0.54
N GLU A 6 -9.24 -25.94 -1.63
CA GLU A 6 -8.91 -25.48 -2.99
C GLU A 6 -8.88 -23.94 -3.05
N GLN A 7 -9.85 -23.31 -2.37
CA GLN A 7 -9.88 -21.87 -2.16
C GLN A 7 -9.00 -21.51 -0.96
N THR A 8 -7.72 -21.32 -1.22
CA THR A 8 -6.72 -20.85 -0.25
C THR A 8 -5.92 -19.70 -0.89
N SER A 9 -5.15 -18.98 -0.04
CA SER A 9 -4.32 -17.82 -0.46
C SER A 9 -5.21 -16.68 -1.03
N THR A 10 -6.40 -16.50 -0.41
CA THR A 10 -7.43 -15.55 -0.87
C THR A 10 -6.93 -14.08 -0.76
N LEU A 11 -6.18 -13.79 0.32
CA LEU A 11 -5.57 -12.46 0.55
C LEU A 11 -4.50 -12.20 -0.53
N TYR A 12 -3.70 -13.24 -0.83
CA TYR A 12 -2.61 -13.18 -1.83
C TYR A 12 -3.19 -12.99 -3.25
N ALA A 13 -4.35 -13.63 -3.48
CA ALA A 13 -5.08 -13.59 -4.76
C ALA A 13 -5.65 -12.19 -5.01
N LYS A 14 -6.23 -11.62 -3.94
CA LYS A 14 -6.81 -10.26 -3.96
C LYS A 14 -5.70 -9.21 -4.08
N LEU A 15 -4.56 -9.49 -3.44
CA LEU A 15 -3.36 -8.62 -3.49
C LEU A 15 -2.78 -8.57 -4.91
N LEU A 16 -2.93 -9.68 -5.64
CA LEU A 16 -2.47 -9.84 -7.03
C LEU A 16 -3.66 -9.59 -8.01
N GLY A 17 -4.68 -8.85 -7.56
CA GLY A 17 -5.84 -8.53 -8.40
C GLY A 17 -6.57 -7.29 -7.94
N GLU A 18 -7.45 -7.45 -6.94
CA GLU A 18 -8.35 -6.39 -6.45
C GLU A 18 -7.61 -5.41 -5.53
N THR A 19 -7.30 -4.20 -6.02
CA THR A 19 -6.91 -3.09 -5.17
C THR A 19 -8.17 -2.58 -4.45
N ALA A 20 -8.21 -2.71 -3.10
CA ALA A 20 -9.43 -2.49 -2.33
C ALA A 20 -9.60 -0.98 -2.07
N VAL A 21 -10.63 -0.40 -2.70
CA VAL A 21 -10.99 1.01 -2.51
C VAL A 21 -11.64 1.13 -1.13
N ILE A 22 -11.13 2.03 -0.30
CA ILE A 22 -11.57 2.18 1.10
C ILE A 22 -11.58 3.67 1.49
N SER A 23 -12.32 4.00 2.57
CA SER A 23 -12.28 5.33 3.19
C SER A 23 -10.93 5.52 3.91
N TRP A 24 -10.36 6.72 3.78
CA TRP A 24 -9.13 7.09 4.49
C TRP A 24 -9.33 6.98 6.04
N ALA A 25 -10.54 7.31 6.50
CA ALA A 25 -10.87 7.36 7.94
C ALA A 25 -10.85 5.96 8.61
N GLU A 26 -10.87 4.89 7.79
CA GLU A 26 -10.69 3.50 8.28
C GLU A 26 -9.20 3.20 8.58
N LEU A 27 -8.31 3.95 7.92
CA LEU A 27 -6.84 3.75 7.97
C LEU A 27 -6.18 4.58 9.08
N GLN A 28 -6.99 5.25 9.93
CA GLN A 28 -6.49 6.08 11.05
C GLN A 28 -5.67 5.28 12.09
N PRO A 29 -6.13 4.08 12.61
CA PRO A 29 -5.32 3.26 13.57
C PRO A 29 -4.04 2.70 12.91
N PHE A 30 -4.07 2.55 11.57
CA PHE A 30 -2.94 1.98 10.80
C PHE A 30 -1.77 2.97 10.72
N PHE A 31 -2.03 4.25 10.36
CA PHE A 31 -0.95 5.27 10.30
C PHE A 31 -0.50 5.68 11.72
N ALA A 32 -1.43 5.57 12.70
CA ALA A 32 -1.19 5.96 14.10
C ALA A 32 -0.04 5.17 14.75
N ARG A 33 0.04 3.86 14.42
CA ARG A 33 1.14 2.98 14.87
C ARG A 33 2.31 2.94 13.85
N GLY A 34 2.08 3.53 12.66
CA GLY A 34 3.10 3.57 11.59
C GLY A 34 3.10 2.33 10.70
N ALA A 35 2.01 1.53 10.78
CA ALA A 35 1.83 0.30 9.95
C ALA A 35 1.06 0.63 8.64
N LEU A 36 1.18 1.87 8.19
CA LEU A 36 0.64 2.32 6.89
C LEU A 36 1.82 2.84 6.06
N LEU A 37 1.93 2.35 4.82
CA LEU A 37 3.01 2.74 3.87
C LEU A 37 2.39 3.51 2.69
N GLN A 38 2.95 4.69 2.41
CA GLN A 38 2.65 5.53 1.25
C GLN A 38 3.56 5.14 0.09
N VAL A 39 2.98 4.72 -1.05
CA VAL A 39 3.73 4.50 -2.29
C VAL A 39 3.69 5.77 -3.15
N ASP A 40 4.86 6.20 -3.65
CA ASP A 40 5.00 7.43 -4.45
C ASP A 40 4.67 7.17 -5.93
N ALA A 41 4.46 8.27 -6.69
CA ALA A 41 4.21 8.25 -8.14
C ALA A 41 5.36 7.57 -8.92
N ALA A 42 6.58 7.63 -8.36
CA ALA A 42 7.79 7.00 -8.92
C ALA A 42 7.67 5.46 -8.93
N LEU A 43 7.08 4.91 -7.85
CA LEU A 43 6.94 3.45 -7.66
C LEU A 43 5.56 2.97 -8.15
N ASP A 44 5.14 1.77 -7.72
CA ASP A 44 3.81 1.22 -8.06
C ASP A 44 3.31 0.33 -6.90
N LEU A 45 1.97 0.28 -6.74
CA LEU A 45 1.32 -0.39 -5.59
C LEU A 45 1.59 -1.92 -5.60
N VAL A 46 1.38 -2.60 -6.76
CA VAL A 46 1.41 -4.07 -6.80
C VAL A 46 2.84 -4.61 -6.53
N GLU A 47 3.88 -3.87 -6.96
CA GLU A 47 5.29 -4.30 -6.79
C GLU A 47 5.83 -4.03 -5.38
N VAL A 48 5.35 -2.95 -4.71
CA VAL A 48 5.77 -2.65 -3.31
C VAL A 48 5.09 -3.62 -2.33
N ALA A 49 3.86 -4.02 -2.67
CA ALA A 49 3.07 -5.00 -1.90
C ALA A 49 3.58 -6.43 -2.19
N GLU A 50 4.04 -6.66 -3.44
CA GLU A 50 4.69 -7.92 -3.88
C GLU A 50 6.00 -8.14 -3.10
N ALA A 51 6.72 -7.04 -2.87
CA ALA A 51 8.00 -7.06 -2.14
C ALA A 51 7.81 -7.43 -0.66
N LEU A 52 6.62 -7.13 -0.11
CA LEU A 52 6.27 -7.43 1.29
C LEU A 52 5.82 -8.90 1.44
N ALA A 53 4.84 -9.30 0.61
CA ALA A 53 4.27 -10.68 0.63
C ALA A 53 5.27 -11.72 0.10
N GLY A 54 6.04 -11.28 -0.90
CA GLY A 54 7.09 -12.10 -1.51
C GLY A 54 8.41 -12.03 -0.76
N ASP A 55 8.45 -11.21 0.32
CA ASP A 55 9.57 -11.14 1.30
C ASP A 55 10.88 -10.58 0.67
N ASP A 56 10.70 -9.78 -0.41
CA ASP A 56 11.80 -9.02 -1.03
C ASP A 56 12.11 -7.78 -0.18
N ARG A 57 12.84 -8.02 0.92
CA ARG A 57 13.31 -6.99 1.84
C ARG A 57 14.30 -6.05 1.13
N GLU A 58 15.02 -6.62 0.14
CA GLU A 58 16.00 -5.90 -0.70
C GLU A 58 15.35 -4.69 -1.43
N LYS A 59 14.10 -4.86 -1.90
CA LYS A 59 13.39 -3.82 -2.66
C LYS A 59 12.82 -2.74 -1.71
N VAL A 60 12.08 -3.18 -0.67
CA VAL A 60 11.41 -2.23 0.27
C VAL A 60 12.41 -1.45 1.12
N ALA A 61 13.56 -2.07 1.47
CA ALA A 61 14.62 -1.39 2.27
C ALA A 61 15.26 -0.27 1.44
N ALA A 62 15.46 -0.53 0.13
CA ALA A 62 15.99 0.45 -0.83
C ALA A 62 15.03 1.65 -0.99
N TRP A 63 13.72 1.34 -0.99
CA TRP A 63 12.66 2.33 -1.16
C TRP A 63 12.44 3.18 0.12
N LEU A 64 12.58 2.54 1.30
CA LEU A 64 12.47 3.21 2.61
C LEU A 64 13.74 4.04 2.91
N SER A 65 14.88 3.62 2.32
CA SER A 65 16.16 4.34 2.42
C SER A 65 16.15 5.57 1.50
N GLY A 66 15.52 5.42 0.33
CA GLY A 66 15.44 6.49 -0.66
C GLY A 66 15.02 5.96 -2.01
N GLY A 67 13.71 5.80 -2.20
CA GLY A 67 13.15 5.27 -3.46
C GLY A 67 11.78 5.83 -3.77
N GLY A 68 10.92 5.88 -2.73
CA GLY A 68 9.57 6.44 -2.89
C GLY A 68 8.55 5.85 -1.91
N LEU A 69 8.94 4.79 -1.19
CA LEU A 69 8.04 4.11 -0.23
C LEU A 69 8.46 4.55 1.18
N SER A 70 7.56 5.25 1.86
CA SER A 70 7.78 5.77 3.23
C SER A 70 6.48 5.60 4.01
N LYS A 71 6.59 5.57 5.35
CA LYS A 71 5.41 5.42 6.23
C LYS A 71 4.55 6.68 6.19
N VAL A 72 3.22 6.50 6.26
CA VAL A 72 2.27 7.60 6.33
C VAL A 72 2.32 8.22 7.73
N GLY A 73 3.07 9.32 7.83
CA GLY A 73 3.17 10.07 9.08
C GLY A 73 1.93 10.91 9.36
N GLU A 74 1.96 11.61 10.50
CA GLU A 74 0.84 12.44 10.97
C GLU A 74 0.54 13.62 10.01
N ASP A 75 1.58 14.11 9.31
CA ASP A 75 1.45 15.20 8.32
C ASP A 75 0.93 14.67 6.97
N ALA A 76 1.54 13.57 6.50
CA ALA A 76 1.13 12.88 5.24
C ALA A 76 -0.31 12.36 5.34
N ALA A 77 -0.72 12.06 6.57
CA ALA A 77 -2.07 11.64 6.90
C ALA A 77 -3.11 12.72 6.55
N LYS A 78 -2.78 13.98 6.93
CA LYS A 78 -3.64 15.14 6.64
C LYS A 78 -3.71 15.40 5.13
N ASP A 79 -2.60 15.11 4.43
CA ASP A 79 -2.49 15.27 2.97
C ASP A 79 -3.52 14.38 2.25
N PHE A 80 -3.50 13.07 2.60
CA PHE A 80 -4.46 12.07 2.08
C PHE A 80 -5.92 12.37 2.51
N LEU A 81 -6.07 12.94 3.71
CA LEU A 81 -7.38 13.38 4.24
C LEU A 81 -7.97 14.52 3.36
N GLU A 82 -7.07 15.40 2.90
CA GLU A 82 -7.42 16.55 2.04
C GLU A 82 -7.32 16.20 0.54
N ARG A 83 -6.80 15.00 0.21
CA ARG A 83 -6.50 14.62 -1.19
C ARG A 83 -7.78 14.19 -1.92
N ASP A 84 -8.15 12.90 -1.80
CA ASP A 84 -9.32 12.34 -2.49
C ASP A 84 -10.63 12.55 -1.67
N PRO A 85 -10.76 12.14 -0.35
CA PRO A 85 -9.78 11.30 0.45
C PRO A 85 -9.90 9.78 0.19
N THR A 86 -11.02 9.37 -0.43
CA THR A 86 -11.27 7.96 -0.81
C THR A 86 -10.18 7.44 -1.79
N LEU A 87 -9.38 6.50 -1.31
CA LEU A 87 -8.18 6.03 -2.00
C LEU A 87 -8.13 4.50 -1.99
N TRP A 88 -7.04 3.94 -2.55
CA TRP A 88 -6.84 2.48 -2.61
C TRP A 88 -5.90 2.08 -1.47
N ALA A 89 -6.22 0.95 -0.83
CA ALA A 89 -5.44 0.37 0.26
C ALA A 89 -5.51 -1.15 0.20
N VAL A 90 -4.34 -1.80 0.22
CA VAL A 90 -4.24 -3.27 0.21
C VAL A 90 -3.55 -3.73 1.51
N VAL A 91 -4.28 -4.52 2.31
CA VAL A 91 -3.78 -5.02 3.59
C VAL A 91 -2.89 -6.24 3.33
N VAL A 92 -1.57 -5.99 3.28
CA VAL A 92 -0.54 -7.03 3.06
C VAL A 92 -0.22 -7.69 4.42
N ALA A 93 0.38 -8.90 4.38
CA ALA A 93 0.69 -9.72 5.59
C ALA A 93 1.41 -8.94 6.73
N PRO A 94 2.53 -8.14 6.46
CA PRO A 94 3.12 -7.26 7.50
C PRO A 94 2.24 -6.02 7.80
N TRP A 95 1.96 -5.19 6.77
CA TRP A 95 1.23 -3.92 6.92
C TRP A 95 0.45 -3.55 5.63
N VAL A 96 -0.38 -2.51 5.73
CA VAL A 96 -1.20 -2.00 4.60
C VAL A 96 -0.41 -0.90 3.84
N VAL A 97 -0.58 -0.87 2.50
CA VAL A 97 0.01 0.16 1.60
C VAL A 97 -1.13 0.87 0.83
N ILE A 98 -1.00 2.21 0.63
CA ILE A 98 -2.01 3.03 -0.06
C ILE A 98 -1.45 3.71 -1.30
N GLN A 99 -2.36 3.98 -2.24
CA GLN A 99 -2.12 4.68 -3.51
C GLN A 99 -3.40 5.47 -3.81
N GLU A 100 -3.28 6.79 -4.00
CA GLU A 100 -4.45 7.67 -4.16
C GLU A 100 -5.18 7.40 -5.49
N ARG A 101 -6.52 7.30 -5.42
CA ARG A 101 -7.40 7.04 -6.56
C ARG A 101 -7.29 8.21 -7.57
N ALA A 102 -7.63 9.43 -7.11
CA ALA A 102 -7.42 10.71 -7.84
C ALA A 102 -8.08 10.76 -9.23
N GLU A 103 -9.28 10.16 -9.35
CA GLU A 103 -10.09 10.26 -10.59
C GLU A 103 -10.67 11.69 -10.70
N LYS A 104 -10.98 12.28 -9.52
CA LYS A 104 -11.48 13.68 -9.40
C LYS A 104 -10.36 14.72 -9.56
N ALA A 105 -9.13 14.22 -9.84
CA ALA A 105 -7.99 15.04 -10.30
C ALA A 105 -7.88 14.96 -11.85
N THR A 106 -8.98 14.50 -12.48
CA THR A 106 -9.12 14.25 -13.94
C THR A 106 -8.00 13.32 -14.50
N LEU A 107 -7.47 12.46 -13.60
CA LEU A 107 -6.46 11.45 -13.94
C LEU A 107 -7.21 10.15 -14.32
N HIS A 108 -7.08 9.73 -15.58
CA HIS A 108 -7.75 8.53 -16.10
C HIS A 108 -6.99 8.03 -17.35
N GLY A 1 6.59 -29.79 3.25
CA GLY A 1 6.92 -30.98 2.43
C GLY A 1 6.38 -30.87 1.01
N SER A 2 6.93 -31.70 0.11
CA SER A 2 6.54 -31.74 -1.32
C SER A 2 5.12 -32.33 -1.48
N HIS A 3 4.86 -33.41 -0.73
CA HIS A 3 3.57 -34.14 -0.78
C HIS A 3 2.62 -33.61 0.31
N MET A 4 2.59 -32.26 0.45
CA MET A 4 1.71 -31.54 1.39
C MET A 4 0.92 -30.48 0.60
N THR A 5 -0.33 -30.22 1.02
CA THR A 5 -1.23 -29.24 0.39
C THR A 5 -2.18 -28.69 1.45
N GLU A 6 -1.85 -27.50 1.96
CA GLU A 6 -2.60 -26.82 3.04
C GLU A 6 -3.46 -25.69 2.46
N GLN A 7 -4.15 -24.96 3.36
CA GLN A 7 -5.00 -23.82 3.01
C GLN A 7 -4.16 -22.68 2.38
N THR A 8 -4.54 -22.28 1.16
CA THR A 8 -3.89 -21.18 0.44
C THR A 8 -4.18 -19.86 1.17
N SER A 9 -3.11 -19.04 1.35
CA SER A 9 -3.18 -17.73 2.01
C SER A 9 -4.22 -16.83 1.31
N THR A 10 -5.40 -16.71 1.95
CA THR A 10 -6.52 -15.90 1.45
C THR A 10 -6.19 -14.41 1.54
N LEU A 11 -5.33 -14.05 2.51
CA LEU A 11 -4.82 -12.68 2.67
C LEU A 11 -3.96 -12.31 1.44
N TYR A 12 -3.10 -13.26 1.01
CA TYR A 12 -2.26 -13.07 -0.19
C TYR A 12 -3.12 -13.17 -1.47
N ALA A 13 -4.24 -13.90 -1.41
CA ALA A 13 -5.18 -14.01 -2.54
C ALA A 13 -5.89 -12.66 -2.81
N LYS A 14 -6.21 -11.95 -1.73
CA LYS A 14 -6.83 -10.60 -1.80
C LYS A 14 -5.77 -9.55 -2.20
N LEU A 15 -4.51 -9.80 -1.81
CA LEU A 15 -3.34 -9.00 -2.21
C LEU A 15 -3.05 -9.19 -3.72
N LEU A 16 -3.26 -10.44 -4.19
CA LEU A 16 -3.13 -10.82 -5.60
C LEU A 16 -4.33 -10.26 -6.42
N GLY A 17 -5.43 -9.96 -5.70
CA GLY A 17 -6.63 -9.35 -6.27
C GLY A 17 -6.51 -7.82 -6.45
N GLU A 18 -5.27 -7.35 -6.73
CA GLU A 18 -4.96 -5.95 -7.12
C GLU A 18 -5.24 -4.98 -5.94
N THR A 19 -5.83 -3.79 -6.21
CA THR A 19 -6.01 -2.72 -5.20
C THR A 19 -7.48 -2.58 -4.78
N ALA A 20 -7.71 -2.45 -3.45
CA ALA A 20 -9.05 -2.28 -2.86
C ALA A 20 -9.29 -0.81 -2.51
N VAL A 21 -10.42 -0.26 -2.99
CA VAL A 21 -10.80 1.14 -2.75
C VAL A 21 -11.51 1.26 -1.39
N ILE A 22 -11.05 2.21 -0.55
CA ILE A 22 -11.63 2.46 0.79
C ILE A 22 -11.44 3.96 1.16
N SER A 23 -12.19 4.44 2.17
CA SER A 23 -12.00 5.79 2.72
C SER A 23 -10.76 5.87 3.63
N TRP A 24 -10.17 7.06 3.71
CA TRP A 24 -9.00 7.33 4.55
C TRP A 24 -9.33 7.19 6.05
N ALA A 25 -10.54 7.61 6.45
CA ALA A 25 -10.94 7.70 7.88
C ALA A 25 -10.95 6.32 8.58
N GLU A 26 -11.02 5.26 7.77
CA GLU A 26 -10.95 3.86 8.24
C GLU A 26 -9.51 3.46 8.59
N LEU A 27 -8.56 4.11 7.88
CA LEU A 27 -7.13 3.81 7.95
C LEU A 27 -6.41 4.63 9.04
N GLN A 28 -7.11 5.60 9.65
CA GLN A 28 -6.52 6.48 10.69
C GLN A 28 -5.98 5.71 11.94
N PRO A 29 -6.68 4.64 12.49
CA PRO A 29 -6.09 3.75 13.54
C PRO A 29 -4.83 2.99 13.06
N PHE A 30 -4.75 2.73 11.74
CA PHE A 30 -3.62 2.01 11.11
C PHE A 30 -2.41 2.96 10.94
N PHE A 31 -2.67 4.25 10.67
CA PHE A 31 -1.59 5.28 10.63
C PHE A 31 -1.08 5.53 12.06
N ALA A 32 -2.01 5.48 13.04
CA ALA A 32 -1.70 5.73 14.47
C ALA A 32 -0.61 4.76 14.98
N ARG A 33 -0.81 3.46 14.69
CA ARG A 33 0.15 2.40 15.03
C ARG A 33 1.34 2.36 14.04
N GLY A 34 1.13 2.88 12.82
CA GLY A 34 2.17 2.93 11.78
C GLY A 34 2.10 1.78 10.78
N ALA A 35 0.99 1.02 10.80
CA ALA A 35 0.76 -0.12 9.87
C ALA A 35 0.45 0.35 8.44
N LEU A 36 0.33 1.66 8.22
CA LEU A 36 0.11 2.22 6.88
C LEU A 36 1.46 2.56 6.25
N LEU A 37 1.65 2.07 5.02
CA LEU A 37 2.82 2.39 4.18
C LEU A 37 2.38 3.24 2.99
N GLN A 38 2.97 4.43 2.87
CA GLN A 38 2.74 5.35 1.75
C GLN A 38 3.69 4.98 0.61
N VAL A 39 3.12 4.42 -0.46
CA VAL A 39 3.86 4.18 -1.70
C VAL A 39 3.59 5.36 -2.66
N ASP A 40 4.68 6.02 -3.09
CA ASP A 40 4.60 7.21 -3.97
C ASP A 40 3.90 6.87 -5.29
N ALA A 41 3.19 7.87 -5.85
CA ALA A 41 2.40 7.70 -7.08
C ALA A 41 3.28 7.34 -8.30
N ALA A 42 4.60 7.69 -8.25
CA ALA A 42 5.58 7.32 -9.30
C ALA A 42 5.99 5.83 -9.19
N LEU A 43 5.83 5.25 -7.99
CA LEU A 43 5.90 3.78 -7.79
C LEU A 43 4.49 3.20 -8.03
N ASP A 44 4.27 1.92 -7.67
CA ASP A 44 2.96 1.28 -7.79
C ASP A 44 2.68 0.48 -6.51
N LEU A 45 1.39 0.36 -6.14
CA LEU A 45 1.01 -0.28 -4.86
C LEU A 45 1.30 -1.79 -4.88
N VAL A 46 0.79 -2.50 -5.89
CA VAL A 46 0.82 -3.98 -5.91
C VAL A 46 2.25 -4.51 -6.14
N GLU A 47 3.13 -3.71 -6.81
CA GLU A 47 4.55 -4.10 -7.01
C GLU A 47 5.35 -4.06 -5.68
N VAL A 48 5.13 -3.00 -4.87
CA VAL A 48 5.86 -2.83 -3.58
C VAL A 48 5.32 -3.82 -2.55
N ALA A 49 4.02 -4.13 -2.69
CA ALA A 49 3.30 -5.08 -1.83
C ALA A 49 3.67 -6.52 -2.17
N GLU A 50 4.06 -6.75 -3.45
CA GLU A 50 4.56 -8.06 -3.91
C GLU A 50 5.98 -8.32 -3.37
N ALA A 51 6.79 -7.25 -3.30
CA ALA A 51 8.12 -7.29 -2.68
C ALA A 51 7.98 -7.69 -1.20
N LEU A 52 7.03 -7.04 -0.50
CA LEU A 52 6.68 -7.35 0.90
C LEU A 52 6.15 -8.79 1.05
N ALA A 53 5.39 -9.26 0.03
CA ALA A 53 4.78 -10.61 0.02
C ALA A 53 5.86 -11.71 -0.11
N GLY A 54 6.92 -11.38 -0.85
CA GLY A 54 8.06 -12.29 -1.04
C GLY A 54 9.14 -12.14 0.03
N ASP A 55 8.87 -11.26 1.02
CA ASP A 55 9.81 -10.89 2.12
C ASP A 55 11.10 -10.24 1.54
N ASP A 56 10.97 -9.73 0.30
CA ASP A 56 12.04 -9.03 -0.42
C ASP A 56 12.19 -7.61 0.16
N ARG A 57 13.13 -7.46 1.10
CA ARG A 57 13.45 -6.17 1.72
C ARG A 57 14.28 -5.29 0.75
N GLU A 58 14.86 -5.91 -0.31
CA GLU A 58 15.82 -5.25 -1.21
C GLU A 58 15.17 -4.07 -1.96
N LYS A 59 13.94 -4.28 -2.46
CA LYS A 59 13.16 -3.23 -3.14
C LYS A 59 12.67 -2.18 -2.12
N VAL A 60 12.05 -2.70 -1.04
CA VAL A 60 11.37 -1.92 -0.01
C VAL A 60 12.33 -0.91 0.66
N ALA A 61 13.43 -1.43 1.20
CA ALA A 61 14.44 -0.65 1.95
C ALA A 61 15.19 0.34 1.05
N ALA A 62 15.26 0.04 -0.27
CA ALA A 62 15.84 0.98 -1.27
C ALA A 62 14.94 2.22 -1.41
N TRP A 63 13.62 1.97 -1.45
CA TRP A 63 12.60 3.02 -1.52
C TRP A 63 12.42 3.74 -0.16
N LEU A 64 12.69 3.03 0.95
CA LEU A 64 12.64 3.59 2.33
C LEU A 64 13.86 4.49 2.57
N SER A 65 14.99 4.14 1.94
CA SER A 65 16.23 4.95 2.00
C SER A 65 16.05 6.22 1.15
N GLY A 66 15.43 6.04 -0.03
CA GLY A 66 15.13 7.15 -0.94
C GLY A 66 14.63 6.64 -2.27
N GLY A 67 13.30 6.48 -2.38
CA GLY A 67 12.68 6.00 -3.61
C GLY A 67 11.20 6.35 -3.72
N GLY A 68 10.52 6.53 -2.57
CA GLY A 68 9.13 6.98 -2.57
C GLY A 68 8.21 6.17 -1.65
N LEU A 69 8.71 5.06 -1.09
CA LEU A 69 7.95 4.23 -0.15
C LEU A 69 8.47 4.54 1.26
N SER A 70 7.54 4.92 2.13
CA SER A 70 7.80 5.30 3.52
C SER A 70 6.53 5.01 4.32
N LYS A 71 6.65 5.00 5.65
CA LYS A 71 5.50 4.83 6.56
C LYS A 71 4.68 6.12 6.61
N VAL A 72 3.37 5.99 6.86
CA VAL A 72 2.45 7.14 6.92
C VAL A 72 2.52 7.80 8.30
N GLY A 73 3.24 8.92 8.36
CA GLY A 73 3.31 9.75 9.55
C GLY A 73 2.17 10.77 9.60
N GLU A 74 2.32 11.78 10.44
CA GLU A 74 1.30 12.82 10.68
C GLU A 74 1.15 13.74 9.44
N ASP A 75 2.29 13.99 8.76
CA ASP A 75 2.32 14.76 7.50
C ASP A 75 1.63 13.97 6.38
N ALA A 76 2.03 12.70 6.24
CA ALA A 76 1.49 11.78 5.23
C ALA A 76 -0.01 11.51 5.45
N ALA A 77 -0.44 11.61 6.71
CA ALA A 77 -1.85 11.47 7.12
C ALA A 77 -2.72 12.56 6.47
N LYS A 78 -2.31 13.82 6.69
CA LYS A 78 -3.00 15.01 6.12
C LYS A 78 -2.84 15.07 4.60
N ASP A 79 -1.72 14.50 4.09
CA ASP A 79 -1.39 14.47 2.66
C ASP A 79 -2.49 13.76 1.87
N PHE A 80 -2.78 12.51 2.26
CA PHE A 80 -3.86 11.68 1.66
C PHE A 80 -5.25 12.25 1.94
N LEU A 81 -5.43 12.79 3.15
CA LEU A 81 -6.72 13.36 3.61
C LEU A 81 -7.13 14.58 2.73
N GLU A 82 -6.14 15.36 2.29
CA GLU A 82 -6.37 16.52 1.42
C GLU A 82 -6.17 16.16 -0.07
N ARG A 83 -5.66 14.95 -0.36
CA ARG A 83 -5.35 14.49 -1.73
C ARG A 83 -6.65 14.14 -2.48
N ASP A 84 -7.13 12.88 -2.39
CA ASP A 84 -8.33 12.43 -3.12
C ASP A 84 -9.66 12.76 -2.36
N PRO A 85 -9.89 12.35 -1.04
CA PRO A 85 -8.99 11.54 -0.17
C PRO A 85 -9.13 9.99 -0.34
N THR A 86 -10.21 9.55 -0.99
CA THR A 86 -10.52 8.13 -1.23
C THR A 86 -9.36 7.43 -1.98
N LEU A 87 -8.81 6.39 -1.37
CA LEU A 87 -7.54 5.82 -1.81
C LEU A 87 -7.58 4.30 -1.78
N TRP A 88 -6.60 3.69 -2.42
CA TRP A 88 -6.45 2.25 -2.52
C TRP A 88 -5.63 1.75 -1.32
N ALA A 89 -6.24 0.93 -0.47
CA ALA A 89 -5.57 0.28 0.67
C ALA A 89 -5.64 -1.24 0.49
N VAL A 90 -4.47 -1.89 0.49
CA VAL A 90 -4.36 -3.35 0.31
C VAL A 90 -3.54 -3.92 1.47
N VAL A 91 -4.14 -4.85 2.21
CA VAL A 91 -3.52 -5.42 3.41
C VAL A 91 -2.53 -6.53 3.02
N VAL A 92 -1.23 -6.25 3.20
CA VAL A 92 -0.15 -7.25 3.04
C VAL A 92 0.02 -7.96 4.41
N ALA A 93 0.68 -9.15 4.41
CA ALA A 93 0.83 -9.98 5.61
C ALA A 93 1.46 -9.22 6.84
N PRO A 94 2.58 -8.40 6.69
CA PRO A 94 3.11 -7.59 7.82
C PRO A 94 2.22 -6.35 8.11
N TRP A 95 1.93 -5.55 7.05
CA TRP A 95 1.21 -4.26 7.18
C TRP A 95 0.38 -3.95 5.93
N VAL A 96 -0.45 -2.89 6.01
CA VAL A 96 -1.32 -2.44 4.90
C VAL A 96 -0.66 -1.25 4.16
N VAL A 97 -0.56 -1.36 2.82
CA VAL A 97 0.06 -0.34 1.95
C VAL A 97 -1.04 0.43 1.20
N ILE A 98 -0.86 1.76 1.07
CA ILE A 98 -1.86 2.67 0.51
C ILE A 98 -1.25 3.60 -0.56
N GLN A 99 -2.07 3.95 -1.56
CA GLN A 99 -1.72 4.91 -2.62
C GLN A 99 -3.01 5.61 -3.05
N GLU A 100 -2.93 6.93 -3.27
CA GLU A 100 -4.10 7.75 -3.63
C GLU A 100 -4.65 7.39 -5.02
N ARG A 101 -5.96 7.58 -5.19
CA ARG A 101 -6.62 7.49 -6.50
C ARG A 101 -6.30 8.75 -7.35
N ALA A 102 -6.19 9.91 -6.67
CA ALA A 102 -5.87 11.20 -7.30
C ALA A 102 -4.45 11.23 -7.90
N GLU A 103 -4.29 10.74 -9.14
CA GLU A 103 -3.05 10.89 -9.93
C GLU A 103 -3.37 11.41 -11.35
N LYS A 104 -3.12 12.72 -11.56
CA LYS A 104 -3.24 13.41 -12.87
C LYS A 104 -4.63 13.22 -13.52
N ALA A 105 -5.63 13.08 -12.64
CA ALA A 105 -7.02 12.69 -13.00
C ALA A 105 -7.04 11.37 -13.79
N THR A 106 -6.80 10.25 -13.07
CA THR A 106 -6.79 8.88 -13.64
C THR A 106 -8.13 8.56 -14.34
N LEU A 107 -9.23 8.87 -13.64
CA LEU A 107 -10.59 8.69 -14.17
C LEU A 107 -10.95 9.85 -15.13
N HIS A 108 -10.52 11.07 -14.72
CA HIS A 108 -10.70 12.32 -15.49
C HIS A 108 -12.22 12.59 -15.72
N GLY A 1 2.08 -12.43 -12.90
CA GLY A 1 1.47 -13.47 -13.75
C GLY A 1 0.57 -12.88 -14.82
N SER A 2 1.04 -11.80 -15.48
CA SER A 2 0.28 -11.09 -16.53
C SER A 2 0.49 -11.75 -17.92
N HIS A 3 1.61 -12.47 -18.07
CA HIS A 3 1.97 -13.18 -19.33
C HIS A 3 1.03 -14.37 -19.55
N MET A 4 0.64 -15.01 -18.43
CA MET A 4 -0.24 -16.18 -18.42
C MET A 4 -0.88 -16.31 -17.03
N THR A 5 -2.19 -16.05 -16.94
CA THR A 5 -2.97 -16.14 -15.69
C THR A 5 -3.64 -17.54 -15.59
N GLU A 6 -2.84 -18.59 -15.87
CA GLU A 6 -3.28 -19.99 -15.78
C GLU A 6 -3.45 -20.36 -14.30
N GLN A 7 -4.67 -20.16 -13.79
CA GLN A 7 -5.10 -20.52 -12.42
C GLN A 7 -4.09 -20.01 -11.36
N THR A 8 -3.99 -18.68 -11.28
CA THR A 8 -3.13 -17.98 -10.30
C THR A 8 -3.73 -18.10 -8.88
N SER A 9 -2.91 -17.84 -7.85
CA SER A 9 -3.34 -17.93 -6.43
C SER A 9 -4.45 -16.91 -6.12
N THR A 10 -5.23 -17.22 -5.07
CA THR A 10 -6.44 -16.46 -4.68
C THR A 10 -6.18 -14.95 -4.50
N LEU A 11 -5.23 -14.60 -3.62
CA LEU A 11 -4.86 -13.19 -3.37
C LEU A 11 -3.95 -12.67 -4.50
N TYR A 12 -3.18 -13.55 -5.14
CA TYR A 12 -2.22 -13.16 -6.21
C TYR A 12 -2.96 -12.56 -7.43
N ALA A 13 -4.09 -13.18 -7.79
CA ALA A 13 -4.93 -12.75 -8.91
C ALA A 13 -5.50 -11.34 -8.68
N LYS A 14 -5.96 -11.11 -7.44
CA LYS A 14 -6.61 -9.87 -7.04
C LYS A 14 -5.60 -8.73 -6.79
N LEU A 15 -4.51 -9.02 -6.06
CA LEU A 15 -3.44 -8.03 -5.75
C LEU A 15 -2.81 -7.52 -7.06
N LEU A 16 -2.52 -8.46 -7.99
CA LEU A 16 -1.97 -8.13 -9.32
C LEU A 16 -3.10 -7.88 -10.34
N GLY A 17 -4.10 -7.11 -9.91
CA GLY A 17 -5.21 -6.69 -10.75
C GLY A 17 -6.06 -5.64 -10.06
N GLU A 18 -6.95 -6.11 -9.19
CA GLU A 18 -7.93 -5.29 -8.46
C GLU A 18 -7.37 -4.85 -7.08
N THR A 19 -6.76 -3.65 -7.01
CA THR A 19 -6.37 -3.03 -5.73
C THR A 19 -7.63 -2.54 -5.01
N ALA A 20 -7.67 -2.63 -3.67
CA ALA A 20 -8.87 -2.30 -2.89
C ALA A 20 -8.91 -0.77 -2.67
N VAL A 21 -9.88 -0.11 -3.32
CA VAL A 21 -10.09 1.33 -3.24
C VAL A 21 -11.00 1.60 -2.03
N ILE A 22 -10.47 2.29 -1.00
CA ILE A 22 -11.17 2.52 0.28
C ILE A 22 -10.98 3.98 0.73
N SER A 23 -11.80 4.42 1.70
CA SER A 23 -11.69 5.76 2.31
C SER A 23 -10.52 5.81 3.31
N TRP A 24 -9.89 7.01 3.42
CA TRP A 24 -8.78 7.26 4.37
C TRP A 24 -9.21 7.02 5.83
N ALA A 25 -10.48 7.31 6.15
CA ALA A 25 -10.97 7.28 7.54
C ALA A 25 -10.84 5.88 8.18
N GLU A 26 -10.86 4.86 7.32
CA GLU A 26 -10.70 3.46 7.73
C GLU A 26 -9.22 3.13 8.02
N LEU A 27 -8.30 3.93 7.45
CA LEU A 27 -6.83 3.78 7.59
C LEU A 27 -6.27 4.56 8.79
N GLN A 28 -7.13 5.31 9.49
CA GLN A 28 -6.75 6.10 10.69
C GLN A 28 -6.23 5.21 11.86
N PRO A 29 -6.86 4.02 12.22
CA PRO A 29 -6.30 3.10 13.24
C PRO A 29 -4.96 2.47 12.82
N PHE A 30 -4.72 2.40 11.49
CA PHE A 30 -3.48 1.85 10.91
C PHE A 30 -2.34 2.88 11.05
N PHE A 31 -2.67 4.15 10.73
CA PHE A 31 -1.74 5.30 10.88
C PHE A 31 -1.45 5.57 12.37
N ALA A 32 -2.44 5.31 13.24
CA ALA A 32 -2.33 5.56 14.69
C ALA A 32 -1.18 4.75 15.30
N ARG A 33 -1.07 3.48 14.89
CA ARG A 33 0.04 2.58 15.28
C ARG A 33 1.25 2.69 14.34
N GLY A 34 1.06 3.35 13.18
CA GLY A 34 2.14 3.57 12.21
C GLY A 34 2.39 2.37 11.30
N ALA A 35 1.40 1.47 11.20
CA ALA A 35 1.44 0.29 10.32
C ALA A 35 0.95 0.64 8.89
N LEU A 36 0.96 1.93 8.55
CA LEU A 36 0.43 2.46 7.29
C LEU A 36 1.60 3.02 6.46
N LEU A 37 1.97 2.27 5.42
CA LEU A 37 3.09 2.62 4.51
C LEU A 37 2.53 3.29 3.24
N GLN A 38 3.07 4.44 2.87
CA GLN A 38 2.76 5.11 1.59
C GLN A 38 3.79 4.69 0.53
N VAL A 39 3.31 4.19 -0.61
CA VAL A 39 4.14 4.03 -1.81
C VAL A 39 3.94 5.27 -2.71
N ASP A 40 5.01 5.62 -3.44
CA ASP A 40 5.04 6.79 -4.32
C ASP A 40 4.23 6.51 -5.60
N ALA A 41 3.67 7.57 -6.19
CA ALA A 41 2.80 7.50 -7.36
C ALA A 41 3.57 7.08 -8.64
N ALA A 42 4.90 7.33 -8.67
CA ALA A 42 5.78 6.89 -9.78
C ALA A 42 6.16 5.40 -9.63
N LEU A 43 6.10 4.88 -8.39
CA LEU A 43 6.19 3.43 -8.13
C LEU A 43 4.80 2.79 -8.31
N ASP A 44 4.66 1.50 -7.96
CA ASP A 44 3.41 0.78 -8.20
C ASP A 44 3.00 0.02 -6.93
N LEU A 45 1.79 0.29 -6.45
CA LEU A 45 1.23 -0.29 -5.21
C LEU A 45 1.34 -1.83 -5.18
N VAL A 46 1.10 -2.45 -6.35
CA VAL A 46 1.04 -3.91 -6.50
C VAL A 46 2.43 -4.54 -6.29
N GLU A 47 3.45 -4.07 -7.04
CA GLU A 47 4.80 -4.68 -7.03
C GLU A 47 5.50 -4.48 -5.68
N VAL A 48 5.18 -3.37 -5.01
CA VAL A 48 5.73 -3.02 -3.69
C VAL A 48 5.09 -3.88 -2.59
N ALA A 49 3.76 -4.06 -2.69
CA ALA A 49 2.99 -4.94 -1.80
C ALA A 49 3.38 -6.41 -2.02
N GLU A 50 3.77 -6.74 -3.26
CA GLU A 50 4.20 -8.10 -3.66
C GLU A 50 5.65 -8.36 -3.18
N ALA A 51 6.46 -7.30 -3.10
CA ALA A 51 7.83 -7.39 -2.56
C ALA A 51 7.78 -7.61 -1.03
N LEU A 52 6.79 -6.98 -0.36
CA LEU A 52 6.55 -7.12 1.08
C LEU A 52 5.89 -8.48 1.42
N ALA A 53 4.98 -8.93 0.55
CA ALA A 53 4.32 -10.24 0.69
C ALA A 53 5.29 -11.39 0.38
N GLY A 54 6.17 -11.11 -0.60
CA GLY A 54 7.20 -12.05 -1.06
C GLY A 54 8.47 -12.01 -0.22
N ASP A 55 8.46 -11.15 0.82
CA ASP A 55 9.51 -11.07 1.87
C ASP A 55 10.85 -10.51 1.30
N ASP A 56 10.82 -9.98 0.06
CA ASP A 56 12.02 -9.43 -0.58
C ASP A 56 12.36 -8.06 0.02
N ARG A 57 13.38 -8.06 0.87
CA ARG A 57 13.87 -6.87 1.58
C ARG A 57 14.67 -5.95 0.65
N GLU A 58 15.22 -6.50 -0.44
CA GLU A 58 16.13 -5.77 -1.36
C GLU A 58 15.42 -4.61 -2.08
N LYS A 59 14.21 -4.87 -2.62
CA LYS A 59 13.41 -3.85 -3.31
C LYS A 59 12.97 -2.74 -2.35
N VAL A 60 12.36 -3.16 -1.25
CA VAL A 60 11.69 -2.27 -0.30
C VAL A 60 12.69 -1.44 0.52
N ALA A 61 13.88 -2.00 0.81
CA ALA A 61 14.97 -1.28 1.54
C ALA A 61 15.58 -0.22 0.64
N ALA A 62 15.65 -0.51 -0.68
CA ALA A 62 16.10 0.46 -1.69
C ALA A 62 15.12 1.64 -1.77
N TRP A 63 13.82 1.31 -1.70
CA TRP A 63 12.74 2.30 -1.72
C TRP A 63 12.61 3.06 -0.36
N LEU A 64 13.07 2.42 0.73
CA LEU A 64 13.10 3.05 2.09
C LEU A 64 14.29 4.02 2.23
N SER A 65 15.42 3.66 1.60
CA SER A 65 16.66 4.46 1.67
C SER A 65 16.63 5.63 0.65
N GLY A 66 15.79 5.49 -0.38
CA GLY A 66 15.63 6.52 -1.41
C GLY A 66 15.11 5.93 -2.71
N GLY A 67 13.77 5.79 -2.78
CA GLY A 67 13.12 5.23 -3.96
C GLY A 67 11.64 5.61 -4.05
N GLY A 68 10.99 5.70 -2.89
CA GLY A 68 9.60 6.19 -2.81
C GLY A 68 8.68 5.28 -1.99
N LEU A 69 9.21 4.70 -0.91
CA LEU A 69 8.38 3.94 0.04
C LEU A 69 8.70 4.44 1.45
N SER A 70 7.67 5.00 2.10
CA SER A 70 7.77 5.65 3.39
C SER A 70 6.54 5.31 4.24
N LYS A 71 6.44 5.91 5.43
CA LYS A 71 5.35 5.68 6.38
C LYS A 71 4.54 6.99 6.53
N VAL A 72 3.25 6.84 6.81
CA VAL A 72 2.32 7.97 6.92
C VAL A 72 2.37 8.60 8.32
N GLY A 73 3.14 9.70 8.42
CA GLY A 73 3.13 10.57 9.61
C GLY A 73 1.95 11.53 9.58
N GLU A 74 1.96 12.56 10.45
CA GLU A 74 0.82 13.47 10.59
C GLU A 74 0.67 14.38 9.35
N ASP A 75 1.79 14.87 8.78
CA ASP A 75 1.75 15.74 7.59
C ASP A 75 1.13 14.99 6.39
N ALA A 76 1.50 13.71 6.26
CA ALA A 76 0.97 12.82 5.21
C ALA A 76 -0.48 12.42 5.52
N ALA A 77 -0.82 12.30 6.82
CA ALA A 77 -2.17 11.88 7.27
C ALA A 77 -3.22 12.94 6.96
N LYS A 78 -2.91 14.18 7.35
CA LYS A 78 -3.79 15.35 7.14
C LYS A 78 -3.89 15.64 5.63
N ASP A 79 -2.81 15.30 4.89
CA ASP A 79 -2.78 15.42 3.42
C ASP A 79 -3.84 14.49 2.82
N PHE A 80 -3.72 13.18 3.13
CA PHE A 80 -4.62 12.12 2.62
C PHE A 80 -6.09 12.35 3.02
N LEU A 81 -6.32 12.88 4.23
CA LEU A 81 -7.66 13.17 4.77
C LEU A 81 -8.40 14.18 3.87
N GLU A 82 -7.68 15.21 3.44
CA GLU A 82 -8.21 16.28 2.59
C GLU A 82 -7.86 16.07 1.10
N ARG A 83 -7.05 15.03 0.78
CA ARG A 83 -6.59 14.77 -0.59
C ARG A 83 -7.76 14.35 -1.49
N ASP A 84 -8.07 13.04 -1.56
CA ASP A 84 -9.24 12.55 -2.31
C ASP A 84 -10.54 12.60 -1.45
N PRO A 85 -10.65 11.98 -0.20
CA PRO A 85 -9.61 11.12 0.51
C PRO A 85 -9.54 9.63 0.05
N THR A 86 -10.49 9.25 -0.80
CA THR A 86 -10.59 7.93 -1.47
C THR A 86 -9.26 7.51 -2.17
N LEU A 87 -8.58 6.49 -1.67
CA LEU A 87 -7.27 6.05 -2.19
C LEU A 87 -7.19 4.53 -2.25
N TRP A 88 -6.12 4.02 -2.86
CA TRP A 88 -5.92 2.57 -3.06
C TRP A 88 -5.12 1.99 -1.88
N ALA A 89 -5.76 1.19 -1.02
CA ALA A 89 -5.13 0.57 0.15
C ALA A 89 -5.22 -0.96 0.07
N VAL A 90 -4.07 -1.64 0.13
CA VAL A 90 -4.00 -3.11 0.16
C VAL A 90 -3.32 -3.56 1.46
N VAL A 91 -4.04 -4.32 2.30
CA VAL A 91 -3.53 -4.79 3.59
C VAL A 91 -2.69 -6.06 3.36
N VAL A 92 -1.35 -5.89 3.41
CA VAL A 92 -0.37 -6.98 3.23
C VAL A 92 -0.16 -7.68 4.60
N ALA A 93 0.44 -8.90 4.59
CA ALA A 93 0.65 -9.74 5.80
C ALA A 93 1.33 -9.00 7.00
N PRO A 94 2.50 -8.27 6.83
CA PRO A 94 3.08 -7.46 7.93
C PRO A 94 2.25 -6.18 8.24
N TRP A 95 2.01 -5.36 7.20
CA TRP A 95 1.33 -4.06 7.32
C TRP A 95 0.56 -3.71 6.03
N VAL A 96 -0.23 -2.64 6.08
CA VAL A 96 -0.99 -2.13 4.92
C VAL A 96 -0.14 -1.09 4.15
N VAL A 97 -0.20 -1.15 2.80
CA VAL A 97 0.46 -0.18 1.92
C VAL A 97 -0.63 0.56 1.11
N ILE A 98 -0.44 1.88 0.90
CA ILE A 98 -1.46 2.76 0.27
C ILE A 98 -0.84 3.63 -0.81
N GLN A 99 -1.68 4.13 -1.72
CA GLN A 99 -1.29 5.01 -2.82
C GLN A 99 -2.49 5.92 -3.14
N GLU A 100 -2.24 7.24 -3.17
CA GLU A 100 -3.28 8.25 -3.48
C GLU A 100 -3.88 8.04 -4.87
N ARG A 101 -5.19 8.30 -4.98
CA ARG A 101 -5.89 8.26 -6.27
C ARG A 101 -5.73 9.59 -7.01
N ALA A 102 -5.56 10.70 -6.24
CA ALA A 102 -5.32 12.06 -6.77
C ALA A 102 -4.12 12.11 -7.73
N GLU A 103 -4.43 11.80 -9.00
CA GLU A 103 -3.47 11.82 -10.10
C GLU A 103 -4.24 11.84 -11.45
N LYS A 104 -3.81 12.71 -12.37
CA LYS A 104 -4.41 12.87 -13.71
C LYS A 104 -3.56 12.10 -14.76
N ALA A 105 -2.46 11.44 -14.29
CA ALA A 105 -1.48 10.75 -15.17
C ALA A 105 -1.96 9.34 -15.62
N THR A 106 -3.28 9.13 -15.69
CA THR A 106 -3.89 7.91 -16.26
C THR A 106 -3.61 7.83 -17.79
N LEU A 107 -3.27 9.02 -18.39
CA LEU A 107 -2.85 9.22 -19.82
C LEU A 107 -3.84 8.61 -20.84
N HIS A 108 -5.09 8.41 -20.41
CA HIS A 108 -6.17 7.83 -21.22
C HIS A 108 -7.42 8.74 -21.06
N GLY A 1 6.74 -14.42 -15.86
CA GLY A 1 6.26 -14.71 -17.22
C GLY A 1 5.31 -15.90 -17.24
N SER A 2 5.88 -17.11 -17.11
CA SER A 2 5.10 -18.35 -17.02
C SER A 2 4.42 -18.42 -15.64
N HIS A 3 3.07 -18.34 -15.63
CA HIS A 3 2.26 -18.35 -14.41
C HIS A 3 2.38 -19.70 -13.67
N MET A 4 3.16 -19.69 -12.58
CA MET A 4 3.26 -20.82 -11.65
C MET A 4 1.91 -20.99 -10.93
N THR A 5 1.18 -22.06 -11.30
CA THR A 5 -0.20 -22.31 -10.84
C THR A 5 -0.24 -23.32 -9.68
N GLU A 6 0.93 -23.69 -9.14
CA GLU A 6 1.05 -24.64 -8.02
C GLU A 6 0.43 -24.02 -6.74
N GLN A 7 -0.32 -24.85 -5.98
CA GLN A 7 -1.04 -24.40 -4.78
C GLN A 7 -0.06 -24.04 -3.65
N THR A 8 0.44 -22.80 -3.70
CA THR A 8 1.35 -22.22 -2.69
C THR A 8 0.53 -21.45 -1.64
N SER A 9 1.23 -20.70 -0.74
CA SER A 9 0.59 -19.97 0.38
C SER A 9 -0.57 -19.06 -0.11
N THR A 10 -1.69 -19.09 0.65
CA THR A 10 -2.93 -18.33 0.36
C THR A 10 -2.68 -16.82 0.32
N LEU A 11 -1.62 -16.38 1.05
CA LEU A 11 -1.17 -14.99 1.08
C LEU A 11 -0.74 -14.53 -0.32
N TYR A 12 -0.04 -15.42 -1.07
CA TYR A 12 0.40 -15.12 -2.44
C TYR A 12 -0.81 -14.99 -3.38
N ALA A 13 -1.83 -15.82 -3.15
CA ALA A 13 -3.08 -15.82 -3.93
C ALA A 13 -3.83 -14.48 -3.80
N LYS A 14 -3.91 -13.97 -2.55
CA LYS A 14 -4.58 -12.67 -2.26
C LYS A 14 -3.66 -11.48 -2.59
N LEU A 15 -2.32 -11.73 -2.60
CA LEU A 15 -1.30 -10.73 -3.00
C LEU A 15 -1.52 -10.35 -4.48
N LEU A 16 -1.93 -11.36 -5.27
CA LEU A 16 -2.33 -11.22 -6.67
C LEU A 16 -3.79 -10.73 -6.81
N GLY A 17 -4.34 -10.14 -5.72
CA GLY A 17 -5.71 -9.61 -5.70
C GLY A 17 -5.81 -8.25 -6.39
N GLU A 18 -6.74 -7.41 -5.90
CA GLU A 18 -7.03 -6.09 -6.52
C GLU A 18 -6.89 -4.97 -5.47
N THR A 19 -6.51 -3.77 -5.95
CA THR A 19 -6.38 -2.57 -5.11
C THR A 19 -7.75 -2.14 -4.57
N ALA A 20 -7.90 -2.13 -3.23
CA ALA A 20 -9.20 -1.82 -2.60
C ALA A 20 -9.37 -0.29 -2.48
N VAL A 21 -10.31 0.26 -3.26
CA VAL A 21 -10.62 1.69 -3.27
C VAL A 21 -11.46 2.01 -2.01
N ILE A 22 -10.89 2.78 -1.08
CA ILE A 22 -11.48 3.00 0.24
C ILE A 22 -11.31 4.48 0.66
N SER A 23 -12.17 4.96 1.56
CA SER A 23 -12.05 6.29 2.17
C SER A 23 -10.86 6.29 3.15
N TRP A 24 -10.07 7.39 3.12
CA TRP A 24 -8.90 7.56 4.00
C TRP A 24 -9.27 7.47 5.50
N ALA A 25 -10.45 7.98 5.86
CA ALA A 25 -10.87 8.10 7.29
C ALA A 25 -11.01 6.72 7.98
N GLU A 26 -11.13 5.66 7.16
CA GLU A 26 -11.19 4.26 7.64
C GLU A 26 -9.80 3.76 8.10
N LEU A 27 -8.76 4.35 7.49
CA LEU A 27 -7.35 3.95 7.68
C LEU A 27 -6.66 4.73 8.82
N GLN A 28 -7.45 5.54 9.55
CA GLN A 28 -6.97 6.29 10.74
C GLN A 28 -6.43 5.35 11.87
N PRO A 29 -7.15 4.24 12.29
CA PRO A 29 -6.60 3.24 13.26
C PRO A 29 -5.31 2.56 12.75
N PHE A 30 -5.24 2.38 11.42
CA PHE A 30 -4.14 1.68 10.74
C PHE A 30 -2.87 2.56 10.68
N PHE A 31 -3.07 3.88 10.54
CA PHE A 31 -1.99 4.87 10.61
C PHE A 31 -1.54 5.05 12.08
N ALA A 32 -2.51 4.99 13.01
CA ALA A 32 -2.29 5.22 14.46
C ALA A 32 -1.31 4.19 15.07
N ARG A 33 -1.44 2.94 14.60
CA ARG A 33 -0.58 1.81 15.04
C ARG A 33 0.74 1.76 14.24
N GLY A 34 0.86 2.62 13.21
CA GLY A 34 2.06 2.67 12.35
C GLY A 34 2.16 1.51 11.35
N ALA A 35 1.02 0.84 11.09
CA ALA A 35 0.95 -0.32 10.17
C ALA A 35 0.55 0.12 8.75
N LEU A 36 0.38 1.43 8.54
CA LEU A 36 -0.03 1.98 7.25
C LEU A 36 1.22 2.48 6.52
N LEU A 37 1.47 1.96 5.30
CA LEU A 37 2.67 2.29 4.50
C LEU A 37 2.28 3.24 3.36
N GLN A 38 3.02 4.34 3.22
CA GLN A 38 2.85 5.32 2.15
C GLN A 38 3.69 4.90 0.94
N VAL A 39 3.02 4.77 -0.22
CA VAL A 39 3.66 4.49 -1.51
C VAL A 39 3.32 5.60 -2.50
N ASP A 40 4.37 6.09 -3.19
CA ASP A 40 4.26 7.15 -4.20
C ASP A 40 3.54 6.63 -5.45
N ALA A 41 2.81 7.53 -6.14
CA ALA A 41 1.98 7.22 -7.31
C ALA A 41 2.80 6.71 -8.53
N ALA A 42 4.12 7.00 -8.55
CA ALA A 42 5.02 6.53 -9.61
C ALA A 42 5.21 5.00 -9.52
N LEU A 43 5.20 4.48 -8.29
CA LEU A 43 5.35 3.04 -8.01
C LEU A 43 4.01 2.31 -8.19
N ASP A 44 3.97 1.01 -7.85
CA ASP A 44 2.76 0.16 -8.03
C ASP A 44 2.52 -0.65 -6.74
N LEU A 45 1.25 -0.84 -6.37
CA LEU A 45 0.87 -1.49 -5.09
C LEU A 45 1.13 -3.00 -5.07
N VAL A 46 1.12 -3.66 -6.24
CA VAL A 46 1.34 -5.12 -6.33
C VAL A 46 2.83 -5.46 -6.11
N GLU A 47 3.73 -4.64 -6.69
CA GLU A 47 5.20 -4.85 -6.59
C GLU A 47 5.73 -4.51 -5.18
N VAL A 48 5.18 -3.44 -4.55
CA VAL A 48 5.57 -3.04 -3.19
C VAL A 48 5.08 -4.08 -2.17
N ALA A 49 3.87 -4.63 -2.42
CA ALA A 49 3.25 -5.66 -1.57
C ALA A 49 3.99 -6.99 -1.72
N GLU A 50 4.46 -7.26 -2.94
CA GLU A 50 5.26 -8.47 -3.27
C GLU A 50 6.63 -8.41 -2.57
N ALA A 51 7.19 -7.20 -2.48
CA ALA A 51 8.48 -6.94 -1.83
C ALA A 51 8.37 -7.11 -0.30
N LEU A 52 7.28 -6.59 0.27
CA LEU A 52 7.05 -6.58 1.73
C LEU A 52 6.57 -7.97 2.23
N ALA A 53 5.80 -8.69 1.40
CA ALA A 53 5.29 -10.04 1.74
C ALA A 53 6.34 -11.11 1.44
N GLY A 54 6.98 -10.99 0.27
CA GLY A 54 7.96 -11.96 -0.23
C GLY A 54 9.36 -11.71 0.32
N ASP A 55 9.50 -10.69 1.19
CA ASP A 55 10.73 -10.38 1.95
C ASP A 55 11.83 -9.74 1.05
N ASP A 56 11.48 -9.38 -0.22
CA ASP A 56 12.42 -8.76 -1.17
C ASP A 56 12.83 -7.37 -0.65
N ARG A 57 13.96 -7.35 0.06
CA ARG A 57 14.48 -6.17 0.76
C ARG A 57 15.19 -5.21 -0.21
N GLU A 58 15.51 -5.68 -1.42
CA GLU A 58 16.17 -4.87 -2.46
C GLU A 58 15.25 -3.74 -2.93
N LYS A 59 13.97 -4.11 -3.16
CA LYS A 59 12.92 -3.15 -3.54
C LYS A 59 12.62 -2.17 -2.40
N VAL A 60 12.39 -2.74 -1.20
CA VAL A 60 12.00 -2.01 0.00
C VAL A 60 13.06 -0.95 0.37
N ALA A 61 14.30 -1.40 0.56
CA ALA A 61 15.44 -0.54 0.96
C ALA A 61 15.75 0.53 -0.09
N ALA A 62 15.50 0.21 -1.38
CA ALA A 62 15.66 1.16 -2.50
C ALA A 62 14.70 2.35 -2.35
N TRP A 63 13.42 2.03 -2.08
CA TRP A 63 12.34 3.02 -1.98
C TRP A 63 12.37 3.77 -0.63
N LEU A 64 12.94 3.13 0.40
CA LEU A 64 13.17 3.74 1.73
C LEU A 64 14.30 4.79 1.63
N SER A 65 15.37 4.45 0.90
CA SER A 65 16.56 5.31 0.77
C SER A 65 16.37 6.40 -0.31
N GLY A 66 15.41 6.16 -1.23
CA GLY A 66 15.08 7.14 -2.26
C GLY A 66 14.30 6.51 -3.41
N GLY A 67 12.98 6.40 -3.24
CA GLY A 67 12.10 5.90 -4.29
C GLY A 67 10.65 6.32 -4.05
N GLY A 68 10.10 5.92 -2.89
CA GLY A 68 8.74 6.32 -2.51
C GLY A 68 8.02 5.29 -1.64
N LEU A 69 8.68 4.83 -0.57
CA LEU A 69 8.06 3.91 0.41
C LEU A 69 8.57 4.25 1.82
N SER A 70 7.61 4.50 2.72
CA SER A 70 7.82 4.78 4.15
C SER A 70 6.51 4.47 4.88
N LYS A 71 6.45 4.72 6.19
CA LYS A 71 5.20 4.65 6.96
C LYS A 71 4.47 6.01 6.89
N VAL A 72 3.15 5.98 7.00
CA VAL A 72 2.31 7.19 7.02
C VAL A 72 2.39 7.84 8.40
N GLY A 73 3.12 8.95 8.48
CA GLY A 73 3.22 9.73 9.71
C GLY A 73 2.05 10.68 9.89
N GLU A 74 2.09 11.45 10.98
CA GLU A 74 1.05 12.43 11.35
C GLU A 74 0.93 13.57 10.30
N ASP A 75 2.05 13.95 9.68
CA ASP A 75 2.07 14.95 8.58
C ASP A 75 1.42 14.36 7.32
N ALA A 76 1.86 13.14 6.96
CA ALA A 76 1.33 12.40 5.78
C ALA A 76 -0.16 12.07 5.94
N ALA A 77 -0.61 11.93 7.21
CA ALA A 77 -2.01 11.66 7.54
C ALA A 77 -2.93 12.82 7.12
N LYS A 78 -2.47 14.04 7.42
CA LYS A 78 -3.16 15.27 7.01
C LYS A 78 -3.13 15.43 5.49
N ASP A 79 -1.98 15.05 4.90
CA ASP A 79 -1.73 15.22 3.47
C ASP A 79 -2.74 14.42 2.63
N PHE A 80 -2.81 13.10 2.90
CA PHE A 80 -3.76 12.17 2.23
C PHE A 80 -5.22 12.64 2.37
N LEU A 81 -5.59 13.14 3.57
CA LEU A 81 -6.95 13.66 3.85
C LEU A 81 -7.25 14.91 2.99
N GLU A 82 -6.22 15.67 2.63
CA GLU A 82 -6.40 16.88 1.78
C GLU A 82 -6.08 16.59 0.30
N ARG A 83 -5.57 15.38 -0.02
CA ARG A 83 -5.24 15.01 -1.41
C ARG A 83 -6.51 14.67 -2.21
N ASP A 84 -6.92 13.39 -2.21
CA ASP A 84 -8.02 12.91 -3.06
C ASP A 84 -9.44 13.10 -2.43
N PRO A 85 -9.72 12.81 -1.09
CA PRO A 85 -8.85 12.04 -0.12
C PRO A 85 -8.85 10.49 -0.28
N THR A 86 -9.75 9.96 -1.15
CA THR A 86 -9.88 8.51 -1.40
C THR A 86 -8.56 7.91 -1.94
N LEU A 87 -8.32 6.62 -1.70
CA LEU A 87 -7.04 5.99 -2.03
C LEU A 87 -7.17 4.48 -2.06
N TRP A 88 -6.19 3.83 -2.69
CA TRP A 88 -6.15 2.39 -2.84
C TRP A 88 -5.35 1.78 -1.68
N ALA A 89 -6.05 1.08 -0.77
CA ALA A 89 -5.42 0.38 0.36
C ALA A 89 -5.40 -1.14 0.09
N VAL A 90 -4.21 -1.73 0.09
CA VAL A 90 -3.99 -3.18 -0.10
C VAL A 90 -3.31 -3.73 1.16
N VAL A 91 -3.98 -4.65 1.86
CA VAL A 91 -3.46 -5.25 3.11
C VAL A 91 -2.50 -6.41 2.80
N VAL A 92 -1.23 -6.23 3.19
CA VAL A 92 -0.17 -7.26 3.11
C VAL A 92 -0.20 -8.10 4.43
N ALA A 93 0.55 -9.23 4.48
CA ALA A 93 0.56 -10.16 5.64
C ALA A 93 0.79 -9.47 7.01
N PRO A 94 1.86 -8.60 7.22
CA PRO A 94 2.10 -7.93 8.50
C PRO A 94 1.31 -6.60 8.65
N TRP A 95 1.23 -5.83 7.54
CA TRP A 95 0.78 -4.43 7.56
C TRP A 95 -0.03 -4.10 6.30
N VAL A 96 -0.68 -2.94 6.28
CA VAL A 96 -1.48 -2.45 5.14
C VAL A 96 -0.74 -1.30 4.44
N VAL A 97 -0.74 -1.33 3.10
CA VAL A 97 -0.04 -0.37 2.23
C VAL A 97 -1.07 0.46 1.45
N ILE A 98 -0.75 1.72 1.11
CA ILE A 98 -1.65 2.64 0.39
C ILE A 98 -0.91 3.44 -0.69
N GLN A 99 -1.71 3.98 -1.60
CA GLN A 99 -1.29 4.91 -2.66
C GLN A 99 -2.52 5.75 -3.02
N GLU A 100 -2.32 7.07 -3.24
CA GLU A 100 -3.40 8.00 -3.59
C GLU A 100 -4.15 7.53 -4.86
N ARG A 101 -5.50 7.63 -4.81
CA ARG A 101 -6.39 7.17 -5.90
C ARG A 101 -6.08 8.00 -7.17
N ALA A 102 -6.54 9.28 -7.19
CA ALA A 102 -6.20 10.31 -8.22
C ALA A 102 -6.06 9.75 -9.66
N GLU A 103 -7.09 9.03 -10.11
CA GLU A 103 -7.07 8.31 -11.40
C GLU A 103 -7.28 9.27 -12.59
N LYS A 104 -8.06 10.35 -12.35
CA LYS A 104 -8.54 11.28 -13.38
C LYS A 104 -9.37 10.49 -14.43
N ALA A 105 -10.65 10.27 -14.12
CA ALA A 105 -11.58 9.61 -15.05
C ALA A 105 -12.37 10.67 -15.83
N THR A 106 -13.48 11.15 -15.24
CA THR A 106 -14.30 12.23 -15.80
C THR A 106 -15.11 12.93 -14.68
N LEU A 107 -14.66 12.74 -13.41
CA LEU A 107 -15.24 13.41 -12.24
C LEU A 107 -14.10 14.11 -11.48
N HIS A 108 -13.13 13.31 -11.03
CA HIS A 108 -11.94 13.80 -10.31
C HIS A 108 -10.71 13.00 -10.80
N GLY A 1 23.05 -29.12 -6.57
CA GLY A 1 21.80 -29.76 -6.11
C GLY A 1 20.60 -29.32 -6.92
N SER A 2 19.44 -29.16 -6.25
CA SER A 2 18.17 -28.74 -6.89
C SER A 2 17.30 -27.98 -5.88
N HIS A 3 16.63 -26.93 -6.35
CA HIS A 3 15.71 -26.11 -5.54
C HIS A 3 14.32 -26.10 -6.20
N MET A 4 13.47 -27.05 -5.80
CA MET A 4 12.07 -27.14 -6.22
C MET A 4 11.18 -27.11 -4.96
N THR A 5 10.55 -25.96 -4.71
CA THR A 5 9.68 -25.75 -3.53
C THR A 5 8.23 -25.51 -3.98
N GLU A 6 7.49 -26.62 -4.14
CA GLU A 6 6.04 -26.59 -4.45
C GLU A 6 5.24 -26.36 -3.16
N GLN A 7 3.88 -26.35 -3.31
CA GLN A 7 2.94 -26.05 -2.22
C GLN A 7 3.19 -24.63 -1.70
N THR A 8 3.22 -23.68 -2.65
CA THR A 8 3.50 -22.26 -2.37
C THR A 8 2.50 -21.66 -1.35
N SER A 9 2.94 -20.60 -0.65
CA SER A 9 2.18 -19.95 0.41
C SER A 9 0.82 -19.40 -0.09
N THR A 10 -0.27 -19.99 0.45
CA THR A 10 -1.66 -19.67 0.08
C THR A 10 -2.03 -18.22 0.45
N LEU A 11 -1.30 -17.65 1.44
CA LEU A 11 -1.40 -16.22 1.81
C LEU A 11 -1.15 -15.33 0.58
N TYR A 12 -0.13 -15.68 -0.23
CA TYR A 12 0.19 -14.93 -1.46
C TYR A 12 -0.94 -15.04 -2.49
N ALA A 13 -1.68 -16.18 -2.49
CA ALA A 13 -2.83 -16.38 -3.39
C ALA A 13 -3.93 -15.31 -3.16
N LYS A 14 -4.09 -14.91 -1.88
CA LYS A 14 -4.99 -13.80 -1.47
C LYS A 14 -4.52 -12.47 -2.09
N LEU A 15 -3.21 -12.20 -1.96
CA LEU A 15 -2.57 -10.97 -2.46
C LEU A 15 -2.61 -10.91 -4.01
N LEU A 16 -2.51 -12.10 -4.63
CA LEU A 16 -2.49 -12.25 -6.08
C LEU A 16 -3.93 -12.33 -6.61
N GLY A 17 -4.46 -11.17 -7.02
CA GLY A 17 -5.80 -11.07 -7.56
C GLY A 17 -6.10 -9.68 -8.08
N GLU A 18 -6.12 -8.71 -7.14
CA GLU A 18 -6.42 -7.30 -7.44
C GLU A 18 -6.14 -6.41 -6.21
N THR A 19 -6.38 -5.11 -6.38
CA THR A 19 -6.31 -4.10 -5.31
C THR A 19 -7.71 -3.88 -4.71
N ALA A 20 -7.79 -3.10 -3.62
CA ALA A 20 -9.06 -2.71 -2.99
C ALA A 20 -9.12 -1.17 -2.83
N VAL A 21 -10.31 -0.59 -3.08
CA VAL A 21 -10.56 0.86 -2.92
C VAL A 21 -11.26 1.09 -1.57
N ILE A 22 -10.80 2.06 -0.78
CA ILE A 22 -11.39 2.35 0.55
C ILE A 22 -11.18 3.84 0.93
N SER A 23 -11.95 4.32 1.92
CA SER A 23 -11.80 5.67 2.48
C SER A 23 -10.55 5.75 3.37
N TRP A 24 -9.92 6.93 3.37
CA TRP A 24 -8.77 7.22 4.23
C TRP A 24 -9.15 7.15 5.73
N ALA A 25 -10.39 7.54 6.06
CA ALA A 25 -10.87 7.64 7.45
C ALA A 25 -10.95 6.26 8.15
N GLU A 26 -11.05 5.20 7.35
CA GLU A 26 -10.99 3.80 7.81
C GLU A 26 -9.56 3.40 8.21
N LEU A 27 -8.59 4.04 7.55
CA LEU A 27 -7.16 3.71 7.66
C LEU A 27 -6.46 4.50 8.78
N GLN A 28 -7.21 5.35 9.51
CA GLN A 28 -6.66 6.16 10.62
C GLN A 28 -6.07 5.30 11.79
N PRO A 29 -6.74 4.18 12.29
CA PRO A 29 -6.12 3.31 13.32
C PRO A 29 -4.88 2.56 12.77
N PHE A 30 -4.88 2.29 11.45
CA PHE A 30 -3.79 1.58 10.77
C PHE A 30 -2.56 2.48 10.59
N PHE A 31 -2.77 3.79 10.33
CA PHE A 31 -1.66 4.75 10.26
C PHE A 31 -1.06 4.95 11.66
N ALA A 32 -1.97 5.06 12.67
CA ALA A 32 -1.61 5.39 14.05
C ALA A 32 -0.69 4.33 14.68
N ARG A 33 -0.95 3.05 14.36
CA ARG A 33 -0.16 1.91 14.88
C ARG A 33 1.16 1.72 14.08
N GLY A 34 1.28 2.43 12.94
CA GLY A 34 2.47 2.37 12.09
C GLY A 34 2.44 1.21 11.11
N ALA A 35 1.26 0.98 10.51
CA ALA A 35 1.00 -0.17 9.62
C ALA A 35 0.51 0.26 8.22
N LEU A 36 0.69 1.55 7.88
CA LEU A 36 0.40 2.06 6.53
C LEU A 36 1.69 2.39 5.80
N LEU A 37 1.78 1.93 4.54
CA LEU A 37 2.93 2.21 3.65
C LEU A 37 2.45 3.11 2.50
N GLN A 38 3.13 4.26 2.35
CA GLN A 38 2.81 5.27 1.33
C GLN A 38 3.55 4.96 0.04
N VAL A 39 2.78 4.65 -1.01
CA VAL A 39 3.33 4.35 -2.35
C VAL A 39 3.28 5.61 -3.21
N ASP A 40 4.41 5.91 -3.89
CA ASP A 40 4.52 7.03 -4.82
C ASP A 40 3.87 6.66 -6.17
N ALA A 41 3.47 7.71 -6.93
CA ALA A 41 2.83 7.55 -8.25
C ALA A 41 3.73 6.80 -9.26
N ALA A 42 5.06 6.91 -9.07
CA ALA A 42 6.05 6.22 -9.94
C ALA A 42 6.06 4.70 -9.68
N LEU A 43 5.83 4.30 -8.42
CA LEU A 43 5.79 2.87 -8.03
C LEU A 43 4.40 2.27 -8.34
N ASP A 44 4.16 1.04 -7.87
CA ASP A 44 2.86 0.37 -8.05
C ASP A 44 2.44 -0.29 -6.75
N LEU A 45 1.18 -0.07 -6.36
CA LEU A 45 0.57 -0.57 -5.12
C LEU A 45 0.70 -2.11 -4.98
N VAL A 46 0.63 -2.82 -6.12
CA VAL A 46 0.68 -4.29 -6.14
C VAL A 46 2.13 -4.77 -5.91
N GLU A 47 3.09 -4.23 -6.69
CA GLU A 47 4.50 -4.70 -6.69
C GLU A 47 5.19 -4.46 -5.33
N VAL A 48 4.85 -3.32 -4.68
CA VAL A 48 5.39 -2.97 -3.37
C VAL A 48 4.84 -3.92 -2.29
N ALA A 49 3.56 -4.30 -2.44
CA ALA A 49 2.87 -5.21 -1.50
C ALA A 49 3.44 -6.63 -1.62
N GLU A 50 3.84 -7.01 -2.84
CA GLU A 50 4.48 -8.32 -3.13
C GLU A 50 5.92 -8.36 -2.61
N ALA A 51 6.59 -7.19 -2.62
CA ALA A 51 7.96 -7.02 -2.10
C ALA A 51 7.97 -7.09 -0.55
N LEU A 52 6.92 -6.51 0.06
CA LEU A 52 6.75 -6.48 1.53
C LEU A 52 6.32 -7.86 2.07
N ALA A 53 5.38 -8.51 1.36
CA ALA A 53 4.95 -9.91 1.68
C ALA A 53 6.08 -10.91 1.38
N GLY A 54 6.90 -10.55 0.36
CA GLY A 54 8.09 -11.33 -0.02
C GLY A 54 9.25 -11.11 0.94
N ASP A 55 9.16 -10.03 1.75
CA ASP A 55 10.16 -9.62 2.75
C ASP A 55 11.48 -9.13 2.12
N ASP A 56 11.44 -8.89 0.78
CA ASP A 56 12.62 -8.49 0.01
C ASP A 56 13.07 -7.08 0.42
N ARG A 57 14.13 -7.03 1.23
CA ARG A 57 14.63 -5.78 1.85
C ARG A 57 15.26 -4.84 0.81
N GLU A 58 15.73 -5.39 -0.34
CA GLU A 58 16.43 -4.60 -1.38
C GLU A 58 15.46 -3.66 -2.10
N LYS A 59 14.27 -4.19 -2.45
CA LYS A 59 13.17 -3.42 -3.09
C LYS A 59 12.72 -2.28 -2.17
N VAL A 60 12.38 -2.69 -0.95
CA VAL A 60 11.79 -1.82 0.07
C VAL A 60 12.74 -0.69 0.46
N ALA A 61 13.97 -1.05 0.88
CA ALA A 61 14.99 -0.10 1.36
C ALA A 61 15.45 0.88 0.26
N ALA A 62 15.43 0.43 -1.02
CA ALA A 62 15.74 1.29 -2.18
C ALA A 62 14.69 2.41 -2.33
N TRP A 63 13.42 2.03 -2.11
CA TRP A 63 12.28 2.96 -2.16
C TRP A 63 12.19 3.81 -0.87
N LEU A 64 12.74 3.29 0.24
CA LEU A 64 12.86 4.06 1.51
C LEU A 64 13.94 5.14 1.37
N SER A 65 14.98 4.84 0.57
CA SER A 65 16.08 5.77 0.28
C SER A 65 15.63 6.84 -0.75
N GLY A 66 14.85 6.37 -1.74
CA GLY A 66 14.30 7.25 -2.78
C GLY A 66 13.09 8.05 -2.32
N GLY A 67 12.46 7.59 -1.23
CA GLY A 67 11.25 8.23 -0.68
C GLY A 67 9.98 7.85 -1.42
N GLY A 68 10.04 6.78 -2.23
CA GLY A 68 8.90 6.29 -2.98
C GLY A 68 7.95 5.48 -2.11
N LEU A 69 8.54 4.74 -1.16
CA LEU A 69 7.81 3.92 -0.18
C LEU A 69 8.31 4.30 1.21
N SER A 70 7.40 4.75 2.08
CA SER A 70 7.71 5.14 3.48
C SER A 70 6.44 5.04 4.33
N LYS A 71 6.57 4.69 5.63
CA LYS A 71 5.42 4.57 6.55
C LYS A 71 4.68 5.92 6.72
N VAL A 72 3.34 5.84 6.82
CA VAL A 72 2.48 7.03 6.93
C VAL A 72 2.42 7.49 8.40
N GLY A 73 3.20 8.52 8.73
CA GLY A 73 3.16 9.14 10.05
C GLY A 73 2.11 10.24 10.13
N GLU A 74 2.18 11.06 11.20
CA GLU A 74 1.18 12.12 11.48
C GLU A 74 1.21 13.23 10.41
N ASP A 75 2.37 13.40 9.75
CA ASP A 75 2.58 14.41 8.71
C ASP A 75 1.95 13.96 7.38
N ALA A 76 2.25 12.71 7.00
CA ALA A 76 1.71 12.06 5.78
C ALA A 76 0.19 11.83 5.90
N ALA A 77 -0.28 11.68 7.16
CA ALA A 77 -1.71 11.54 7.47
C ALA A 77 -2.53 12.76 7.03
N LYS A 78 -2.02 13.95 7.38
CA LYS A 78 -2.60 15.25 6.97
C LYS A 78 -2.62 15.34 5.43
N ASP A 79 -1.50 14.92 4.84
CA ASP A 79 -1.24 15.03 3.40
C ASP A 79 -2.31 14.27 2.60
N PHE A 80 -2.46 12.96 2.88
CA PHE A 80 -3.48 12.09 2.25
C PHE A 80 -4.91 12.65 2.44
N LEU A 81 -5.20 13.12 3.67
CA LEU A 81 -6.52 13.68 4.04
C LEU A 81 -6.86 14.92 3.17
N GLU A 82 -5.81 15.65 2.76
CA GLU A 82 -5.94 16.88 1.96
C GLU A 82 -5.67 16.64 0.45
N ARG A 83 -5.14 15.44 0.07
CA ARG A 83 -4.87 15.14 -1.36
C ARG A 83 -6.17 14.86 -2.13
N ASP A 84 -6.61 13.56 -2.16
CA ASP A 84 -7.80 13.16 -2.92
C ASP A 84 -9.10 13.40 -2.11
N PRO A 85 -9.33 12.85 -0.84
CA PRO A 85 -8.40 11.95 -0.06
C PRO A 85 -8.53 10.43 -0.34
N THR A 86 -9.53 10.04 -1.13
CA THR A 86 -9.80 8.64 -1.54
C THR A 86 -8.53 7.97 -2.13
N LEU A 87 -8.32 6.70 -1.77
CA LEU A 87 -7.09 5.98 -2.10
C LEU A 87 -7.36 4.47 -2.12
N TRP A 88 -6.47 3.74 -2.79
CA TRP A 88 -6.52 2.29 -2.91
C TRP A 88 -5.61 1.66 -1.84
N ALA A 89 -6.20 0.84 -0.96
CA ALA A 89 -5.49 0.19 0.14
C ALA A 89 -5.65 -1.35 0.04
N VAL A 90 -4.53 -2.06 0.14
CA VAL A 90 -4.50 -3.54 0.10
C VAL A 90 -3.96 -4.04 1.44
N VAL A 91 -4.79 -4.82 2.15
CA VAL A 91 -4.43 -5.38 3.46
C VAL A 91 -3.55 -6.63 3.26
N VAL A 92 -2.22 -6.41 3.36
CA VAL A 92 -1.19 -7.46 3.25
C VAL A 92 -0.99 -8.13 4.64
N ALA A 93 -0.33 -9.32 4.69
CA ALA A 93 -0.21 -10.14 5.92
C ALA A 93 0.36 -9.35 7.14
N PRO A 94 1.53 -8.61 7.04
CA PRO A 94 2.03 -7.78 8.16
C PRO A 94 1.19 -6.50 8.37
N TRP A 95 0.97 -5.74 7.27
CA TRP A 95 0.45 -4.37 7.31
C TRP A 95 -0.39 -4.04 6.08
N VAL A 96 -1.08 -2.89 6.11
CA VAL A 96 -1.90 -2.39 4.98
C VAL A 96 -1.07 -1.39 4.16
N VAL A 97 -0.93 -1.66 2.86
CA VAL A 97 -0.17 -0.79 1.94
C VAL A 97 -1.16 0.07 1.13
N ILE A 98 -0.90 1.40 1.05
CA ILE A 98 -1.84 2.38 0.45
C ILE A 98 -1.15 3.21 -0.65
N GLN A 99 -1.88 3.48 -1.74
CA GLN A 99 -1.48 4.43 -2.79
C GLN A 99 -2.66 5.37 -3.05
N GLU A 100 -2.37 6.66 -3.20
CA GLU A 100 -3.38 7.70 -3.48
C GLU A 100 -4.10 7.45 -4.83
N ARG A 101 -5.37 7.87 -4.92
CA ARG A 101 -6.17 7.72 -6.15
C ARG A 101 -6.23 9.05 -6.94
N ALA A 102 -5.46 10.05 -6.49
CA ALA A 102 -5.30 11.33 -7.23
C ALA A 102 -4.40 11.12 -8.47
N GLU A 103 -4.94 10.39 -9.47
CA GLU A 103 -4.19 9.95 -10.65
C GLU A 103 -4.14 11.06 -11.71
N LYS A 104 -2.97 11.70 -11.84
CA LYS A 104 -2.69 12.64 -12.94
C LYS A 104 -2.19 11.83 -14.15
N ALA A 105 -1.42 10.76 -13.86
CA ALA A 105 -0.77 9.92 -14.89
C ALA A 105 -1.81 9.09 -15.66
N THR A 106 -2.38 9.68 -16.72
CA THR A 106 -3.36 9.02 -17.61
C THR A 106 -2.68 8.43 -18.86
N LEU A 107 -1.52 9.03 -19.24
CA LEU A 107 -0.64 8.55 -20.34
C LEU A 107 -1.29 8.63 -21.75
N HIS A 108 -2.44 9.31 -21.86
CA HIS A 108 -3.17 9.45 -23.14
C HIS A 108 -2.62 10.68 -23.91
N GLY A 1 5.19 -23.71 -13.10
CA GLY A 1 5.50 -22.92 -14.32
C GLY A 1 6.06 -21.54 -13.98
N SER A 2 6.24 -20.71 -15.00
CA SER A 2 6.73 -19.32 -14.84
C SER A 2 5.96 -18.39 -15.79
N HIS A 3 6.08 -17.06 -15.56
CA HIS A 3 5.24 -16.00 -16.19
C HIS A 3 3.76 -16.14 -15.70
N MET A 4 3.58 -16.90 -14.61
CA MET A 4 2.28 -17.31 -14.08
C MET A 4 2.42 -17.60 -12.57
N THR A 5 1.49 -17.09 -11.75
CA THR A 5 1.45 -17.42 -10.32
C THR A 5 1.18 -18.93 -10.15
N GLU A 6 1.99 -19.58 -9.30
CA GLU A 6 1.89 -21.04 -9.07
C GLU A 6 0.98 -21.33 -7.86
N GLN A 7 0.29 -20.28 -7.35
CA GLN A 7 -0.62 -20.36 -6.18
C GLN A 7 0.11 -20.91 -4.92
N THR A 8 1.45 -20.73 -4.92
CA THR A 8 2.38 -21.35 -3.95
C THR A 8 2.02 -21.01 -2.51
N SER A 9 1.62 -19.75 -2.29
CA SER A 9 1.23 -19.26 -0.97
C SER A 9 -0.19 -18.66 -1.06
N THR A 10 -0.99 -18.93 -0.03
CA THR A 10 -2.41 -18.52 0.07
C THR A 10 -2.54 -16.98 0.12
N LEU A 11 -1.72 -16.34 0.99
CA LEU A 11 -1.72 -14.88 1.17
C LEU A 11 -1.16 -14.20 -0.11
N TYR A 12 -0.22 -14.88 -0.79
CA TYR A 12 0.38 -14.38 -2.05
C TYR A 12 -0.70 -14.27 -3.16
N ALA A 13 -1.59 -15.28 -3.20
CA ALA A 13 -2.73 -15.31 -4.13
C ALA A 13 -3.81 -14.27 -3.71
N LYS A 14 -3.90 -14.02 -2.39
CA LYS A 14 -4.77 -12.96 -1.82
C LYS A 14 -4.22 -11.56 -2.15
N LEU A 15 -2.88 -11.47 -2.24
CA LEU A 15 -2.16 -10.19 -2.47
C LEU A 15 -2.43 -9.72 -3.91
N LEU A 16 -2.16 -10.62 -4.87
CA LEU A 16 -2.46 -10.38 -6.29
C LEU A 16 -3.95 -10.71 -6.51
N GLY A 17 -4.83 -9.71 -6.20
CA GLY A 17 -6.29 -9.89 -6.28
C GLY A 17 -7.00 -8.61 -6.68
N GLU A 18 -7.37 -7.78 -5.68
CA GLU A 18 -8.12 -6.54 -5.90
C GLU A 18 -7.56 -5.40 -5.03
N THR A 19 -7.41 -4.23 -5.64
CA THR A 19 -7.05 -2.99 -4.94
C THR A 19 -8.32 -2.40 -4.33
N ALA A 20 -8.47 -2.52 -2.99
CA ALA A 20 -9.70 -2.11 -2.32
C ALA A 20 -9.67 -0.61 -2.04
N VAL A 21 -10.50 0.14 -2.78
CA VAL A 21 -10.65 1.58 -2.61
C VAL A 21 -11.68 1.85 -1.51
N ILE A 22 -11.23 2.54 -0.46
CA ILE A 22 -12.00 2.72 0.77
C ILE A 22 -11.70 4.12 1.37
N SER A 23 -12.50 4.53 2.37
CA SER A 23 -12.29 5.78 3.11
C SER A 23 -10.91 5.80 3.79
N TRP A 24 -10.27 6.97 3.74
CA TRP A 24 -9.02 7.25 4.45
C TRP A 24 -9.21 7.09 5.99
N ALA A 25 -10.42 7.40 6.50
CA ALA A 25 -10.73 7.35 7.94
C ALA A 25 -10.69 5.91 8.50
N GLU A 26 -10.78 4.91 7.61
CA GLU A 26 -10.64 3.49 7.98
C GLU A 26 -9.18 3.14 8.30
N LEU A 27 -8.26 3.95 7.77
CA LEU A 27 -6.80 3.76 7.90
C LEU A 27 -6.22 4.50 9.11
N GLN A 28 -7.10 5.10 9.94
CA GLN A 28 -6.70 5.81 11.17
C GLN A 28 -5.95 4.90 12.19
N PRO A 29 -6.48 3.67 12.58
CA PRO A 29 -5.77 2.79 13.55
C PRO A 29 -4.44 2.25 12.98
N PHE A 30 -4.34 2.21 11.64
CA PHE A 30 -3.18 1.69 10.91
C PHE A 30 -2.01 2.69 10.93
N PHE A 31 -2.26 3.97 10.57
CA PHE A 31 -1.19 5.00 10.57
C PHE A 31 -0.82 5.40 12.02
N ALA A 32 -1.79 5.24 12.96
CA ALA A 32 -1.58 5.53 14.39
C ALA A 32 -0.51 4.62 15.02
N ARG A 33 -0.34 3.42 14.44
CA ARG A 33 0.69 2.45 14.87
C ARG A 33 1.80 2.28 13.81
N GLY A 34 1.77 3.14 12.77
CA GLY A 34 2.80 3.15 11.72
C GLY A 34 2.76 1.95 10.77
N ALA A 35 1.64 1.21 10.81
CA ALA A 35 1.41 0.02 9.95
C ALA A 35 0.73 0.42 8.62
N LEU A 36 0.79 1.72 8.27
CA LEU A 36 0.29 2.24 7.00
C LEU A 36 1.48 2.78 6.21
N LEU A 37 1.72 2.22 5.01
CA LEU A 37 2.82 2.65 4.12
C LEU A 37 2.23 3.44 2.92
N GLN A 38 3.04 4.32 2.32
CA GLN A 38 2.62 5.22 1.22
C GLN A 38 3.48 4.95 -0.02
N VAL A 39 2.83 4.72 -1.16
CA VAL A 39 3.48 4.55 -2.47
C VAL A 39 3.48 5.89 -3.24
N ASP A 40 4.64 6.26 -3.78
CA ASP A 40 4.78 7.37 -4.71
C ASP A 40 4.43 6.87 -6.14
N ALA A 41 4.00 7.80 -7.01
CA ALA A 41 3.59 7.47 -8.39
C ALA A 41 4.73 6.83 -9.23
N ALA A 42 6.00 7.01 -8.77
CA ALA A 42 7.18 6.35 -9.38
C ALA A 42 7.10 4.81 -9.27
N LEU A 43 6.55 4.33 -8.14
CA LEU A 43 6.39 2.89 -7.85
C LEU A 43 4.94 2.47 -8.17
N ASP A 44 4.52 1.30 -7.64
CA ASP A 44 3.13 0.82 -7.79
C ASP A 44 2.75 -0.06 -6.58
N LEU A 45 1.43 -0.13 -6.29
CA LEU A 45 0.87 -0.90 -5.17
C LEU A 45 1.31 -2.38 -5.20
N VAL A 46 1.03 -3.08 -6.31
CA VAL A 46 1.27 -4.55 -6.40
C VAL A 46 2.79 -4.88 -6.36
N GLU A 47 3.64 -3.93 -6.80
CA GLU A 47 5.11 -4.11 -6.80
C GLU A 47 5.66 -4.07 -5.38
N VAL A 48 5.31 -3.01 -4.63
CA VAL A 48 5.75 -2.84 -3.25
C VAL A 48 5.09 -3.91 -2.34
N ALA A 49 3.88 -4.34 -2.74
CA ALA A 49 3.06 -5.27 -1.95
C ALA A 49 3.57 -6.71 -2.11
N GLU A 50 3.92 -7.08 -3.35
CA GLU A 50 4.46 -8.42 -3.68
C GLU A 50 5.87 -8.57 -3.08
N ALA A 51 6.57 -7.43 -2.98
CA ALA A 51 7.88 -7.36 -2.34
C ALA A 51 7.75 -7.70 -0.83
N LEU A 52 6.90 -6.93 -0.12
CA LEU A 52 6.68 -7.09 1.35
C LEU A 52 6.10 -8.49 1.70
N ALA A 53 5.14 -8.98 0.88
CA ALA A 53 4.50 -10.30 1.06
C ALA A 53 5.42 -11.45 0.59
N GLY A 54 6.36 -11.12 -0.31
CA GLY A 54 7.29 -12.09 -0.89
C GLY A 54 8.67 -12.06 -0.25
N ASP A 55 8.75 -11.53 1.00
CA ASP A 55 9.94 -11.64 1.88
C ASP A 55 11.15 -10.79 1.38
N ASP A 56 10.90 -9.87 0.43
CA ASP A 56 11.95 -9.00 -0.14
C ASP A 56 12.51 -8.04 0.91
N ARG A 57 13.83 -8.09 1.07
CA ARG A 57 14.60 -7.13 1.86
C ARG A 57 15.05 -5.94 0.98
N GLU A 58 15.52 -6.26 -0.23
CA GLU A 58 16.37 -5.35 -1.03
C GLU A 58 15.64 -4.10 -1.55
N LYS A 59 14.54 -4.30 -2.30
CA LYS A 59 13.81 -3.18 -2.95
C LYS A 59 13.14 -2.29 -1.92
N VAL A 60 12.44 -2.90 -0.95
CA VAL A 60 11.65 -2.15 0.05
C VAL A 60 12.54 -1.31 0.99
N ALA A 61 13.71 -1.87 1.40
CA ALA A 61 14.68 -1.14 2.23
C ALA A 61 15.28 0.04 1.44
N ALA A 62 15.52 -0.19 0.13
CA ALA A 62 16.01 0.84 -0.80
C ALA A 62 14.93 1.93 -1.06
N TRP A 63 13.65 1.53 -0.99
CA TRP A 63 12.51 2.43 -1.22
C TRP A 63 12.24 3.32 0.01
N LEU A 64 12.46 2.75 1.21
CA LEU A 64 12.36 3.49 2.49
C LEU A 64 13.57 4.43 2.65
N SER A 65 14.74 4.00 2.16
CA SER A 65 15.98 4.78 2.23
C SER A 65 16.00 5.93 1.20
N GLY A 66 15.42 5.68 0.03
CA GLY A 66 15.39 6.66 -1.05
C GLY A 66 14.88 6.06 -2.36
N GLY A 67 13.56 5.81 -2.42
CA GLY A 67 12.91 5.26 -3.61
C GLY A 67 11.56 5.90 -3.84
N GLY A 68 10.67 5.80 -2.83
CA GLY A 68 9.33 6.38 -2.91
C GLY A 68 8.29 5.60 -2.11
N LEU A 69 8.73 4.94 -1.03
CA LEU A 69 7.85 4.16 -0.14
C LEU A 69 8.27 4.46 1.29
N SER A 70 7.37 5.07 2.06
CA SER A 70 7.61 5.39 3.48
C SER A 70 6.29 5.37 4.24
N LYS A 71 6.36 5.13 5.56
CA LYS A 71 5.17 5.11 6.42
C LYS A 71 4.43 6.45 6.39
N VAL A 72 3.11 6.40 6.53
CA VAL A 72 2.27 7.59 6.54
C VAL A 72 2.37 8.28 7.91
N GLY A 73 3.24 9.29 7.98
CA GLY A 73 3.37 10.16 9.14
C GLY A 73 2.20 11.16 9.22
N GLU A 74 2.21 12.03 10.23
CA GLU A 74 1.11 12.99 10.49
C GLU A 74 0.95 14.02 9.33
N ASP A 75 2.07 14.31 8.66
CA ASP A 75 2.10 15.22 7.49
C ASP A 75 1.36 14.59 6.30
N ALA A 76 1.75 13.34 5.98
CA ALA A 76 1.12 12.54 4.91
C ALA A 76 -0.34 12.19 5.27
N ALA A 77 -0.62 12.09 6.58
CA ALA A 77 -1.95 11.76 7.11
C ALA A 77 -2.97 12.86 6.81
N LYS A 78 -2.59 14.10 7.15
CA LYS A 78 -3.40 15.30 6.86
C LYS A 78 -3.54 15.48 5.34
N ASP A 79 -2.46 15.15 4.62
CA ASP A 79 -2.40 15.30 3.15
C ASP A 79 -3.45 14.44 2.46
N PHE A 80 -3.43 13.12 2.76
CA PHE A 80 -4.39 12.13 2.21
C PHE A 80 -5.84 12.47 2.62
N LEU A 81 -6.01 13.01 3.84
CA LEU A 81 -7.34 13.44 4.35
C LEU A 81 -7.87 14.60 3.49
N GLU A 82 -6.99 15.55 3.16
CA GLU A 82 -7.33 16.74 2.36
C GLU A 82 -7.21 16.49 0.85
N ARG A 83 -6.68 15.30 0.46
CA ARG A 83 -6.43 14.97 -0.95
C ARG A 83 -7.76 14.60 -1.64
N ASP A 84 -8.14 13.31 -1.69
CA ASP A 84 -9.37 12.88 -2.39
C ASP A 84 -10.63 12.93 -1.46
N PRO A 85 -10.63 12.37 -0.17
CA PRO A 85 -9.57 11.50 0.45
C PRO A 85 -9.60 10.02 0.00
N THR A 86 -10.65 9.67 -0.76
CA THR A 86 -10.82 8.37 -1.46
C THR A 86 -9.49 7.83 -2.07
N LEU A 87 -9.03 6.66 -1.62
CA LEU A 87 -7.71 6.12 -2.03
C LEU A 87 -7.71 4.59 -2.05
N TRP A 88 -6.76 4.04 -2.80
CA TRP A 88 -6.61 2.60 -3.02
C TRP A 88 -5.71 1.98 -1.93
N ALA A 89 -6.34 1.23 -1.02
CA ALA A 89 -5.67 0.56 0.10
C ALA A 89 -5.59 -0.96 -0.16
N VAL A 90 -4.37 -1.52 -0.11
CA VAL A 90 -4.11 -2.97 -0.25
C VAL A 90 -3.45 -3.51 1.04
N VAL A 91 -4.14 -4.46 1.71
CA VAL A 91 -3.61 -5.08 2.93
C VAL A 91 -2.60 -6.18 2.54
N VAL A 92 -1.33 -5.95 2.90
CA VAL A 92 -0.21 -6.87 2.64
C VAL A 92 0.09 -7.68 3.92
N ALA A 93 0.92 -8.75 3.80
CA ALA A 93 1.27 -9.66 4.90
C ALA A 93 1.77 -8.93 6.20
N PRO A 94 2.84 -8.03 6.16
CA PRO A 94 3.32 -7.33 7.37
C PRO A 94 2.38 -6.17 7.80
N TRP A 95 2.01 -5.32 6.83
CA TRP A 95 1.21 -4.09 7.05
C TRP A 95 0.39 -3.74 5.80
N VAL A 96 -0.52 -2.78 5.93
CA VAL A 96 -1.32 -2.25 4.79
C VAL A 96 -0.56 -1.09 4.12
N VAL A 97 -0.66 -1.01 2.78
CA VAL A 97 0.01 0.02 1.95
C VAL A 97 -1.05 0.71 1.07
N ILE A 98 -0.88 2.02 0.81
CA ILE A 98 -1.87 2.86 0.09
C ILE A 98 -1.20 3.70 -1.01
N GLN A 99 -2.06 4.20 -1.91
CA GLN A 99 -1.72 5.22 -2.91
C GLN A 99 -2.99 6.03 -3.21
N GLU A 100 -2.83 7.33 -3.52
CA GLU A 100 -3.95 8.26 -3.77
C GLU A 100 -4.70 7.87 -5.06
N ARG A 101 -5.98 8.29 -5.15
CA ARG A 101 -6.79 8.08 -6.36
C ARG A 101 -6.52 9.22 -7.38
N ALA A 102 -6.03 10.38 -6.89
CA ALA A 102 -5.54 11.48 -7.75
C ALA A 102 -4.32 11.03 -8.57
N GLU A 103 -4.60 10.28 -9.64
CA GLU A 103 -3.59 9.69 -10.51
C GLU A 103 -3.16 10.75 -11.53
N LYS A 104 -2.21 11.58 -11.11
CA LYS A 104 -1.63 12.64 -11.94
C LYS A 104 -0.62 12.05 -12.95
N ALA A 105 -0.03 10.91 -12.56
CA ALA A 105 0.92 10.16 -13.40
C ALA A 105 0.20 9.56 -14.64
N THR A 106 0.06 10.39 -15.69
CA THR A 106 -0.55 9.99 -16.98
C THR A 106 0.52 9.42 -17.93
N LEU A 107 1.78 9.86 -17.73
CA LEU A 107 2.94 9.45 -18.53
C LEU A 107 3.69 8.28 -17.87
N HIS A 108 2.97 7.52 -17.02
CA HIS A 108 3.49 6.35 -16.26
C HIS A 108 4.66 6.77 -15.33
N GLY A 1 -2.39 -36.58 8.10
CA GLY A 1 -1.58 -36.61 6.85
C GLY A 1 -2.30 -35.92 5.70
N SER A 2 -1.54 -35.11 4.92
CA SER A 2 -2.05 -34.33 3.77
C SER A 2 -3.17 -33.35 4.22
N HIS A 3 -2.87 -32.58 5.31
CA HIS A 3 -3.84 -31.60 5.90
C HIS A 3 -4.20 -30.49 4.89
N MET A 4 -3.23 -30.20 3.98
CA MET A 4 -3.38 -29.21 2.93
C MET A 4 -4.42 -29.68 1.91
N THR A 5 -5.68 -29.27 2.15
CA THR A 5 -6.82 -29.58 1.29
C THR A 5 -7.14 -28.32 0.44
N GLU A 6 -7.67 -27.29 1.10
CA GLU A 6 -8.04 -26.00 0.48
C GLU A 6 -7.69 -24.85 1.44
N GLN A 7 -7.71 -23.61 0.90
CA GLN A 7 -7.54 -22.35 1.68
C GLN A 7 -6.16 -22.22 2.36
N THR A 8 -5.17 -23.03 1.91
CA THR A 8 -3.80 -23.01 2.48
C THR A 8 -3.01 -21.79 2.01
N SER A 9 -3.34 -21.33 0.79
CA SER A 9 -2.76 -20.13 0.18
C SER A 9 -3.32 -18.86 0.86
N THR A 10 -2.79 -18.56 2.07
CA THR A 10 -3.27 -17.46 2.92
C THR A 10 -2.87 -16.10 2.33
N LEU A 11 -1.55 -15.87 2.15
CA LEU A 11 -1.01 -14.63 1.57
C LEU A 11 -1.44 -14.51 0.10
N TYR A 12 -1.32 -15.63 -0.64
CA TYR A 12 -1.60 -15.67 -2.09
C TYR A 12 -3.02 -15.17 -2.40
N ALA A 13 -4.02 -15.70 -1.68
CA ALA A 13 -5.44 -15.34 -1.87
C ALA A 13 -5.70 -13.85 -1.53
N LYS A 14 -5.01 -13.36 -0.49
CA LYS A 14 -5.11 -11.94 -0.06
C LYS A 14 -4.38 -11.00 -1.03
N LEU A 15 -3.39 -11.55 -1.75
CA LEU A 15 -2.63 -10.81 -2.78
C LEU A 15 -3.46 -10.75 -4.08
N LEU A 16 -4.32 -11.78 -4.31
CA LEU A 16 -5.20 -11.85 -5.49
C LEU A 16 -6.26 -10.74 -5.44
N GLY A 17 -6.00 -9.69 -6.21
CA GLY A 17 -6.83 -8.50 -6.27
C GLY A 17 -6.04 -7.35 -6.86
N GLU A 18 -6.71 -6.49 -7.64
CA GLU A 18 -6.08 -5.35 -8.31
C GLU A 18 -5.72 -4.28 -7.26
N THR A 19 -6.75 -3.51 -6.82
CA THR A 19 -6.64 -2.56 -5.70
C THR A 19 -8.00 -2.49 -4.98
N ALA A 20 -7.96 -2.26 -3.66
CA ALA A 20 -9.18 -2.10 -2.84
C ALA A 20 -9.35 -0.61 -2.48
N VAL A 21 -10.38 0.03 -3.03
CA VAL A 21 -10.69 1.44 -2.79
C VAL A 21 -11.47 1.57 -1.47
N ILE A 22 -10.82 2.08 -0.43
CA ILE A 22 -11.43 2.23 0.91
C ILE A 22 -11.39 3.72 1.32
N SER A 23 -12.26 4.10 2.27
CA SER A 23 -12.24 5.42 2.90
C SER A 23 -10.94 5.62 3.71
N TRP A 24 -10.30 6.79 3.53
CA TRP A 24 -9.08 7.18 4.25
C TRP A 24 -9.28 7.15 5.78
N ALA A 25 -10.45 7.58 6.25
CA ALA A 25 -10.75 7.71 7.67
C ALA A 25 -10.79 6.35 8.41
N GLU A 26 -10.96 5.26 7.64
CA GLU A 26 -10.89 3.88 8.18
C GLU A 26 -9.43 3.46 8.43
N LEU A 27 -8.50 4.15 7.75
CA LEU A 27 -7.05 3.86 7.82
C LEU A 27 -6.37 4.71 8.91
N GLN A 28 -7.14 5.59 9.60
CA GLN A 28 -6.64 6.42 10.72
C GLN A 28 -6.04 5.57 11.88
N PRO A 29 -6.69 4.45 12.39
CA PRO A 29 -6.07 3.58 13.42
C PRO A 29 -4.80 2.88 12.90
N PHE A 30 -4.78 2.58 11.59
CA PHE A 30 -3.65 1.90 10.93
C PHE A 30 -2.44 2.83 10.80
N PHE A 31 -2.67 4.13 10.52
CA PHE A 31 -1.60 5.14 10.49
C PHE A 31 -1.08 5.40 11.91
N ALA A 32 -2.01 5.43 12.89
CA ALA A 32 -1.72 5.72 14.30
C ALA A 32 -0.80 4.66 14.94
N ARG A 33 -1.02 3.38 14.56
CA ARG A 33 -0.19 2.26 15.03
C ARG A 33 1.07 2.10 14.16
N GLY A 34 1.01 2.62 12.90
CA GLY A 34 2.15 2.56 11.96
C GLY A 34 2.04 1.45 10.92
N ALA A 35 0.89 0.75 10.91
CA ALA A 35 0.62 -0.37 9.98
C ALA A 35 0.37 0.10 8.53
N LEU A 36 0.27 1.42 8.31
CA LEU A 36 0.15 2.00 6.95
C LEU A 36 1.53 2.28 6.38
N LEU A 37 1.77 1.79 5.17
CA LEU A 37 2.97 2.15 4.39
C LEU A 37 2.55 3.10 3.25
N GLN A 38 3.28 4.22 3.10
CA GLN A 38 3.02 5.23 2.06
C GLN A 38 3.76 4.84 0.78
N VAL A 39 2.98 4.42 -0.23
CA VAL A 39 3.46 4.18 -1.58
C VAL A 39 3.21 5.45 -2.41
N ASP A 40 4.26 5.96 -3.05
CA ASP A 40 4.19 7.18 -3.87
C ASP A 40 3.47 6.87 -5.22
N ALA A 41 2.90 7.91 -5.83
CA ALA A 41 2.24 7.82 -7.16
C ALA A 41 3.25 7.47 -8.28
N ALA A 42 4.55 7.72 -8.02
CA ALA A 42 5.65 7.36 -8.95
C ALA A 42 6.02 5.88 -8.87
N LEU A 43 5.62 5.22 -7.76
CA LEU A 43 5.82 3.77 -7.56
C LEU A 43 4.58 3.01 -8.12
N ASP A 44 4.27 1.83 -7.56
CA ASP A 44 3.00 1.14 -7.84
C ASP A 44 2.64 0.32 -6.62
N LEU A 45 1.37 0.44 -6.19
CA LEU A 45 0.86 -0.17 -4.96
C LEU A 45 1.11 -1.70 -4.93
N VAL A 46 0.95 -2.35 -6.10
CA VAL A 46 1.04 -3.81 -6.24
C VAL A 46 2.50 -4.30 -6.18
N GLU A 47 3.42 -3.60 -6.87
CA GLU A 47 4.86 -4.02 -6.92
C GLU A 47 5.54 -3.82 -5.54
N VAL A 48 4.98 -2.90 -4.74
CA VAL A 48 5.41 -2.66 -3.35
C VAL A 48 4.80 -3.73 -2.42
N ALA A 49 3.51 -4.05 -2.67
CA ALA A 49 2.73 -5.01 -1.87
C ALA A 49 3.34 -6.42 -1.96
N GLU A 50 3.68 -6.83 -3.20
CA GLU A 50 4.24 -8.17 -3.49
C GLU A 50 5.68 -8.30 -2.98
N ALA A 51 6.39 -7.16 -2.87
CA ALA A 51 7.75 -7.10 -2.29
C ALA A 51 7.71 -7.40 -0.79
N LEU A 52 6.81 -6.69 -0.08
CA LEU A 52 6.58 -6.86 1.38
C LEU A 52 5.88 -8.21 1.68
N ALA A 53 5.21 -8.77 0.66
CA ALA A 53 4.61 -10.12 0.71
C ALA A 53 5.66 -11.20 0.43
N GLY A 54 6.63 -10.83 -0.42
CA GLY A 54 7.72 -11.71 -0.82
C GLY A 54 8.93 -11.60 0.11
N ASP A 55 8.76 -10.86 1.24
CA ASP A 55 9.74 -10.76 2.34
C ASP A 55 11.04 -10.02 1.89
N ASP A 56 10.97 -9.36 0.72
CA ASP A 56 12.07 -8.58 0.15
C ASP A 56 12.39 -7.38 1.05
N ARG A 57 13.65 -7.29 1.49
CA ARG A 57 14.19 -6.12 2.19
C ARG A 57 14.83 -5.14 1.20
N GLU A 58 15.37 -5.64 0.07
CA GLU A 58 16.34 -4.88 -0.75
C GLU A 58 15.65 -3.75 -1.55
N LYS A 59 14.65 -4.11 -2.36
CA LYS A 59 13.94 -3.16 -3.25
C LYS A 59 13.08 -2.18 -2.42
N VAL A 60 12.49 -2.76 -1.36
CA VAL A 60 11.75 -2.01 -0.33
C VAL A 60 12.66 -0.93 0.31
N ALA A 61 13.84 -1.35 0.79
CA ALA A 61 14.81 -0.46 1.46
C ALA A 61 15.39 0.58 0.49
N ALA A 62 15.43 0.22 -0.81
CA ALA A 62 15.84 1.13 -1.88
C ALA A 62 14.82 2.28 -2.04
N TRP A 63 13.53 1.95 -1.85
CA TRP A 63 12.44 2.94 -1.85
C TRP A 63 12.44 3.78 -0.55
N LEU A 64 12.85 3.17 0.58
CA LEU A 64 12.99 3.88 1.88
C LEU A 64 14.20 4.85 1.83
N SER A 65 15.25 4.45 1.10
CA SER A 65 16.50 5.21 0.99
C SER A 65 16.36 6.33 -0.07
N GLY A 66 15.61 6.04 -1.14
CA GLY A 66 15.42 6.99 -2.24
C GLY A 66 14.53 6.41 -3.33
N GLY A 67 13.20 6.45 -3.10
CA GLY A 67 12.23 5.94 -4.07
C GLY A 67 10.85 6.53 -3.86
N GLY A 68 10.29 6.33 -2.66
CA GLY A 68 8.98 6.89 -2.30
C GLY A 68 8.14 6.00 -1.40
N LEU A 69 8.80 5.16 -0.59
CA LEU A 69 8.12 4.26 0.37
C LEU A 69 8.64 4.55 1.77
N SER A 70 7.70 4.68 2.71
CA SER A 70 7.95 4.91 4.15
C SER A 70 6.71 4.47 4.93
N LYS A 71 6.68 4.68 6.25
CA LYS A 71 5.44 4.54 7.04
C LYS A 71 4.68 5.88 7.01
N VAL A 72 3.34 5.80 7.10
CA VAL A 72 2.49 6.99 7.12
C VAL A 72 2.56 7.66 8.50
N GLY A 73 3.27 8.80 8.55
CA GLY A 73 3.27 9.69 9.70
C GLY A 73 2.16 10.73 9.59
N GLU A 74 2.22 11.75 10.46
CA GLU A 74 1.20 12.82 10.52
C GLU A 74 1.22 13.71 9.26
N ASP A 75 2.43 13.92 8.71
CA ASP A 75 2.65 14.68 7.45
C ASP A 75 1.98 13.96 6.27
N ALA A 76 2.26 12.65 6.16
CA ALA A 76 1.68 11.78 5.11
C ALA A 76 0.16 11.70 5.26
N ALA A 77 -0.29 11.65 6.52
CA ALA A 77 -1.72 11.55 6.86
C ALA A 77 -2.48 12.81 6.41
N LYS A 78 -1.85 13.99 6.58
CA LYS A 78 -2.40 15.29 6.12
C LYS A 78 -2.56 15.31 4.59
N ASP A 79 -1.60 14.69 3.90
CA ASP A 79 -1.51 14.74 2.43
C ASP A 79 -2.63 13.90 1.78
N PHE A 80 -2.73 12.63 2.23
CA PHE A 80 -3.79 11.70 1.78
C PHE A 80 -5.20 12.18 2.18
N LEU A 81 -5.31 12.86 3.33
CA LEU A 81 -6.59 13.41 3.87
C LEU A 81 -7.12 14.53 2.95
N GLU A 82 -6.20 15.29 2.37
CA GLU A 82 -6.52 16.43 1.50
C GLU A 82 -6.49 16.08 0.00
N ARG A 83 -5.98 14.88 -0.34
CA ARG A 83 -5.76 14.50 -1.75
C ARG A 83 -7.10 14.24 -2.48
N ASP A 84 -7.59 12.99 -2.45
CA ASP A 84 -8.87 12.61 -3.09
C ASP A 84 -10.10 12.81 -2.15
N PRO A 85 -10.10 12.43 -0.79
CA PRO A 85 -9.04 11.65 -0.06
C PRO A 85 -9.08 10.12 -0.31
N THR A 86 -10.20 9.67 -0.91
CA THR A 86 -10.46 8.28 -1.32
C THR A 86 -9.21 7.66 -1.98
N LEU A 87 -8.75 6.49 -1.53
CA LEU A 87 -7.45 5.94 -2.00
C LEU A 87 -7.47 4.41 -2.02
N TRP A 88 -6.43 3.86 -2.65
CA TRP A 88 -6.25 2.43 -2.82
C TRP A 88 -5.40 1.89 -1.68
N ALA A 89 -6.01 1.06 -0.82
CA ALA A 89 -5.31 0.35 0.26
C ALA A 89 -5.45 -1.16 0.03
N VAL A 90 -4.33 -1.87 -0.08
CA VAL A 90 -4.31 -3.35 -0.18
C VAL A 90 -3.51 -3.90 1.00
N VAL A 91 -4.10 -4.88 1.70
CA VAL A 91 -3.52 -5.45 2.93
C VAL A 91 -2.58 -6.62 2.58
N VAL A 92 -1.32 -6.46 3.00
CA VAL A 92 -0.28 -7.50 2.92
C VAL A 92 -0.31 -8.32 4.24
N ALA A 93 0.37 -9.49 4.28
CA ALA A 93 0.39 -10.38 5.47
C ALA A 93 0.75 -9.66 6.82
N PRO A 94 1.88 -8.86 6.93
CA PRO A 94 2.22 -8.15 8.20
C PRO A 94 1.41 -6.84 8.39
N TRP A 95 1.33 -6.04 7.31
CA TRP A 95 0.84 -4.64 7.35
C TRP A 95 0.09 -4.30 6.06
N VAL A 96 -0.55 -3.12 6.03
CA VAL A 96 -1.34 -2.64 4.88
C VAL A 96 -0.63 -1.46 4.20
N VAL A 97 -0.47 -1.54 2.87
CA VAL A 97 0.14 -0.49 2.05
C VAL A 97 -0.96 0.33 1.36
N ILE A 98 -0.73 1.65 1.20
CA ILE A 98 -1.69 2.59 0.58
C ILE A 98 -1.01 3.42 -0.50
N GLN A 99 -1.80 3.86 -1.47
CA GLN A 99 -1.40 4.79 -2.54
C GLN A 99 -2.61 5.63 -2.88
N GLU A 100 -2.39 6.93 -3.14
CA GLU A 100 -3.47 7.85 -3.52
C GLU A 100 -4.16 7.38 -4.82
N ARG A 101 -5.47 7.65 -4.91
CA ARG A 101 -6.31 7.22 -6.03
C ARG A 101 -5.82 7.94 -7.30
N ALA A 102 -5.79 9.30 -7.22
CA ALA A 102 -5.13 10.19 -8.19
C ALA A 102 -5.42 9.87 -9.68
N GLU A 103 -6.69 9.55 -9.95
CA GLU A 103 -7.17 9.20 -11.31
C GLU A 103 -6.97 10.37 -12.28
N LYS A 104 -7.24 11.59 -11.76
CA LYS A 104 -7.17 12.88 -12.50
C LYS A 104 -8.38 13.08 -13.45
N ALA A 105 -9.13 11.99 -13.73
CA ALA A 105 -10.39 12.04 -14.50
C ALA A 105 -11.58 12.39 -13.58
N THR A 106 -11.28 12.98 -12.39
CA THR A 106 -12.27 13.46 -11.39
C THR A 106 -13.01 12.26 -10.70
N LEU A 107 -12.53 11.04 -10.98
CA LEU A 107 -13.12 9.79 -10.46
C LEU A 107 -12.32 9.40 -9.19
N HIS A 108 -13.03 9.22 -8.06
CA HIS A 108 -12.41 8.88 -6.76
C HIS A 108 -12.99 7.52 -6.28
N GLY A 1 -15.30 -9.63 15.87
CA GLY A 1 -13.94 -9.81 15.33
C GLY A 1 -13.90 -9.62 13.83
N SER A 2 -12.78 -9.09 13.31
CA SER A 2 -12.59 -8.85 11.86
C SER A 2 -12.19 -10.15 11.14
N HIS A 3 -12.23 -10.11 9.79
CA HIS A 3 -11.84 -11.25 8.94
C HIS A 3 -10.32 -11.44 8.98
N MET A 4 -9.87 -12.33 9.89
CA MET A 4 -8.46 -12.70 10.05
C MET A 4 -8.01 -13.52 8.82
N THR A 5 -7.48 -12.82 7.80
CA THR A 5 -7.03 -13.43 6.55
C THR A 5 -5.76 -14.27 6.80
N GLU A 6 -5.82 -15.55 6.39
CA GLU A 6 -4.74 -16.52 6.57
C GLU A 6 -3.74 -16.40 5.39
N GLN A 7 -2.45 -16.28 5.74
CA GLN A 7 -1.36 -16.09 4.78
C GLN A 7 -1.08 -17.40 4.04
N THR A 8 -1.80 -17.61 2.92
CA THR A 8 -1.76 -18.85 2.12
C THR A 8 -1.66 -18.53 0.62
N SER A 9 -1.81 -19.56 -0.24
CA SER A 9 -1.82 -19.44 -1.71
C SER A 9 -2.95 -18.49 -2.22
N THR A 10 -4.01 -18.34 -1.40
CA THR A 10 -5.15 -17.46 -1.73
C THR A 10 -4.72 -15.99 -1.86
N LEU A 11 -3.66 -15.61 -1.12
CA LEU A 11 -3.12 -14.24 -1.11
C LEU A 11 -2.53 -13.85 -2.48
N TYR A 12 -2.08 -14.85 -3.27
CA TYR A 12 -1.63 -14.63 -4.65
C TYR A 12 -2.80 -14.11 -5.50
N ALA A 13 -3.91 -14.88 -5.51
CA ALA A 13 -5.13 -14.53 -6.26
C ALA A 13 -5.79 -13.22 -5.74
N LYS A 14 -5.55 -12.93 -4.45
CA LYS A 14 -6.10 -11.76 -3.76
C LYS A 14 -5.36 -10.47 -4.18
N LEU A 15 -4.02 -10.46 -4.02
CA LEU A 15 -3.16 -9.32 -4.40
C LEU A 15 -3.16 -9.07 -5.92
N LEU A 16 -3.10 -10.18 -6.69
CA LEU A 16 -3.15 -10.14 -8.18
C LEU A 16 -4.59 -9.95 -8.68
N GLY A 17 -5.56 -9.95 -7.76
CA GLY A 17 -6.96 -9.64 -8.07
C GLY A 17 -7.14 -8.19 -8.50
N GLU A 18 -7.17 -7.28 -7.52
CA GLU A 18 -7.32 -5.84 -7.76
C GLU A 18 -6.94 -5.02 -6.51
N THR A 19 -6.97 -3.69 -6.66
CA THR A 19 -6.72 -2.73 -5.59
C THR A 19 -8.06 -2.27 -4.98
N ALA A 20 -8.16 -2.29 -3.63
CA ALA A 20 -9.38 -1.92 -2.92
C ALA A 20 -9.44 -0.39 -2.72
N VAL A 21 -10.40 0.25 -3.41
CA VAL A 21 -10.62 1.71 -3.33
C VAL A 21 -11.47 1.98 -2.06
N ILE A 22 -10.90 2.71 -1.09
CA ILE A 22 -11.51 2.89 0.24
C ILE A 22 -11.37 4.35 0.70
N SER A 23 -12.22 4.75 1.66
CA SER A 23 -12.13 6.05 2.33
C SER A 23 -10.90 6.08 3.25
N TRP A 24 -10.14 7.19 3.19
CA TRP A 24 -8.92 7.38 4.00
C TRP A 24 -9.22 7.28 5.52
N ALA A 25 -10.40 7.76 5.95
CA ALA A 25 -10.78 7.83 7.36
C ALA A 25 -10.85 6.44 8.05
N GLU A 26 -10.99 5.38 7.23
CA GLU A 26 -10.96 3.99 7.69
C GLU A 26 -9.53 3.54 8.06
N LEU A 27 -8.54 4.20 7.44
CA LEU A 27 -7.10 3.90 7.62
C LEU A 27 -6.48 4.76 8.74
N GLN A 28 -7.32 5.55 9.43
CA GLN A 28 -6.89 6.37 10.58
C GLN A 28 -6.34 5.53 11.76
N PRO A 29 -6.96 4.37 12.19
CA PRO A 29 -6.34 3.47 13.22
C PRO A 29 -5.04 2.82 12.70
N PHE A 30 -4.93 2.62 11.38
CA PHE A 30 -3.79 1.93 10.74
C PHE A 30 -2.51 2.78 10.80
N PHE A 31 -2.60 4.11 10.51
CA PHE A 31 -1.41 5.01 10.61
C PHE A 31 -1.11 5.34 12.08
N ALA A 32 -2.17 5.46 12.90
CA ALA A 32 -2.07 5.88 14.32
C ALA A 32 -1.31 4.83 15.16
N ARG A 33 -1.47 3.54 14.81
CA ARG A 33 -0.69 2.44 15.40
C ARG A 33 0.69 2.30 14.70
N GLY A 34 0.76 2.78 13.45
CA GLY A 34 2.01 2.81 12.67
C GLY A 34 2.13 1.67 11.65
N ALA A 35 1.07 0.86 11.50
CA ALA A 35 1.06 -0.34 10.62
C ALA A 35 0.63 0.02 9.18
N LEU A 36 0.81 1.28 8.79
CA LEU A 36 0.46 1.79 7.45
C LEU A 36 1.74 2.21 6.72
N LEU A 37 1.89 1.74 5.47
CA LEU A 37 3.00 2.08 4.57
C LEU A 37 2.46 2.93 3.41
N GLN A 38 3.13 4.05 3.14
CA GLN A 38 2.86 4.92 2.00
C GLN A 38 3.69 4.46 0.80
N VAL A 39 3.11 4.49 -0.40
CA VAL A 39 3.83 4.33 -1.66
C VAL A 39 3.39 5.43 -2.63
N ASP A 40 4.33 5.86 -3.47
CA ASP A 40 4.14 6.96 -4.42
C ASP A 40 3.39 6.46 -5.67
N ALA A 41 2.70 7.38 -6.36
CA ALA A 41 1.85 7.07 -7.53
C ALA A 41 2.67 6.50 -8.71
N ALA A 42 3.96 6.90 -8.80
CA ALA A 42 4.87 6.46 -9.89
C ALA A 42 5.21 4.96 -9.80
N LEU A 43 5.19 4.42 -8.56
CA LEU A 43 5.43 2.98 -8.30
C LEU A 43 4.10 2.19 -8.40
N ASP A 44 4.11 0.90 -8.00
CA ASP A 44 2.94 0.02 -8.15
C ASP A 44 2.62 -0.72 -6.84
N LEU A 45 1.33 -0.77 -6.47
CA LEU A 45 0.85 -1.43 -5.25
C LEU A 45 1.15 -2.93 -5.22
N VAL A 46 0.99 -3.62 -6.36
CA VAL A 46 1.10 -5.09 -6.42
C VAL A 46 2.55 -5.53 -6.15
N GLU A 47 3.53 -4.82 -6.76
CA GLU A 47 4.96 -5.18 -6.65
C GLU A 47 5.55 -4.79 -5.29
N VAL A 48 5.11 -3.65 -4.71
CA VAL A 48 5.60 -3.18 -3.39
C VAL A 48 5.03 -4.08 -2.28
N ALA A 49 3.78 -4.53 -2.48
CA ALA A 49 3.09 -5.44 -1.55
C ALA A 49 3.65 -6.86 -1.67
N GLU A 50 4.06 -7.25 -2.89
CA GLU A 50 4.68 -8.57 -3.15
C GLU A 50 6.11 -8.62 -2.59
N ALA A 51 6.77 -7.44 -2.55
CA ALA A 51 8.11 -7.30 -1.95
C ALA A 51 8.01 -7.35 -0.41
N LEU A 52 6.96 -6.71 0.15
CA LEU A 52 6.70 -6.68 1.61
C LEU A 52 6.06 -8.00 2.10
N ALA A 53 5.42 -8.75 1.20
CA ALA A 53 4.91 -10.13 1.47
C ALA A 53 6.02 -11.17 1.27
N GLY A 54 6.85 -10.92 0.26
CA GLY A 54 7.93 -11.84 -0.16
C GLY A 54 9.27 -11.56 0.49
N ASP A 55 9.24 -10.77 1.60
CA ASP A 55 10.40 -10.57 2.51
C ASP A 55 11.56 -9.77 1.86
N ASP A 56 11.32 -9.22 0.64
CA ASP A 56 12.33 -8.46 -0.10
C ASP A 56 12.55 -7.08 0.55
N ARG A 57 13.70 -6.94 1.21
CA ARG A 57 14.13 -5.69 1.85
C ARG A 57 14.68 -4.71 0.79
N GLU A 58 15.35 -5.25 -0.24
CA GLU A 58 16.23 -4.48 -1.16
C GLU A 58 15.47 -3.41 -1.97
N LYS A 59 14.33 -3.76 -2.58
CA LYS A 59 13.50 -2.80 -3.35
C LYS A 59 12.87 -1.76 -2.41
N VAL A 60 12.20 -2.24 -1.35
CA VAL A 60 11.40 -1.37 -0.47
C VAL A 60 12.28 -0.37 0.29
N ALA A 61 13.48 -0.82 0.71
CA ALA A 61 14.45 0.03 1.44
C ALA A 61 15.17 1.00 0.49
N ALA A 62 15.28 0.60 -0.79
CA ALA A 62 15.77 1.51 -1.85
C ALA A 62 14.79 2.68 -2.04
N TRP A 63 13.48 2.35 -1.97
CA TRP A 63 12.39 3.34 -2.06
C TRP A 63 12.25 4.15 -0.75
N LEU A 64 12.60 3.54 0.39
CA LEU A 64 12.61 4.20 1.73
C LEU A 64 13.75 5.25 1.80
N SER A 65 14.91 4.87 1.24
CA SER A 65 16.12 5.73 1.22
C SER A 65 16.03 6.79 0.10
N GLY A 66 15.08 6.61 -0.84
CA GLY A 66 14.84 7.58 -1.90
C GLY A 66 14.40 6.92 -3.18
N GLY A 67 13.08 6.66 -3.30
CA GLY A 67 12.48 6.07 -4.50
C GLY A 67 10.98 6.30 -4.59
N GLY A 68 10.30 6.19 -3.43
CA GLY A 68 8.89 6.55 -3.30
C GLY A 68 8.09 5.61 -2.41
N LEU A 69 8.66 5.27 -1.24
CA LEU A 69 7.96 4.45 -0.23
C LEU A 69 8.39 4.95 1.15
N SER A 70 7.44 4.97 2.08
CA SER A 70 7.59 5.47 3.45
C SER A 70 6.58 4.76 4.34
N LYS A 71 6.61 5.04 5.64
CA LYS A 71 5.51 4.68 6.57
C LYS A 71 4.66 5.93 6.80
N VAL A 72 3.35 5.75 6.98
CA VAL A 72 2.41 6.87 7.13
C VAL A 72 2.44 7.40 8.57
N GLY A 73 3.24 8.47 8.77
CA GLY A 73 3.25 9.23 10.03
C GLY A 73 2.09 10.20 10.10
N GLU A 74 2.06 11.04 11.16
CA GLU A 74 0.98 12.03 11.37
C GLU A 74 0.89 13.05 10.21
N ASP A 75 2.06 13.47 9.71
CA ASP A 75 2.17 14.46 8.61
C ASP A 75 1.75 13.83 7.26
N ALA A 76 2.26 12.61 6.99
CA ALA A 76 1.92 11.83 5.77
C ALA A 76 0.44 11.46 5.75
N ALA A 77 -0.14 11.32 6.94
CA ALA A 77 -1.57 11.02 7.14
C ALA A 77 -2.45 12.19 6.68
N LYS A 78 -2.14 13.38 7.22
CA LYS A 78 -2.85 14.62 6.90
C LYS A 78 -2.61 15.04 5.43
N ASP A 79 -1.52 14.51 4.84
CA ASP A 79 -1.22 14.69 3.42
C ASP A 79 -2.28 13.99 2.56
N PHE A 80 -2.47 12.68 2.82
CA PHE A 80 -3.51 11.85 2.15
C PHE A 80 -4.93 12.37 2.45
N LEU A 81 -5.13 12.90 3.67
CA LEU A 81 -6.42 13.45 4.11
C LEU A 81 -6.78 14.69 3.27
N GLU A 82 -5.79 15.55 3.01
CA GLU A 82 -5.96 16.77 2.21
C GLU A 82 -5.80 16.50 0.70
N ARG A 83 -5.39 15.26 0.33
CA ARG A 83 -5.12 14.91 -1.07
C ARG A 83 -6.43 14.63 -1.83
N ASP A 84 -6.91 13.37 -1.83
CA ASP A 84 -8.13 12.99 -2.58
C ASP A 84 -9.44 13.21 -1.75
N PRO A 85 -9.62 12.68 -0.47
CA PRO A 85 -8.69 11.77 0.28
C PRO A 85 -8.80 10.25 -0.07
N THR A 86 -9.89 9.85 -0.75
CA THR A 86 -10.14 8.44 -1.20
C THR A 86 -8.94 7.87 -1.98
N LEU A 87 -8.53 6.63 -1.65
CA LEU A 87 -7.28 6.06 -2.15
C LEU A 87 -7.33 4.53 -2.18
N TRP A 88 -6.33 3.95 -2.85
CA TRP A 88 -6.22 2.50 -3.05
C TRP A 88 -5.39 1.87 -1.91
N ALA A 89 -6.07 1.17 -1.00
CA ALA A 89 -5.43 0.44 0.11
C ALA A 89 -5.44 -1.07 -0.19
N VAL A 90 -4.25 -1.69 -0.14
CA VAL A 90 -4.08 -3.15 -0.27
C VAL A 90 -3.46 -3.70 1.03
N VAL A 91 -4.22 -4.58 1.71
CA VAL A 91 -3.81 -5.17 2.98
C VAL A 91 -2.87 -6.36 2.72
N VAL A 92 -1.57 -6.14 2.97
CA VAL A 92 -0.51 -7.15 2.84
C VAL A 92 -0.51 -8.03 4.11
N ALA A 93 0.21 -9.17 4.06
CA ALA A 93 0.30 -10.14 5.17
C ALA A 93 0.68 -9.50 6.56
N PRO A 94 1.79 -8.67 6.69
CA PRO A 94 2.17 -8.03 7.99
C PRO A 94 1.51 -6.64 8.25
N TRP A 95 1.28 -5.87 7.18
CA TRP A 95 0.79 -4.46 7.27
C TRP A 95 0.00 -4.09 6.01
N VAL A 96 -0.63 -2.91 5.99
CA VAL A 96 -1.36 -2.38 4.80
C VAL A 96 -0.50 -1.31 4.10
N VAL A 97 -0.55 -1.27 2.75
CA VAL A 97 0.13 -0.26 1.90
C VAL A 97 -0.92 0.51 1.08
N ILE A 98 -0.70 1.84 0.91
CA ILE A 98 -1.65 2.73 0.22
C ILE A 98 -0.96 3.56 -0.87
N GLN A 99 -1.71 3.81 -1.94
CA GLN A 99 -1.35 4.73 -3.02
C GLN A 99 -2.56 5.64 -3.28
N GLU A 100 -2.32 6.95 -3.40
CA GLU A 100 -3.36 7.96 -3.62
C GLU A 100 -4.07 7.75 -4.96
N ARG A 101 -5.41 7.93 -4.95
CA ARG A 101 -6.23 7.83 -6.16
C ARG A 101 -6.20 9.15 -6.96
N ALA A 102 -5.86 10.27 -6.27
CA ALA A 102 -5.65 11.58 -6.93
C ALA A 102 -4.40 11.54 -7.83
N GLU A 103 -4.59 11.02 -9.05
CA GLU A 103 -3.53 10.91 -10.08
C GLU A 103 -3.81 11.95 -11.18
N LYS A 104 -3.75 13.24 -10.78
CA LYS A 104 -4.00 14.41 -11.64
C LYS A 104 -5.44 14.37 -12.22
N ALA A 105 -6.34 15.15 -11.61
CA ALA A 105 -7.72 15.31 -12.10
C ALA A 105 -7.80 16.47 -13.10
N THR A 106 -8.53 16.25 -14.21
CA THR A 106 -8.80 17.31 -15.23
C THR A 106 -9.73 18.40 -14.65
N LEU A 107 -10.55 17.99 -13.67
CA LEU A 107 -11.39 18.90 -12.87
C LEU A 107 -10.67 19.15 -11.54
N HIS A 108 -9.99 20.30 -11.42
CA HIS A 108 -9.25 20.69 -10.21
C HIS A 108 -9.62 22.16 -9.86
N GLY A 1 -15.63 -3.74 -1.32
CA GLY A 1 -14.98 -5.06 -1.47
C GLY A 1 -15.74 -6.16 -0.74
N SER A 2 -15.06 -7.28 -0.46
CA SER A 2 -15.67 -8.45 0.22
C SER A 2 -14.58 -9.29 0.91
N HIS A 3 -14.83 -9.67 2.18
CA HIS A 3 -14.01 -10.60 2.94
C HIS A 3 -14.53 -12.03 2.72
N MET A 4 -13.62 -12.92 2.28
CA MET A 4 -13.91 -14.35 2.15
C MET A 4 -13.85 -15.01 3.54
N THR A 5 -15.03 -15.36 4.07
CA THR A 5 -15.16 -15.98 5.40
C THR A 5 -14.69 -17.44 5.37
N GLU A 6 -13.36 -17.60 5.47
CA GLU A 6 -12.67 -18.91 5.41
C GLU A 6 -11.23 -18.75 5.93
N GLN A 7 -10.59 -19.88 6.26
CA GLN A 7 -9.27 -19.90 6.94
C GLN A 7 -8.10 -20.00 5.94
N THR A 8 -8.38 -19.78 4.64
CA THR A 8 -7.38 -19.88 3.57
C THR A 8 -6.47 -18.62 3.51
N SER A 9 -5.69 -18.49 2.41
CA SER A 9 -4.83 -17.31 2.17
C SER A 9 -5.67 -16.13 1.63
N THR A 10 -6.69 -15.73 2.41
CA THR A 10 -7.69 -14.71 2.01
C THR A 10 -7.03 -13.34 1.82
N LEU A 11 -6.13 -12.97 2.75
CA LEU A 11 -5.39 -11.70 2.74
C LEU A 11 -4.55 -11.59 1.44
N TYR A 12 -3.84 -12.69 1.14
CA TYR A 12 -2.95 -12.76 -0.01
C TYR A 12 -3.75 -12.87 -1.33
N ALA A 13 -4.93 -13.48 -1.26
CA ALA A 13 -5.79 -13.72 -2.43
C ALA A 13 -6.41 -12.43 -2.97
N LYS A 14 -6.75 -11.52 -2.03
CA LYS A 14 -7.30 -10.18 -2.37
C LYS A 14 -6.17 -9.24 -2.83
N LEU A 15 -4.98 -9.41 -2.24
CA LEU A 15 -3.74 -8.69 -2.62
C LEU A 15 -3.36 -9.06 -4.07
N LEU A 16 -3.39 -10.37 -4.35
CA LEU A 16 -3.04 -10.95 -5.66
C LEU A 16 -4.18 -10.68 -6.67
N GLY A 17 -5.40 -10.53 -6.13
CA GLY A 17 -6.59 -10.22 -6.93
C GLY A 17 -6.52 -8.81 -7.53
N GLU A 18 -7.02 -7.82 -6.78
CA GLU A 18 -7.09 -6.40 -7.26
C GLU A 18 -6.75 -5.43 -6.12
N THR A 19 -6.23 -4.25 -6.50
CA THR A 19 -5.92 -3.16 -5.56
C THR A 19 -7.24 -2.48 -5.11
N ALA A 20 -7.54 -2.57 -3.80
CA ALA A 20 -8.81 -2.10 -3.24
C ALA A 20 -8.76 -0.60 -2.92
N VAL A 21 -9.84 0.12 -3.28
CA VAL A 21 -10.04 1.53 -2.91
C VAL A 21 -11.03 1.60 -1.72
N ILE A 22 -10.74 2.47 -0.75
CA ILE A 22 -11.47 2.58 0.50
C ILE A 22 -11.44 4.04 0.98
N SER A 23 -12.35 4.42 1.90
CA SER A 23 -12.32 5.71 2.58
C SER A 23 -11.06 5.84 3.44
N TRP A 24 -10.38 7.00 3.36
CA TRP A 24 -9.17 7.26 4.16
C TRP A 24 -9.47 7.22 5.68
N ALA A 25 -10.68 7.62 6.07
CA ALA A 25 -11.11 7.66 7.48
C ALA A 25 -11.13 6.25 8.13
N GLU A 26 -11.10 5.20 7.29
CA GLU A 26 -10.98 3.80 7.77
C GLU A 26 -9.52 3.47 8.15
N LEU A 27 -8.57 4.21 7.54
CA LEU A 27 -7.11 3.99 7.74
C LEU A 27 -6.53 4.91 8.84
N GLN A 28 -7.42 5.63 9.56
CA GLN A 28 -7.06 6.45 10.74
C GLN A 28 -6.35 5.59 11.84
N PRO A 29 -6.92 4.40 12.27
CA PRO A 29 -6.24 3.52 13.27
C PRO A 29 -4.96 2.84 12.70
N PHE A 30 -4.86 2.75 11.36
CA PHE A 30 -3.72 2.09 10.68
C PHE A 30 -2.45 2.96 10.72
N PHE A 31 -2.58 4.29 10.52
CA PHE A 31 -1.42 5.21 10.67
C PHE A 31 -1.16 5.51 12.17
N ALA A 32 -2.25 5.48 12.99
CA ALA A 32 -2.18 5.76 14.44
C ALA A 32 -1.36 4.69 15.19
N ARG A 33 -1.48 3.42 14.71
CA ARG A 33 -0.67 2.30 15.24
C ARG A 33 0.74 2.32 14.64
N GLY A 34 0.93 3.07 13.54
CA GLY A 34 2.23 3.20 12.87
C GLY A 34 2.58 2.03 11.96
N ALA A 35 1.55 1.35 11.43
CA ALA A 35 1.71 0.19 10.53
C ALA A 35 1.22 0.51 9.11
N LEU A 36 1.23 1.81 8.77
CA LEU A 36 0.80 2.29 7.44
C LEU A 36 2.03 2.81 6.67
N LEU A 37 2.10 2.45 5.37
CA LEU A 37 3.21 2.81 4.47
C LEU A 37 2.66 3.69 3.32
N GLN A 38 3.27 4.85 3.13
CA GLN A 38 3.02 5.76 2.01
C GLN A 38 3.90 5.37 0.83
N VAL A 39 3.27 4.96 -0.28
CA VAL A 39 3.98 4.75 -1.55
C VAL A 39 3.67 5.93 -2.49
N ASP A 40 4.63 6.25 -3.37
CA ASP A 40 4.46 7.30 -4.38
C ASP A 40 3.70 6.71 -5.59
N ALA A 41 2.97 7.57 -6.33
CA ALA A 41 2.17 7.17 -7.50
C ALA A 41 3.06 6.63 -8.64
N ALA A 42 4.35 6.99 -8.60
CA ALA A 42 5.37 6.54 -9.57
C ALA A 42 5.67 5.02 -9.44
N LEU A 43 5.45 4.48 -8.24
CA LEU A 43 5.58 3.03 -7.98
C LEU A 43 4.19 2.36 -8.06
N ASP A 44 4.16 1.01 -8.05
CA ASP A 44 2.89 0.25 -8.15
C ASP A 44 2.59 -0.46 -6.83
N LEU A 45 1.31 -0.39 -6.41
CA LEU A 45 0.82 -1.05 -5.19
C LEU A 45 1.03 -2.57 -5.24
N VAL A 46 0.81 -3.14 -6.44
CA VAL A 46 0.96 -4.58 -6.69
C VAL A 46 2.43 -5.04 -6.44
N GLU A 47 3.37 -4.20 -6.90
CA GLU A 47 4.81 -4.51 -6.88
C GLU A 47 5.41 -4.36 -5.48
N VAL A 48 5.06 -3.25 -4.81
CA VAL A 48 5.52 -2.98 -3.44
C VAL A 48 4.90 -4.01 -2.47
N ALA A 49 3.68 -4.48 -2.79
CA ALA A 49 2.94 -5.44 -1.94
C ALA A 49 3.49 -6.86 -2.14
N GLU A 50 3.88 -7.17 -3.39
CA GLU A 50 4.47 -8.47 -3.75
C GLU A 50 5.91 -8.57 -3.23
N ALA A 51 6.61 -7.42 -3.18
CA ALA A 51 7.98 -7.35 -2.63
C ALA A 51 7.98 -7.69 -1.13
N LEU A 52 6.95 -7.20 -0.43
CA LEU A 52 6.74 -7.49 1.00
C LEU A 52 6.30 -8.95 1.21
N ALA A 53 5.29 -9.38 0.42
CA ALA A 53 4.70 -10.75 0.50
C ALA A 53 5.67 -11.83 0.01
N GLY A 54 6.62 -11.41 -0.84
CA GLY A 54 7.67 -12.29 -1.36
C GLY A 54 8.94 -12.25 -0.53
N ASP A 55 8.92 -11.45 0.56
CA ASP A 55 9.99 -11.36 1.59
C ASP A 55 11.27 -10.70 1.03
N ASP A 56 11.12 -9.93 -0.06
CA ASP A 56 12.22 -9.14 -0.65
C ASP A 56 12.39 -7.84 0.15
N ARG A 57 13.34 -7.86 1.09
CA ARG A 57 13.69 -6.68 1.90
C ARG A 57 14.48 -5.66 1.05
N GLU A 58 15.34 -6.14 0.13
CA GLU A 58 16.29 -5.28 -0.64
C GLU A 58 15.57 -4.22 -1.50
N LYS A 59 14.49 -4.65 -2.16
CA LYS A 59 13.71 -3.81 -3.07
C LYS A 59 12.96 -2.73 -2.30
N VAL A 60 12.31 -3.16 -1.21
CA VAL A 60 11.58 -2.29 -0.29
C VAL A 60 12.53 -1.28 0.40
N ALA A 61 13.71 -1.76 0.79
CA ALA A 61 14.74 -0.97 1.52
C ALA A 61 15.34 0.11 0.62
N ALA A 62 15.42 -0.19 -0.69
CA ALA A 62 15.87 0.78 -1.70
C ALA A 62 14.83 1.92 -1.85
N TRP A 63 13.54 1.55 -1.77
CA TRP A 63 12.42 2.51 -1.83
C TRP A 63 12.30 3.33 -0.52
N LEU A 64 12.72 2.74 0.61
CA LEU A 64 12.79 3.43 1.92
C LEU A 64 14.01 4.37 1.98
N SER A 65 15.11 3.97 1.32
CA SER A 65 16.38 4.72 1.33
C SER A 65 16.28 5.97 0.44
N GLY A 66 15.62 5.83 -0.71
CA GLY A 66 15.45 6.92 -1.66
C GLY A 66 14.78 6.46 -2.94
N GLY A 67 13.56 5.93 -2.80
CA GLY A 67 12.75 5.51 -3.94
C GLY A 67 11.40 6.20 -3.94
N GLY A 68 10.54 5.80 -3.00
CA GLY A 68 9.21 6.39 -2.84
C GLY A 68 8.30 5.54 -1.97
N LEU A 69 8.83 5.12 -0.81
CA LEU A 69 8.07 4.30 0.17
C LEU A 69 8.61 4.61 1.57
N SER A 70 7.74 5.14 2.44
CA SER A 70 8.07 5.51 3.84
C SER A 70 6.82 5.29 4.72
N LYS A 71 6.91 5.56 6.03
CA LYS A 71 5.78 5.39 6.97
C LYS A 71 4.83 6.60 6.92
N VAL A 72 3.53 6.37 7.19
CA VAL A 72 2.52 7.44 7.26
C VAL A 72 2.43 7.95 8.71
N GLY A 73 2.98 9.15 8.94
CA GLY A 73 2.82 9.85 10.22
C GLY A 73 1.53 10.66 10.26
N GLU A 74 1.41 11.51 11.28
CA GLU A 74 0.23 12.39 11.48
C GLU A 74 0.14 13.49 10.39
N ASP A 75 1.31 13.96 9.91
CA ASP A 75 1.38 14.97 8.84
C ASP A 75 1.11 14.33 7.48
N ALA A 76 1.74 13.17 7.24
CA ALA A 76 1.55 12.35 6.02
C ALA A 76 0.09 11.87 5.92
N ALA A 77 -0.55 11.72 7.07
CA ALA A 77 -1.98 11.37 7.19
C ALA A 77 -2.87 12.44 6.56
N LYS A 78 -2.58 13.70 6.91
CA LYS A 78 -3.33 14.86 6.41
C LYS A 78 -3.13 15.03 4.90
N ASP A 79 -1.95 14.63 4.40
CA ASP A 79 -1.59 14.71 2.96
C ASP A 79 -2.62 13.95 2.09
N PHE A 80 -2.85 12.68 2.43
CA PHE A 80 -3.88 11.82 1.79
C PHE A 80 -5.31 12.28 2.11
N LEU A 81 -5.50 12.83 3.32
CA LEU A 81 -6.80 13.38 3.77
C LEU A 81 -7.23 14.57 2.88
N GLU A 82 -6.24 15.32 2.37
CA GLU A 82 -6.46 16.50 1.50
C GLU A 82 -6.63 16.12 0.02
N ARG A 83 -6.32 14.86 -0.35
CA ARG A 83 -6.38 14.41 -1.77
C ARG A 83 -7.84 14.20 -2.23
N ASP A 84 -8.36 12.96 -2.12
CA ASP A 84 -9.72 12.62 -2.55
C ASP A 84 -10.79 12.80 -1.43
N PRO A 85 -10.57 12.34 -0.11
CA PRO A 85 -9.39 11.55 0.41
C PRO A 85 -9.42 10.02 0.09
N THR A 86 -10.55 9.55 -0.45
CA THR A 86 -10.79 8.17 -0.93
C THR A 86 -9.59 7.64 -1.77
N LEU A 87 -8.87 6.63 -1.25
CA LEU A 87 -7.58 6.21 -1.81
C LEU A 87 -7.45 4.68 -1.88
N TRP A 88 -6.45 4.23 -2.62
CA TRP A 88 -6.20 2.80 -2.87
C TRP A 88 -5.29 2.21 -1.77
N ALA A 89 -5.87 1.38 -0.89
CA ALA A 89 -5.17 0.71 0.20
C ALA A 89 -5.06 -0.81 -0.09
N VAL A 90 -3.82 -1.34 -0.02
CA VAL A 90 -3.56 -2.79 -0.13
C VAL A 90 -2.91 -3.27 1.18
N VAL A 91 -3.61 -4.17 1.89
CA VAL A 91 -3.12 -4.71 3.17
C VAL A 91 -2.26 -5.95 2.90
N VAL A 92 -0.98 -5.86 3.26
CA VAL A 92 -0.02 -6.97 3.17
C VAL A 92 0.09 -7.65 4.54
N ALA A 93 0.66 -8.88 4.58
CA ALA A 93 0.79 -9.71 5.80
C ALA A 93 1.46 -8.96 7.02
N PRO A 94 2.61 -8.20 6.85
CA PRO A 94 3.18 -7.39 7.95
C PRO A 94 2.41 -6.07 8.19
N TRP A 95 2.20 -5.28 7.11
CA TRP A 95 1.62 -3.92 7.19
C TRP A 95 0.85 -3.55 5.91
N VAL A 96 0.13 -2.43 5.95
CA VAL A 96 -0.69 -1.91 4.81
C VAL A 96 0.06 -0.77 4.08
N VAL A 97 -0.09 -0.70 2.74
CA VAL A 97 0.51 0.33 1.87
C VAL A 97 -0.61 1.08 1.12
N ILE A 98 -0.43 2.41 0.86
CA ILE A 98 -1.47 3.26 0.23
C ILE A 98 -0.89 4.19 -0.87
N GLN A 99 -1.72 4.41 -1.90
CA GLN A 99 -1.55 5.45 -2.93
C GLN A 99 -2.87 6.23 -3.05
N GLU A 100 -2.79 7.48 -3.50
CA GLU A 100 -3.96 8.33 -3.77
C GLU A 100 -4.75 7.79 -4.99
N ARG A 101 -6.07 8.08 -5.03
CA ARG A 101 -6.89 7.84 -6.24
C ARG A 101 -6.67 9.00 -7.25
N ALA A 102 -6.52 10.22 -6.72
CA ALA A 102 -6.17 11.42 -7.50
C ALA A 102 -4.86 11.21 -8.27
N GLU A 103 -4.98 10.70 -9.51
CA GLU A 103 -3.84 10.47 -10.41
C GLU A 103 -3.30 11.81 -10.94
N LYS A 104 -2.49 12.48 -10.11
CA LYS A 104 -1.82 13.74 -10.48
C LYS A 104 -0.44 13.42 -11.04
N ALA A 105 0.30 12.55 -10.32
CA ALA A 105 1.57 12.01 -10.80
C ALA A 105 1.26 10.83 -11.76
N THR A 106 0.99 11.18 -13.02
CA THR A 106 0.58 10.24 -14.06
C THR A 106 1.80 9.52 -14.67
N LEU A 107 2.92 10.30 -14.80
CA LEU A 107 4.18 9.90 -15.45
C LEU A 107 3.98 9.63 -16.96
N HIS A 108 5.09 9.70 -17.72
CA HIS A 108 5.06 9.63 -19.20
C HIS A 108 6.36 8.95 -19.71
N GLY A 1 -12.79 -18.77 1.61
CA GLY A 1 -11.44 -18.47 1.07
C GLY A 1 -10.79 -19.66 0.38
N SER A 2 -11.51 -20.82 0.36
CA SER A 2 -11.07 -22.10 -0.24
C SER A 2 -9.63 -22.50 0.17
N HIS A 3 -9.48 -23.06 1.38
CA HIS A 3 -8.18 -23.48 1.92
C HIS A 3 -7.96 -24.99 1.70
N MET A 4 -6.69 -25.36 1.47
CA MET A 4 -6.23 -26.76 1.36
C MET A 4 -4.71 -26.82 1.51
N THR A 5 -4.12 -28.03 1.40
CA THR A 5 -2.66 -28.20 1.46
C THR A 5 -2.02 -27.65 0.18
N GLU A 6 -1.49 -26.42 0.27
CA GLU A 6 -0.78 -25.76 -0.84
C GLU A 6 0.57 -25.20 -0.34
N GLN A 7 1.53 -25.06 -1.27
CA GLN A 7 2.88 -24.54 -1.00
C GLN A 7 3.04 -23.11 -1.55
N THR A 8 2.01 -22.64 -2.28
CA THR A 8 1.99 -21.29 -2.87
C THR A 8 1.75 -20.23 -1.76
N SER A 9 2.36 -19.05 -1.93
CA SER A 9 2.12 -17.90 -1.03
C SER A 9 0.63 -17.51 -1.05
N THR A 10 -0.05 -17.73 0.09
CA THR A 10 -1.49 -17.46 0.24
C THR A 10 -1.79 -15.95 0.12
N LEU A 11 -0.86 -15.11 0.61
CA LEU A 11 -1.00 -13.64 0.54
C LEU A 11 -0.81 -13.17 -0.92
N TYR A 12 0.06 -13.86 -1.68
CA TYR A 12 0.28 -13.53 -3.11
C TYR A 12 -1.01 -13.82 -3.92
N ALA A 13 -1.72 -14.89 -3.53
CA ALA A 13 -3.03 -15.26 -4.10
C ALA A 13 -4.15 -14.29 -3.63
N LYS A 14 -3.99 -13.78 -2.40
CA LYS A 14 -4.88 -12.77 -1.81
C LYS A 14 -4.68 -11.39 -2.48
N LEU A 15 -3.41 -11.13 -2.88
CA LEU A 15 -3.01 -9.87 -3.51
C LEU A 15 -3.60 -9.82 -4.93
N LEU A 16 -3.32 -10.89 -5.72
CA LEU A 16 -3.88 -11.12 -7.08
C LEU A 16 -3.54 -9.93 -8.02
N GLY A 17 -4.34 -8.87 -7.90
CA GLY A 17 -4.15 -7.61 -8.59
C GLY A 17 -5.27 -6.65 -8.21
N GLU A 18 -5.79 -6.86 -6.98
CA GLU A 18 -7.04 -6.26 -6.50
C GLU A 18 -6.72 -5.12 -5.53
N THR A 19 -6.53 -3.91 -6.08
CA THR A 19 -6.37 -2.69 -5.29
C THR A 19 -7.76 -2.20 -4.81
N ALA A 20 -8.03 -2.41 -3.51
CA ALA A 20 -9.35 -2.14 -2.91
C ALA A 20 -9.48 -0.65 -2.57
N VAL A 21 -10.39 0.03 -3.27
CA VAL A 21 -10.62 1.47 -3.11
C VAL A 21 -11.46 1.69 -1.84
N ILE A 22 -10.85 2.29 -0.81
CA ILE A 22 -11.46 2.44 0.51
C ILE A 22 -11.42 3.92 0.94
N SER A 23 -12.33 4.30 1.86
CA SER A 23 -12.32 5.62 2.50
C SER A 23 -11.04 5.78 3.35
N TRP A 24 -10.42 6.97 3.27
CA TRP A 24 -9.18 7.27 4.01
C TRP A 24 -9.39 7.17 5.55
N ALA A 25 -10.56 7.63 6.03
CA ALA A 25 -10.87 7.71 7.47
C ALA A 25 -10.92 6.33 8.17
N GLU A 26 -11.03 5.26 7.36
CA GLU A 26 -10.96 3.86 7.85
C GLU A 26 -9.52 3.50 8.27
N LEU A 27 -8.54 4.18 7.64
CA LEU A 27 -7.10 3.91 7.79
C LEU A 27 -6.45 4.73 8.91
N GLN A 28 -7.27 5.53 9.63
CA GLN A 28 -6.82 6.36 10.78
C GLN A 28 -6.20 5.51 11.94
N PRO A 29 -6.82 4.36 12.41
CA PRO A 29 -6.18 3.47 13.44
C PRO A 29 -4.88 2.80 12.92
N PHE A 30 -4.82 2.57 11.60
CA PHE A 30 -3.73 1.84 10.95
C PHE A 30 -2.43 2.68 10.87
N PHE A 31 -2.54 3.98 10.49
CA PHE A 31 -1.34 4.87 10.44
C PHE A 31 -0.94 5.29 11.87
N ALA A 32 -1.92 5.29 12.79
CA ALA A 32 -1.72 5.70 14.20
C ALA A 32 -0.67 4.82 14.91
N ARG A 33 -0.65 3.52 14.55
CA ARG A 33 0.36 2.56 15.05
C ARG A 33 1.54 2.39 14.07
N GLY A 34 1.36 2.91 12.84
CA GLY A 34 2.40 2.89 11.80
C GLY A 34 2.38 1.62 10.94
N ALA A 35 1.25 0.89 10.97
CA ALA A 35 1.03 -0.32 10.13
C ALA A 35 0.56 0.07 8.72
N LEU A 36 0.36 1.37 8.47
CA LEU A 36 -0.05 1.89 7.17
C LEU A 36 1.21 2.36 6.42
N LEU A 37 1.53 1.70 5.30
CA LEU A 37 2.72 2.00 4.48
C LEU A 37 2.34 2.93 3.31
N GLN A 38 3.06 4.06 3.17
CA GLN A 38 2.82 5.07 2.12
C GLN A 38 3.63 4.73 0.86
N VAL A 39 2.93 4.67 -0.29
CA VAL A 39 3.57 4.58 -1.61
C VAL A 39 3.47 5.96 -2.30
N ASP A 40 4.58 6.37 -2.90
CA ASP A 40 4.68 7.59 -3.70
C ASP A 40 4.14 7.30 -5.12
N ALA A 41 3.60 8.34 -5.77
CA ALA A 41 2.98 8.24 -7.11
C ALA A 41 3.97 7.76 -8.21
N ALA A 42 5.29 7.88 -7.93
CA ALA A 42 6.35 7.36 -8.81
C ALA A 42 6.31 5.82 -8.95
N LEU A 43 5.92 5.15 -7.86
CA LEU A 43 5.81 3.67 -7.81
C LEU A 43 4.34 3.26 -7.99
N ASP A 44 4.06 1.96 -7.73
CA ASP A 44 2.70 1.41 -7.78
C ASP A 44 2.48 0.49 -6.57
N LEU A 45 1.20 0.31 -6.19
CA LEU A 45 0.81 -0.39 -4.96
C LEU A 45 1.22 -1.89 -5.00
N VAL A 46 0.85 -2.62 -6.07
CA VAL A 46 1.02 -4.09 -6.13
C VAL A 46 2.52 -4.48 -6.16
N GLU A 47 3.36 -3.55 -6.67
CA GLU A 47 4.83 -3.72 -6.76
C GLU A 47 5.45 -3.81 -5.36
N VAL A 48 5.16 -2.78 -4.55
CA VAL A 48 5.67 -2.68 -3.17
C VAL A 48 5.00 -3.74 -2.27
N ALA A 49 3.73 -4.07 -2.60
CA ALA A 49 2.89 -4.99 -1.81
C ALA A 49 3.43 -6.42 -1.94
N GLU A 50 3.93 -6.75 -3.14
CA GLU A 50 4.59 -8.03 -3.42
C GLU A 50 5.93 -8.14 -2.67
N ALA A 51 6.68 -7.02 -2.69
CA ALA A 51 7.99 -6.94 -2.02
C ALA A 51 7.85 -7.06 -0.48
N LEU A 52 6.74 -6.53 0.06
CA LEU A 52 6.41 -6.59 1.50
C LEU A 52 5.75 -7.94 1.86
N ALA A 53 5.17 -8.64 0.86
CA ALA A 53 4.59 -10.00 1.01
C ALA A 53 5.69 -11.07 0.97
N GLY A 54 6.70 -10.84 0.11
CA GLY A 54 7.75 -11.81 -0.15
C GLY A 54 8.99 -11.61 0.71
N ASP A 55 8.96 -10.57 1.58
CA ASP A 55 10.11 -10.16 2.44
C ASP A 55 11.34 -9.81 1.58
N ASP A 56 11.06 -9.25 0.40
CA ASP A 56 12.06 -8.83 -0.58
C ASP A 56 12.74 -7.54 -0.06
N ARG A 57 13.80 -7.77 0.73
CA ARG A 57 14.46 -6.74 1.54
C ARG A 57 15.15 -5.67 0.68
N GLU A 58 15.89 -6.14 -0.33
CA GLU A 58 16.66 -5.28 -1.25
C GLU A 58 15.74 -4.32 -2.06
N LYS A 59 14.53 -4.79 -2.38
CA LYS A 59 13.55 -4.02 -3.19
C LYS A 59 12.98 -2.86 -2.37
N VAL A 60 12.47 -3.20 -1.17
CA VAL A 60 11.88 -2.21 -0.26
C VAL A 60 12.94 -1.25 0.28
N ALA A 61 14.20 -1.75 0.45
CA ALA A 61 15.33 -0.93 0.93
C ALA A 61 15.73 0.11 -0.13
N ALA A 62 15.65 -0.29 -1.42
CA ALA A 62 15.90 0.61 -2.57
C ALA A 62 14.89 1.77 -2.57
N TRP A 63 13.62 1.42 -2.40
CA TRP A 63 12.50 2.37 -2.42
C TRP A 63 12.42 3.22 -1.12
N LEU A 64 12.92 2.67 0.00
CA LEU A 64 13.02 3.41 1.28
C LEU A 64 14.15 4.47 1.19
N SER A 65 15.29 4.06 0.61
CA SER A 65 16.45 4.96 0.40
C SER A 65 16.09 6.07 -0.61
N GLY A 66 15.27 5.71 -1.62
CA GLY A 66 14.82 6.66 -2.64
C GLY A 66 13.62 7.50 -2.20
N GLY A 67 13.01 7.12 -1.06
CA GLY A 67 11.85 7.85 -0.50
C GLY A 67 10.55 7.61 -1.25
N GLY A 68 10.55 6.59 -2.14
CA GLY A 68 9.37 6.22 -2.91
C GLY A 68 8.40 5.36 -2.10
N LEU A 69 8.94 4.68 -1.07
CA LEU A 69 8.17 3.86 -0.14
C LEU A 69 8.61 4.24 1.29
N SER A 70 7.63 4.34 2.19
CA SER A 70 7.83 4.71 3.59
C SER A 70 6.57 4.31 4.38
N LYS A 71 6.51 4.69 5.66
CA LYS A 71 5.29 4.58 6.48
C LYS A 71 4.58 5.94 6.50
N VAL A 72 3.24 5.92 6.65
CA VAL A 72 2.41 7.14 6.68
C VAL A 72 2.58 7.88 8.01
N GLY A 73 3.29 9.01 7.96
CA GLY A 73 3.37 9.94 9.09
C GLY A 73 2.06 10.70 9.27
N GLU A 74 1.96 11.47 10.36
CA GLU A 74 0.76 12.26 10.67
C GLU A 74 0.64 13.47 9.71
N ASP A 75 1.80 13.97 9.25
CA ASP A 75 1.88 15.04 8.24
C ASP A 75 1.45 14.51 6.86
N ALA A 76 1.90 13.28 6.55
CA ALA A 76 1.51 12.54 5.33
C ALA A 76 0.03 12.16 5.37
N ALA A 77 -0.49 11.94 6.59
CA ALA A 77 -1.90 11.59 6.83
C ALA A 77 -2.81 12.78 6.50
N LYS A 78 -2.35 13.99 6.85
CA LYS A 78 -3.03 15.26 6.51
C LYS A 78 -3.07 15.43 4.98
N ASP A 79 -1.95 15.06 4.33
CA ASP A 79 -1.81 15.14 2.87
C ASP A 79 -2.90 14.30 2.18
N PHE A 80 -2.93 12.99 2.52
CA PHE A 80 -3.92 12.01 2.00
C PHE A 80 -5.38 12.45 2.26
N LEU A 81 -5.62 13.04 3.45
CA LEU A 81 -6.96 13.52 3.86
C LEU A 81 -7.42 14.70 2.96
N GLU A 82 -6.45 15.51 2.52
CA GLU A 82 -6.71 16.69 1.68
C GLU A 82 -6.52 16.37 0.17
N ARG A 83 -6.01 15.16 -0.16
CA ARG A 83 -5.76 14.75 -1.56
C ARG A 83 -7.10 14.48 -2.30
N ASP A 84 -7.57 13.20 -2.30
CA ASP A 84 -8.80 12.81 -3.01
C ASP A 84 -10.09 12.96 -2.14
N PRO A 85 -10.16 12.49 -0.83
CA PRO A 85 -9.08 11.78 -0.05
C PRO A 85 -8.97 10.26 -0.32
N THR A 86 -10.05 9.70 -0.89
CA THR A 86 -10.21 8.26 -1.16
C THR A 86 -9.02 7.70 -1.95
N LEU A 87 -8.58 6.49 -1.59
CA LEU A 87 -7.33 5.90 -2.08
C LEU A 87 -7.41 4.38 -2.02
N TRP A 88 -6.36 3.71 -2.49
CA TRP A 88 -6.36 2.25 -2.64
C TRP A 88 -5.53 1.65 -1.50
N ALA A 89 -6.17 0.82 -0.68
CA ALA A 89 -5.51 0.14 0.46
C ALA A 89 -5.66 -1.38 0.29
N VAL A 90 -4.53 -2.10 0.28
CA VAL A 90 -4.50 -3.57 0.28
C VAL A 90 -3.78 -4.06 1.53
N VAL A 91 -4.38 -5.02 2.24
CA VAL A 91 -3.77 -5.61 3.44
C VAL A 91 -2.77 -6.72 3.03
N VAL A 92 -1.50 -6.43 3.31
CA VAL A 92 -0.39 -7.39 3.13
C VAL A 92 -0.17 -8.11 4.49
N ALA A 93 0.46 -9.30 4.44
CA ALA A 93 0.58 -10.21 5.61
C ALA A 93 1.17 -9.55 6.89
N PRO A 94 2.29 -8.71 6.82
CA PRO A 94 2.76 -7.95 8.00
C PRO A 94 1.82 -6.77 8.33
N TRP A 95 1.54 -5.94 7.29
CA TRP A 95 0.87 -4.62 7.45
C TRP A 95 0.06 -4.25 6.20
N VAL A 96 -0.78 -3.21 6.31
CA VAL A 96 -1.60 -2.68 5.20
C VAL A 96 -0.84 -1.54 4.47
N VAL A 97 -0.91 -1.51 3.14
CA VAL A 97 -0.16 -0.58 2.28
C VAL A 97 -1.13 0.20 1.36
N ILE A 98 -0.82 1.49 1.08
CA ILE A 98 -1.71 2.41 0.33
C ILE A 98 -0.98 3.16 -0.79
N GLN A 99 -1.67 3.31 -1.93
CA GLN A 99 -1.29 4.24 -3.00
C GLN A 99 -2.45 5.24 -3.17
N GLU A 100 -2.10 6.52 -3.32
CA GLU A 100 -3.08 7.62 -3.49
C GLU A 100 -3.82 7.50 -4.84
N ARG A 101 -5.14 7.72 -4.79
CA ARG A 101 -5.97 7.79 -6.00
C ARG A 101 -5.82 9.18 -6.64
N ALA A 102 -5.62 10.22 -5.80
CA ALA A 102 -5.22 11.56 -6.27
C ALA A 102 -3.77 11.54 -6.82
N GLU A 103 -3.63 10.99 -8.04
CA GLU A 103 -2.35 10.88 -8.79
C GLU A 103 -2.30 11.99 -9.86
N LYS A 104 -3.01 13.08 -9.57
CA LYS A 104 -3.25 14.21 -10.51
C LYS A 104 -3.32 15.55 -9.74
N ALA A 105 -2.84 15.52 -8.50
CA ALA A 105 -2.87 16.67 -7.57
C ALA A 105 -1.71 17.64 -7.86
N THR A 106 -1.63 18.73 -7.07
CA THR A 106 -0.60 19.77 -7.22
C THR A 106 0.79 19.22 -6.82
N LEU A 107 0.81 18.31 -5.83
CA LEU A 107 2.04 17.64 -5.38
C LEU A 107 2.40 16.54 -6.40
N HIS A 108 1.50 15.55 -6.52
CA HIS A 108 1.62 14.44 -7.49
C HIS A 108 0.23 14.19 -8.12
N GLY A 1 -5.61 -10.61 -14.52
CA GLY A 1 -6.69 -11.28 -13.74
C GLY A 1 -6.15 -11.92 -12.47
N SER A 2 -6.90 -11.77 -11.37
CA SER A 2 -6.54 -12.31 -10.05
C SER A 2 -6.89 -13.81 -9.95
N HIS A 3 -5.92 -14.63 -9.51
CA HIS A 3 -6.11 -16.08 -9.34
C HIS A 3 -6.82 -16.35 -7.99
N MET A 4 -8.12 -16.02 -7.98
CA MET A 4 -8.99 -16.06 -6.80
C MET A 4 -9.81 -17.36 -6.76
N THR A 5 -9.98 -17.98 -7.94
CA THR A 5 -10.67 -19.27 -8.11
C THR A 5 -9.67 -20.45 -7.92
N GLU A 6 -8.37 -20.12 -7.78
CA GLU A 6 -7.31 -21.09 -7.53
C GLU A 6 -7.24 -21.50 -6.05
N GLN A 7 -6.80 -22.75 -5.81
CA GLN A 7 -6.56 -23.27 -4.44
C GLN A 7 -5.32 -22.58 -3.83
N THR A 8 -5.58 -21.47 -3.12
CA THR A 8 -4.53 -20.63 -2.51
C THR A 8 -5.12 -19.78 -1.37
N SER A 9 -4.23 -19.11 -0.61
CA SER A 9 -4.62 -18.17 0.49
C SER A 9 -5.47 -17.02 -0.09
N THR A 10 -6.47 -16.56 0.69
CA THR A 10 -7.37 -15.45 0.29
C THR A 10 -6.58 -14.12 0.21
N LEU A 11 -5.53 -14.00 1.06
CA LEU A 11 -4.62 -12.84 1.07
C LEU A 11 -3.85 -12.80 -0.27
N TYR A 12 -3.33 -13.97 -0.67
CA TYR A 12 -2.51 -14.11 -1.89
C TYR A 12 -3.36 -13.93 -3.15
N ALA A 13 -4.56 -14.52 -3.12
CA ALA A 13 -5.52 -14.52 -4.24
C ALA A 13 -5.97 -13.10 -4.61
N LYS A 14 -6.15 -12.28 -3.55
CA LYS A 14 -6.50 -10.86 -3.68
C LYS A 14 -5.27 -10.04 -4.11
N LEU A 15 -4.19 -10.15 -3.32
CA LEU A 15 -2.96 -9.32 -3.48
C LEU A 15 -2.37 -9.46 -4.90
N LEU A 16 -2.53 -10.65 -5.48
CA LEU A 16 -2.22 -10.91 -6.89
C LEU A 16 -3.29 -10.25 -7.79
N GLY A 17 -3.10 -8.95 -8.08
CA GLY A 17 -3.95 -8.22 -9.03
C GLY A 17 -5.04 -7.36 -8.37
N GLU A 18 -5.90 -8.01 -7.55
CA GLU A 18 -7.11 -7.38 -6.97
C GLU A 18 -6.72 -6.32 -5.92
N THR A 19 -6.72 -5.05 -6.34
CA THR A 19 -6.50 -3.91 -5.45
C THR A 19 -7.85 -3.45 -4.87
N ALA A 20 -7.81 -2.93 -3.63
CA ALA A 20 -9.00 -2.44 -2.91
C ALA A 20 -8.87 -0.93 -2.69
N VAL A 21 -9.99 -0.24 -2.84
CA VAL A 21 -10.15 1.18 -2.47
C VAL A 21 -11.01 1.26 -1.19
N ILE A 22 -10.73 2.26 -0.35
CA ILE A 22 -11.43 2.48 0.92
C ILE A 22 -11.39 3.99 1.27
N SER A 23 -12.20 4.39 2.26
CA SER A 23 -12.14 5.72 2.86
C SER A 23 -10.85 5.89 3.68
N TRP A 24 -10.22 7.07 3.59
CA TRP A 24 -8.99 7.39 4.32
C TRP A 24 -9.19 7.32 5.86
N ALA A 25 -10.38 7.74 6.33
CA ALA A 25 -10.67 7.83 7.78
C ALA A 25 -10.64 6.44 8.47
N GLU A 26 -10.69 5.37 7.68
CA GLU A 26 -10.57 3.98 8.20
C GLU A 26 -9.11 3.63 8.52
N LEU A 27 -8.18 4.33 7.85
CA LEU A 27 -6.72 4.08 7.95
C LEU A 27 -6.06 4.91 9.06
N GLN A 28 -6.86 5.70 9.80
CA GLN A 28 -6.38 6.51 10.96
C GLN A 28 -5.73 5.61 12.07
N PRO A 29 -6.38 4.47 12.54
CA PRO A 29 -5.76 3.56 13.55
C PRO A 29 -4.52 2.84 12.99
N PHE A 30 -4.50 2.65 11.66
CA PHE A 30 -3.40 1.96 10.94
C PHE A 30 -2.18 2.89 10.80
N PHE A 31 -2.42 4.21 10.65
CA PHE A 31 -1.35 5.24 10.59
C PHE A 31 -0.79 5.49 12.01
N ALA A 32 -1.68 5.50 13.00
CA ALA A 32 -1.33 5.79 14.41
C ALA A 32 -0.37 4.74 15.00
N ARG A 33 -0.55 3.47 14.57
CA ARG A 33 0.31 2.35 15.00
C ARG A 33 1.59 2.25 14.12
N GLY A 34 1.59 2.95 12.97
CA GLY A 34 2.74 2.97 12.05
C GLY A 34 2.83 1.76 11.13
N ALA A 35 1.69 1.07 10.94
CA ALA A 35 1.59 -0.12 10.07
C ALA A 35 1.01 0.25 8.68
N LEU A 36 1.00 1.55 8.38
CA LEU A 36 0.42 2.09 7.13
C LEU A 36 1.56 2.63 6.26
N LEU A 37 1.72 2.09 5.04
CA LEU A 37 2.83 2.46 4.12
C LEU A 37 2.30 3.22 2.89
N GLN A 38 2.87 4.40 2.61
CA GLN A 38 2.53 5.27 1.46
C GLN A 38 3.39 4.92 0.23
N VAL A 39 2.73 4.71 -0.91
CA VAL A 39 3.41 4.54 -2.22
C VAL A 39 3.37 5.88 -2.97
N ASP A 40 4.44 6.21 -3.70
CA ASP A 40 4.47 7.37 -4.60
C ASP A 40 3.93 6.93 -5.99
N ALA A 41 3.37 7.89 -6.74
CA ALA A 41 2.78 7.63 -8.07
C ALA A 41 3.82 7.10 -9.09
N ALA A 42 5.13 7.36 -8.83
CA ALA A 42 6.23 6.83 -9.66
C ALA A 42 6.33 5.30 -9.54
N LEU A 43 6.16 4.81 -8.30
CA LEU A 43 6.10 3.35 -8.00
C LEU A 43 4.66 2.86 -8.26
N ASP A 44 4.31 1.67 -7.76
CA ASP A 44 2.95 1.13 -7.88
C ASP A 44 2.59 0.31 -6.63
N LEU A 45 1.29 0.32 -6.29
CA LEU A 45 0.72 -0.31 -5.09
C LEU A 45 1.09 -1.81 -5.00
N VAL A 46 0.79 -2.57 -6.07
CA VAL A 46 0.95 -4.04 -6.06
C VAL A 46 2.44 -4.45 -6.13
N GLU A 47 3.30 -3.59 -6.70
CA GLU A 47 4.75 -3.86 -6.86
C GLU A 47 5.46 -3.87 -5.51
N VAL A 48 5.23 -2.80 -4.73
CA VAL A 48 5.80 -2.66 -3.37
C VAL A 48 5.19 -3.72 -2.43
N ALA A 49 3.94 -4.09 -2.74
CA ALA A 49 3.16 -5.06 -1.94
C ALA A 49 3.60 -6.50 -2.23
N GLU A 50 4.03 -6.74 -3.49
CA GLU A 50 4.55 -8.04 -3.94
C GLU A 50 5.92 -8.30 -3.31
N ALA A 51 6.71 -7.23 -3.20
CA ALA A 51 8.04 -7.27 -2.58
C ALA A 51 7.91 -7.61 -1.07
N LEU A 52 6.89 -7.04 -0.40
CA LEU A 52 6.56 -7.38 1.00
C LEU A 52 6.05 -8.84 1.12
N ALA A 53 5.26 -9.28 0.12
CA ALA A 53 4.71 -10.65 0.06
C ALA A 53 5.82 -11.69 -0.18
N GLY A 54 6.86 -11.28 -0.91
CA GLY A 54 7.98 -12.16 -1.27
C GLY A 54 9.14 -12.08 -0.28
N ASP A 55 8.95 -11.28 0.80
CA ASP A 55 9.96 -11.03 1.85
C ASP A 55 11.20 -10.29 1.28
N ASP A 56 11.04 -9.71 0.07
CA ASP A 56 12.08 -8.97 -0.63
C ASP A 56 12.33 -7.64 0.10
N ARG A 57 13.33 -7.68 0.99
CA ARG A 57 13.72 -6.56 1.85
C ARG A 57 14.51 -5.50 1.05
N GLU A 58 15.19 -5.92 -0.04
CA GLU A 58 16.12 -5.05 -0.78
C GLU A 58 15.39 -3.87 -1.47
N LYS A 59 14.24 -4.12 -2.14
CA LYS A 59 13.46 -3.04 -2.79
C LYS A 59 12.78 -2.17 -1.74
N VAL A 60 12.01 -2.80 -0.83
CA VAL A 60 11.15 -2.07 0.13
C VAL A 60 11.96 -1.16 1.08
N ALA A 61 13.11 -1.67 1.57
CA ALA A 61 13.96 -0.93 2.53
C ALA A 61 14.76 0.19 1.81
N ALA A 62 15.11 -0.05 0.53
CA ALA A 62 15.78 0.97 -0.31
C ALA A 62 14.79 2.08 -0.70
N TRP A 63 13.52 1.69 -0.85
CA TRP A 63 12.40 2.63 -1.11
C TRP A 63 12.09 3.43 0.17
N LEU A 64 12.27 2.80 1.36
CA LEU A 64 12.15 3.45 2.69
C LEU A 64 13.37 4.34 3.00
N SER A 65 14.53 4.02 2.40
CA SER A 65 15.75 4.84 2.51
C SER A 65 15.71 6.01 1.51
N GLY A 66 14.96 5.83 0.41
CA GLY A 66 14.81 6.85 -0.61
C GLY A 66 14.48 6.25 -1.97
N GLY A 67 13.17 6.11 -2.25
CA GLY A 67 12.71 5.62 -3.56
C GLY A 67 11.28 6.06 -3.86
N GLY A 68 10.43 6.10 -2.81
CA GLY A 68 9.04 6.57 -2.95
C GLY A 68 8.05 5.84 -2.04
N LEU A 69 8.56 4.96 -1.16
CA LEU A 69 7.73 4.22 -0.19
C LEU A 69 8.12 4.69 1.22
N SER A 70 7.17 5.29 1.93
CA SER A 70 7.39 5.91 3.25
C SER A 70 6.22 5.59 4.18
N LYS A 71 6.51 5.20 5.43
CA LYS A 71 5.48 5.13 6.50
C LYS A 71 4.64 6.43 6.55
N VAL A 72 3.31 6.28 6.66
CA VAL A 72 2.39 7.42 6.66
C VAL A 72 2.43 8.11 8.01
N GLY A 73 3.28 9.15 8.11
CA GLY A 73 3.37 9.98 9.32
C GLY A 73 2.22 10.98 9.42
N GLU A 74 2.34 11.93 10.35
CA GLU A 74 1.27 12.91 10.64
C GLU A 74 1.08 13.91 9.49
N ASP A 75 2.18 14.30 8.83
CA ASP A 75 2.15 15.21 7.67
C ASP A 75 1.59 14.49 6.44
N ALA A 76 2.01 13.22 6.27
CA ALA A 76 1.52 12.33 5.20
C ALA A 76 0.03 12.00 5.40
N ALA A 77 -0.41 11.98 6.67
CA ALA A 77 -1.81 11.74 7.03
C ALA A 77 -2.69 12.93 6.64
N LYS A 78 -2.19 14.14 6.93
CA LYS A 78 -2.84 15.41 6.52
C LYS A 78 -2.93 15.49 5.00
N ASP A 79 -1.89 14.98 4.32
CA ASP A 79 -1.80 14.95 2.84
C ASP A 79 -2.98 14.12 2.27
N PHE A 80 -3.11 12.89 2.77
CA PHE A 80 -4.13 11.92 2.30
C PHE A 80 -5.57 12.36 2.59
N LEU A 81 -5.80 13.07 3.72
CA LEU A 81 -7.14 13.60 4.06
C LEU A 81 -7.52 14.72 3.08
N GLU A 82 -6.51 15.42 2.56
CA GLU A 82 -6.69 16.50 1.56
C GLU A 82 -6.47 16.00 0.11
N ARG A 83 -6.00 14.74 -0.05
CA ARG A 83 -5.64 14.17 -1.37
C ARG A 83 -6.91 13.82 -2.18
N ASP A 84 -7.44 12.58 -2.02
CA ASP A 84 -8.66 12.15 -2.72
C ASP A 84 -9.97 12.49 -1.94
N PRO A 85 -10.19 12.09 -0.62
CA PRO A 85 -9.36 11.15 0.21
C PRO A 85 -9.63 9.65 -0.08
N THR A 86 -10.57 9.36 -0.99
CA THR A 86 -10.88 8.00 -1.50
C THR A 86 -9.65 7.35 -2.19
N LEU A 87 -8.93 6.46 -1.49
CA LEU A 87 -7.61 5.95 -1.96
C LEU A 87 -7.54 4.41 -1.92
N TRP A 88 -6.53 3.85 -2.61
CA TRP A 88 -6.34 2.39 -2.76
C TRP A 88 -5.53 1.81 -1.60
N ALA A 89 -6.22 1.10 -0.68
CA ALA A 89 -5.60 0.41 0.46
C ALA A 89 -5.77 -1.11 0.32
N VAL A 90 -4.63 -1.84 0.29
CA VAL A 90 -4.61 -3.31 0.35
C VAL A 90 -3.79 -3.74 1.58
N VAL A 91 -4.41 -4.54 2.45
CA VAL A 91 -3.71 -5.13 3.60
C VAL A 91 -2.83 -6.29 3.10
N VAL A 92 -1.51 -6.07 3.12
CA VAL A 92 -0.50 -7.08 2.71
C VAL A 92 -0.13 -7.94 3.95
N ALA A 93 0.48 -9.12 3.71
CA ALA A 93 0.83 -10.10 4.78
C ALA A 93 1.57 -9.49 6.01
N PRO A 94 2.63 -8.60 5.85
CA PRO A 94 3.21 -7.85 7.00
C PRO A 94 2.24 -6.75 7.53
N TRP A 95 1.92 -5.78 6.66
CA TRP A 95 1.14 -4.57 7.04
C TRP A 95 0.31 -4.05 5.84
N VAL A 96 -0.56 -3.07 6.12
CA VAL A 96 -1.42 -2.43 5.11
C VAL A 96 -0.63 -1.33 4.35
N VAL A 97 -0.72 -1.36 3.02
CA VAL A 97 -0.04 -0.41 2.11
C VAL A 97 -1.10 0.32 1.26
N ILE A 98 -0.87 1.62 1.02
CA ILE A 98 -1.83 2.53 0.39
C ILE A 98 -1.15 3.40 -0.69
N GLN A 99 -1.93 3.74 -1.70
CA GLN A 99 -1.53 4.62 -2.81
C GLN A 99 -2.73 5.52 -3.13
N GLU A 100 -2.48 6.71 -3.72
CA GLU A 100 -3.57 7.60 -4.13
C GLU A 100 -4.33 6.98 -5.34
N ARG A 101 -5.67 7.12 -5.34
CA ARG A 101 -6.51 6.73 -6.47
C ARG A 101 -6.33 7.76 -7.62
N ALA A 102 -6.16 9.05 -7.22
CA ALA A 102 -5.98 10.19 -8.15
C ALA A 102 -7.31 10.52 -8.85
N GLU A 103 -8.40 10.21 -8.13
CA GLU A 103 -9.78 10.50 -8.54
C GLU A 103 -10.01 12.01 -8.55
N LYS A 104 -9.59 12.66 -7.46
CA LYS A 104 -9.68 14.12 -7.27
C LYS A 104 -8.73 14.85 -8.26
N ALA A 105 -7.55 14.25 -8.47
CA ALA A 105 -6.54 14.76 -9.41
C ALA A 105 -7.08 14.68 -10.86
N THR A 106 -7.40 15.85 -11.44
CA THR A 106 -8.02 15.95 -12.79
C THR A 106 -6.97 15.80 -13.93
N LEU A 107 -5.73 15.42 -13.56
CA LEU A 107 -4.64 15.12 -14.52
C LEU A 107 -5.02 13.93 -15.43
N HIS A 108 -5.46 14.25 -16.66
CA HIS A 108 -5.82 13.26 -17.69
C HIS A 108 -5.96 14.00 -19.05
N GLY A 1 20.29 -31.20 -8.64
CA GLY A 1 19.75 -31.54 -9.98
C GLY A 1 18.25 -31.32 -10.07
N SER A 2 17.80 -30.75 -11.22
CA SER A 2 16.37 -30.56 -11.57
C SER A 2 15.63 -29.64 -10.56
N HIS A 3 16.35 -28.61 -10.06
CA HIS A 3 15.83 -27.67 -9.05
C HIS A 3 14.55 -26.95 -9.56
N MET A 4 13.42 -27.20 -8.89
CA MET A 4 12.09 -26.72 -9.32
C MET A 4 11.39 -25.99 -8.16
N THR A 5 10.76 -24.85 -8.48
CA THR A 5 9.96 -24.07 -7.52
C THR A 5 8.47 -24.14 -7.91
N GLU A 6 7.62 -24.56 -6.95
CA GLU A 6 6.16 -24.44 -7.08
C GLU A 6 5.74 -23.10 -6.48
N GLN A 7 4.93 -22.34 -7.22
CA GLN A 7 4.34 -21.09 -6.74
C GLN A 7 3.08 -21.42 -5.91
N THR A 8 3.30 -22.23 -4.85
CA THR A 8 2.23 -22.75 -3.98
C THR A 8 2.00 -21.81 -2.76
N SER A 9 2.67 -20.65 -2.77
CA SER A 9 2.47 -19.61 -1.76
C SER A 9 1.02 -19.08 -1.85
N THR A 10 0.18 -19.49 -0.89
CA THR A 10 -1.20 -19.02 -0.75
C THR A 10 -1.24 -17.50 -0.49
N LEU A 11 -0.17 -16.98 0.14
CA LEU A 11 -0.02 -15.54 0.44
C LEU A 11 0.14 -14.76 -0.88
N TYR A 12 0.98 -15.28 -1.78
CA TYR A 12 1.15 -14.72 -3.13
C TYR A 12 -0.18 -14.77 -3.91
N ALA A 13 -0.86 -15.92 -3.82
CA ALA A 13 -2.09 -16.20 -4.57
C ALA A 13 -3.27 -15.27 -4.17
N LYS A 14 -3.37 -14.96 -2.86
CA LYS A 14 -4.45 -14.11 -2.34
C LYS A 14 -4.16 -12.61 -2.53
N LEU A 15 -2.89 -12.22 -2.34
CA LEU A 15 -2.46 -10.81 -2.31
C LEU A 15 -2.44 -10.25 -3.73
N LEU A 16 -1.70 -10.94 -4.62
CA LEU A 16 -1.57 -10.55 -6.03
C LEU A 16 -2.87 -10.90 -6.77
N GLY A 17 -3.85 -9.98 -6.68
CA GLY A 17 -5.18 -10.19 -7.22
C GLY A 17 -5.83 -8.88 -7.63
N GLU A 18 -6.13 -8.03 -6.63
CA GLU A 18 -6.89 -6.78 -6.85
C GLU A 18 -6.47 -5.70 -5.83
N THR A 19 -6.42 -4.42 -6.27
CA THR A 19 -6.22 -3.26 -5.38
C THR A 19 -7.59 -2.80 -4.84
N ALA A 20 -7.73 -2.73 -3.51
CA ALA A 20 -9.00 -2.41 -2.84
C ALA A 20 -9.14 -0.89 -2.63
N VAL A 21 -10.13 -0.28 -3.29
CA VAL A 21 -10.48 1.14 -3.07
C VAL A 21 -11.17 1.27 -1.69
N ILE A 22 -10.73 2.25 -0.90
CA ILE A 22 -11.22 2.47 0.48
C ILE A 22 -11.28 3.98 0.78
N SER A 23 -12.02 4.35 1.83
CA SER A 23 -12.05 5.72 2.35
C SER A 23 -10.85 5.93 3.31
N TRP A 24 -10.27 7.13 3.30
CA TRP A 24 -9.06 7.46 4.08
C TRP A 24 -9.32 7.40 5.61
N ALA A 25 -10.51 7.86 6.03
CA ALA A 25 -10.85 7.97 7.47
C ALA A 25 -11.01 6.58 8.13
N GLU A 26 -11.16 5.53 7.28
CA GLU A 26 -11.15 4.12 7.74
C GLU A 26 -9.73 3.68 8.16
N LEU A 27 -8.73 4.39 7.65
CA LEU A 27 -7.30 4.11 7.87
C LEU A 27 -6.71 4.96 9.02
N GLN A 28 -7.56 5.73 9.72
CA GLN A 28 -7.14 6.49 10.91
C GLN A 28 -6.54 5.58 12.03
N PRO A 29 -7.19 4.41 12.41
CA PRO A 29 -6.59 3.44 13.36
C PRO A 29 -5.26 2.84 12.84
N PHE A 30 -5.18 2.65 11.50
CA PHE A 30 -4.05 1.98 10.83
C PHE A 30 -2.77 2.84 10.88
N PHE A 31 -2.89 4.16 10.64
CA PHE A 31 -1.72 5.07 10.74
C PHE A 31 -1.38 5.33 12.22
N ALA A 32 -2.43 5.32 13.07
CA ALA A 32 -2.29 5.51 14.54
C ALA A 32 -1.48 4.38 15.21
N ARG A 33 -1.54 3.16 14.61
CA ARG A 33 -0.76 1.99 15.09
C ARG A 33 0.51 1.76 14.23
N GLY A 34 0.71 2.62 13.21
CA GLY A 34 1.89 2.57 12.34
C GLY A 34 1.88 1.43 11.33
N ALA A 35 0.71 0.80 11.15
CA ALA A 35 0.52 -0.29 10.18
C ALA A 35 0.26 0.23 8.76
N LEU A 36 0.22 1.56 8.60
CA LEU A 36 -0.10 2.22 7.32
C LEU A 36 1.20 2.72 6.68
N LEU A 37 1.48 2.27 5.45
CA LEU A 37 2.67 2.65 4.66
C LEU A 37 2.25 3.49 3.44
N GLN A 38 2.98 4.59 3.20
CA GLN A 38 2.78 5.51 2.07
C GLN A 38 3.57 5.02 0.87
N VAL A 39 2.93 4.99 -0.31
CA VAL A 39 3.65 4.77 -1.59
C VAL A 39 3.21 5.85 -2.60
N ASP A 40 4.17 6.32 -3.42
CA ASP A 40 3.92 7.35 -4.44
C ASP A 40 3.26 6.74 -5.69
N ALA A 41 2.54 7.58 -6.47
CA ALA A 41 1.79 7.16 -7.67
C ALA A 41 2.71 6.59 -8.77
N ALA A 42 3.98 7.05 -8.80
CA ALA A 42 4.99 6.57 -9.77
C ALA A 42 5.34 5.09 -9.54
N LEU A 43 5.24 4.64 -8.28
CA LEU A 43 5.34 3.21 -7.92
C LEU A 43 3.95 2.56 -7.98
N ASP A 44 3.87 1.27 -7.64
CA ASP A 44 2.63 0.49 -7.80
C ASP A 44 2.38 -0.39 -6.58
N LEU A 45 1.11 -0.49 -6.17
CA LEU A 45 0.67 -1.26 -4.99
C LEU A 45 0.95 -2.77 -5.16
N VAL A 46 0.78 -3.28 -6.38
CA VAL A 46 0.95 -4.71 -6.69
C VAL A 46 2.42 -5.14 -6.49
N GLU A 47 3.37 -4.30 -6.97
CA GLU A 47 4.82 -4.61 -6.89
C GLU A 47 5.38 -4.40 -5.46
N VAL A 48 4.93 -3.33 -4.76
CA VAL A 48 5.45 -2.99 -3.41
C VAL A 48 4.97 -4.00 -2.36
N ALA A 49 3.73 -4.47 -2.55
CA ALA A 49 3.09 -5.44 -1.64
C ALA A 49 3.69 -6.84 -1.84
N GLU A 50 3.98 -7.19 -3.11
CA GLU A 50 4.68 -8.45 -3.46
C GLU A 50 6.10 -8.49 -2.87
N ALA A 51 6.78 -7.33 -2.89
CA ALA A 51 8.14 -7.18 -2.33
C ALA A 51 8.16 -7.49 -0.81
N LEU A 52 7.10 -7.04 -0.12
CA LEU A 52 6.91 -7.27 1.33
C LEU A 52 6.43 -8.72 1.59
N ALA A 53 5.65 -9.28 0.63
CA ALA A 53 5.09 -10.65 0.71
C ALA A 53 6.20 -11.71 0.59
N GLY A 54 7.17 -11.43 -0.29
CA GLY A 54 8.35 -12.29 -0.48
C GLY A 54 9.51 -11.91 0.43
N ASP A 55 9.32 -10.79 1.18
CA ASP A 55 10.29 -10.27 2.17
C ASP A 55 11.65 -9.89 1.51
N ASP A 56 11.56 -9.45 0.24
CA ASP A 56 12.72 -9.00 -0.54
C ASP A 56 13.19 -7.65 0.03
N ARG A 57 14.35 -7.65 0.69
CA ARG A 57 14.81 -6.51 1.50
C ARG A 57 15.26 -5.34 0.61
N GLU A 58 16.12 -5.65 -0.38
CA GLU A 58 16.80 -4.63 -1.21
C GLU A 58 15.80 -3.75 -2.00
N LYS A 59 14.67 -4.36 -2.41
CA LYS A 59 13.59 -3.69 -3.15
C LYS A 59 12.93 -2.61 -2.26
N VAL A 60 12.46 -3.08 -1.10
CA VAL A 60 11.77 -2.26 -0.11
C VAL A 60 12.70 -1.16 0.46
N ALA A 61 13.97 -1.54 0.70
CA ALA A 61 14.99 -0.68 1.33
C ALA A 61 15.43 0.46 0.40
N ALA A 62 15.40 0.18 -0.92
CA ALA A 62 15.68 1.20 -1.95
C ALA A 62 14.56 2.25 -1.97
N TRP A 63 13.31 1.76 -1.90
CA TRP A 63 12.10 2.60 -1.89
C TRP A 63 11.99 3.41 -0.58
N LEU A 64 12.45 2.82 0.53
CA LEU A 64 12.49 3.49 1.85
C LEU A 64 13.61 4.54 1.89
N SER A 65 14.73 4.23 1.22
CA SER A 65 15.90 5.13 1.11
C SER A 65 15.55 6.42 0.35
N GLY A 66 14.80 6.26 -0.76
CA GLY A 66 14.36 7.41 -1.56
C GLY A 66 13.79 6.99 -2.91
N GLY A 67 12.95 5.95 -2.91
CA GLY A 67 12.30 5.46 -4.13
C GLY A 67 10.85 5.89 -4.23
N GLY A 68 10.20 6.10 -3.08
CA GLY A 68 8.83 6.60 -3.01
C GLY A 68 7.96 5.82 -2.02
N LEU A 69 8.58 5.27 -0.97
CA LEU A 69 7.90 4.47 0.07
C LEU A 69 8.37 4.98 1.44
N SER A 70 7.41 5.42 2.26
CA SER A 70 7.65 5.88 3.64
C SER A 70 6.49 5.38 4.52
N LYS A 71 6.47 5.76 5.81
CA LYS A 71 5.44 5.33 6.78
C LYS A 71 4.51 6.50 7.14
N VAL A 72 3.20 6.21 7.20
CA VAL A 72 2.16 7.24 7.40
C VAL A 72 2.04 7.63 8.88
N GLY A 73 2.66 8.78 9.22
CA GLY A 73 2.52 9.41 10.53
C GLY A 73 1.56 10.58 10.49
N GLU A 74 1.85 11.62 11.28
CA GLU A 74 1.01 12.85 11.37
C GLU A 74 1.11 13.70 10.09
N ASP A 75 2.31 13.75 9.49
CA ASP A 75 2.57 14.55 8.27
C ASP A 75 1.90 13.91 7.05
N ALA A 76 2.04 12.58 6.94
CA ALA A 76 1.42 11.80 5.86
C ALA A 76 -0.10 11.68 6.07
N ALA A 77 -0.54 11.77 7.33
CA ALA A 77 -1.98 11.86 7.67
C ALA A 77 -2.61 13.10 7.01
N LYS A 78 -1.89 14.24 7.10
CA LYS A 78 -2.26 15.49 6.42
C LYS A 78 -2.21 15.32 4.90
N ASP A 79 -1.16 14.63 4.42
CA ASP A 79 -0.89 14.46 2.97
C ASP A 79 -2.09 13.82 2.26
N PHE A 80 -2.48 12.62 2.72
CA PHE A 80 -3.56 11.82 2.11
C PHE A 80 -4.95 12.41 2.37
N LEU A 81 -5.15 13.04 3.53
CA LEU A 81 -6.46 13.68 3.89
C LEU A 81 -6.76 14.83 2.91
N GLU A 82 -5.70 15.59 2.60
CA GLU A 82 -5.76 16.75 1.70
C GLU A 82 -5.43 16.37 0.24
N ARG A 83 -5.05 15.08 0.01
CA ARG A 83 -4.71 14.59 -1.35
C ARG A 83 -6.00 14.36 -2.16
N ASP A 84 -6.58 13.14 -2.10
CA ASP A 84 -7.79 12.79 -2.85
C ASP A 84 -9.10 13.17 -2.06
N PRO A 85 -9.38 12.68 -0.78
CA PRO A 85 -8.53 11.77 0.07
C PRO A 85 -8.70 10.24 -0.19
N THR A 86 -9.80 9.84 -0.85
CA THR A 86 -10.10 8.41 -1.16
C THR A 86 -8.93 7.74 -1.89
N LEU A 87 -8.61 6.50 -1.54
CA LEU A 87 -7.34 5.88 -1.93
C LEU A 87 -7.44 4.36 -1.95
N TRP A 88 -6.54 3.74 -2.69
CA TRP A 88 -6.47 2.28 -2.82
C TRP A 88 -5.53 1.74 -1.72
N ALA A 89 -6.09 1.00 -0.76
CA ALA A 89 -5.33 0.36 0.32
C ALA A 89 -5.25 -1.15 0.05
N VAL A 90 -4.02 -1.70 0.08
CA VAL A 90 -3.77 -3.15 -0.10
C VAL A 90 -3.14 -3.70 1.20
N VAL A 91 -3.85 -4.64 1.84
CA VAL A 91 -3.44 -5.23 3.12
C VAL A 91 -2.45 -6.38 2.88
N VAL A 92 -1.17 -6.07 3.09
CA VAL A 92 -0.05 -7.03 2.94
C VAL A 92 0.07 -7.84 4.25
N ALA A 93 0.79 -8.98 4.20
CA ALA A 93 0.98 -9.86 5.37
C ALA A 93 1.54 -9.10 6.62
N PRO A 94 2.63 -8.25 6.51
CA PRO A 94 3.08 -7.37 7.64
C PRO A 94 2.09 -6.20 7.90
N TRP A 95 1.94 -5.31 6.90
CA TRP A 95 1.20 -4.03 7.05
C TRP A 95 0.40 -3.69 5.78
N VAL A 96 -0.46 -2.67 5.86
CA VAL A 96 -1.28 -2.19 4.72
C VAL A 96 -0.61 -0.96 4.06
N VAL A 97 -0.36 -1.05 2.74
CA VAL A 97 0.25 0.04 1.93
C VAL A 97 -0.85 0.76 1.13
N ILE A 98 -0.74 2.10 1.00
CA ILE A 98 -1.78 2.95 0.39
C ILE A 98 -1.19 3.87 -0.70
N GLN A 99 -2.04 4.17 -1.68
CA GLN A 99 -1.77 5.10 -2.77
C GLN A 99 -3.10 5.76 -3.15
N GLU A 100 -3.08 7.10 -3.30
CA GLU A 100 -4.29 7.89 -3.60
C GLU A 100 -4.98 7.45 -4.91
N ARG A 101 -6.32 7.60 -4.93
CA ARG A 101 -7.16 7.31 -6.11
C ARG A 101 -6.82 8.29 -7.25
N ALA A 102 -6.40 9.52 -6.88
CA ALA A 102 -5.90 10.53 -7.81
C ALA A 102 -4.52 10.11 -8.36
N GLU A 103 -4.53 9.22 -9.36
CA GLU A 103 -3.33 8.63 -9.98
C GLU A 103 -2.75 9.54 -11.09
N LYS A 104 -2.77 10.86 -10.86
CA LYS A 104 -2.19 11.85 -11.78
C LYS A 104 -1.62 13.02 -10.96
N ALA A 105 -2.49 13.70 -10.18
CA ALA A 105 -2.15 14.96 -9.43
C ALA A 105 -0.91 14.83 -8.51
N THR A 106 -0.53 13.58 -8.18
CA THR A 106 0.61 13.25 -7.30
C THR A 106 1.97 13.69 -7.89
N LEU A 107 2.07 13.73 -9.23
CA LEU A 107 3.34 14.08 -9.94
C LEU A 107 3.77 15.54 -9.66
N HIS A 108 2.79 16.38 -9.27
CA HIS A 108 3.03 17.78 -8.90
C HIS A 108 3.02 17.91 -7.36
N GLY A 1 -7.89 -14.75 -10.72
CA GLY A 1 -8.11 -14.34 -9.31
C GLY A 1 -8.71 -15.45 -8.46
N SER A 2 -9.04 -15.09 -7.21
CA SER A 2 -9.58 -16.03 -6.19
C SER A 2 -10.94 -16.60 -6.62
N HIS A 3 -10.99 -17.91 -6.91
CA HIS A 3 -12.22 -18.59 -7.35
C HIS A 3 -13.23 -18.70 -6.18
N MET A 4 -12.73 -19.10 -5.01
CA MET A 4 -13.57 -19.34 -3.82
C MET A 4 -12.73 -19.16 -2.53
N THR A 5 -13.35 -19.50 -1.38
CA THR A 5 -12.70 -19.56 -0.07
C THR A 5 -11.57 -20.61 -0.05
N GLU A 6 -10.32 -20.16 -0.25
CA GLU A 6 -9.13 -21.04 -0.23
C GLU A 6 -8.45 -20.97 1.14
N GLN A 7 -8.09 -22.14 1.69
CA GLN A 7 -7.51 -22.28 3.03
C GLN A 7 -5.97 -22.07 3.00
N THR A 8 -5.33 -22.58 1.93
CA THR A 8 -3.85 -22.57 1.80
C THR A 8 -3.28 -21.14 1.62
N SER A 9 -4.07 -20.24 1.00
CA SER A 9 -3.66 -18.83 0.80
C SER A 9 -4.90 -17.91 0.88
N THR A 10 -5.20 -17.44 2.10
CA THR A 10 -6.31 -16.50 2.36
C THR A 10 -5.89 -15.04 2.02
N LEU A 11 -4.78 -14.58 2.63
CA LEU A 11 -4.29 -13.19 2.49
C LEU A 11 -3.71 -12.99 1.07
N TYR A 12 -2.99 -14.01 0.59
CA TYR A 12 -2.41 -14.00 -0.77
C TYR A 12 -3.53 -13.87 -1.82
N ALA A 13 -4.72 -14.42 -1.49
CA ALA A 13 -5.92 -14.31 -2.34
C ALA A 13 -6.49 -12.86 -2.36
N LYS A 14 -6.30 -12.14 -1.24
CA LYS A 14 -6.74 -10.72 -1.11
C LYS A 14 -5.86 -9.80 -1.98
N LEU A 15 -4.55 -10.09 -2.00
CA LEU A 15 -3.56 -9.32 -2.77
C LEU A 15 -3.65 -9.67 -4.28
N LEU A 16 -3.79 -10.98 -4.59
CA LEU A 16 -3.90 -11.48 -5.97
C LEU A 16 -5.34 -11.25 -6.48
N GLY A 17 -5.52 -10.06 -7.07
CA GLY A 17 -6.80 -9.65 -7.64
C GLY A 17 -6.74 -8.20 -8.13
N GLU A 18 -7.31 -7.28 -7.33
CA GLU A 18 -7.32 -5.83 -7.64
C GLU A 18 -6.94 -5.01 -6.40
N THR A 19 -6.72 -3.71 -6.61
CA THR A 19 -6.45 -2.74 -5.54
C THR A 19 -7.80 -2.26 -4.94
N ALA A 20 -7.93 -2.31 -3.60
CA ALA A 20 -9.19 -2.00 -2.92
C ALA A 20 -9.32 -0.49 -2.68
N VAL A 21 -10.30 0.13 -3.34
CA VAL A 21 -10.64 1.55 -3.16
C VAL A 21 -11.40 1.71 -1.82
N ILE A 22 -10.92 2.60 -0.96
CA ILE A 22 -11.48 2.78 0.40
C ILE A 22 -11.38 4.27 0.84
N SER A 23 -12.20 4.64 1.84
CA SER A 23 -12.08 5.93 2.54
C SER A 23 -10.81 5.95 3.40
N TRP A 24 -10.09 7.07 3.38
CA TRP A 24 -8.89 7.28 4.20
C TRP A 24 -9.21 7.18 5.72
N ALA A 25 -10.38 7.69 6.13
CA ALA A 25 -10.76 7.79 7.56
C ALA A 25 -10.88 6.41 8.23
N GLU A 26 -11.04 5.36 7.40
CA GLU A 26 -11.09 3.95 7.87
C GLU A 26 -9.68 3.43 8.23
N LEU A 27 -8.67 4.07 7.64
CA LEU A 27 -7.25 3.67 7.76
C LEU A 27 -6.53 4.39 8.94
N GLN A 28 -7.29 5.18 9.73
CA GLN A 28 -6.74 5.92 10.90
C GLN A 28 -6.04 5.00 11.96
N PRO A 29 -6.62 3.82 12.41
CA PRO A 29 -5.93 2.90 13.36
C PRO A 29 -4.63 2.32 12.77
N PHE A 30 -4.59 2.17 11.44
CA PHE A 30 -3.45 1.59 10.71
C PHE A 30 -2.30 2.61 10.60
N PHE A 31 -2.65 3.91 10.42
CA PHE A 31 -1.65 5.00 10.42
C PHE A 31 -1.11 5.23 11.85
N ALA A 32 -2.00 5.06 12.85
CA ALA A 32 -1.67 5.29 14.28
C ALA A 32 -0.56 4.33 14.76
N ARG A 33 -0.55 3.10 14.22
CA ARG A 33 0.51 2.10 14.50
C ARG A 33 1.64 2.16 13.45
N GLY A 34 1.47 3.02 12.42
CA GLY A 34 2.46 3.24 11.36
C GLY A 34 2.53 2.08 10.37
N ALA A 35 1.47 1.27 10.34
CA ALA A 35 1.34 0.11 9.43
C ALA A 35 0.88 0.54 8.02
N LEU A 36 0.74 1.85 7.79
CA LEU A 36 0.43 2.39 6.46
C LEU A 36 1.71 2.78 5.73
N LEU A 37 1.96 2.09 4.63
CA LEU A 37 3.13 2.31 3.76
C LEU A 37 2.68 3.07 2.51
N GLN A 38 3.24 4.26 2.30
CA GLN A 38 2.86 5.16 1.20
C GLN A 38 3.71 4.87 -0.03
N VAL A 39 3.04 4.61 -1.16
CA VAL A 39 3.69 4.42 -2.45
C VAL A 39 3.68 5.75 -3.21
N ASP A 40 4.82 6.08 -3.83
CA ASP A 40 4.93 7.23 -4.73
C ASP A 40 4.40 6.83 -6.11
N ALA A 41 3.96 7.83 -6.89
CA ALA A 41 3.34 7.61 -8.22
C ALA A 41 4.31 6.89 -9.20
N ALA A 42 5.63 7.07 -8.97
CA ALA A 42 6.68 6.47 -9.83
C ALA A 42 6.78 4.93 -9.67
N LEU A 43 6.34 4.41 -8.50
CA LEU A 43 6.29 2.94 -8.24
C LEU A 43 4.88 2.40 -8.55
N ASP A 44 4.59 1.17 -8.09
CA ASP A 44 3.25 0.55 -8.22
C ASP A 44 2.84 -0.04 -6.86
N LEU A 45 1.52 -0.08 -6.61
CA LEU A 45 0.96 -0.49 -5.31
C LEU A 45 1.12 -2.01 -5.04
N VAL A 46 0.77 -2.86 -6.02
CA VAL A 46 0.78 -4.33 -5.81
C VAL A 46 2.23 -4.89 -5.84
N GLU A 47 3.16 -4.21 -6.54
CA GLU A 47 4.57 -4.65 -6.65
C GLU A 47 5.31 -4.47 -5.31
N VAL A 48 5.04 -3.33 -4.63
CA VAL A 48 5.68 -3.01 -3.34
C VAL A 48 5.06 -3.88 -2.23
N ALA A 49 3.76 -4.15 -2.38
CA ALA A 49 3.00 -5.03 -1.48
C ALA A 49 3.51 -6.47 -1.61
N GLU A 50 3.93 -6.85 -2.83
CA GLU A 50 4.53 -8.16 -3.13
C GLU A 50 5.96 -8.26 -2.54
N ALA A 51 6.68 -7.12 -2.55
CA ALA A 51 8.01 -7.03 -1.94
C ALA A 51 7.93 -7.10 -0.40
N LEU A 52 6.81 -6.61 0.15
CA LEU A 52 6.56 -6.61 1.60
C LEU A 52 5.88 -7.93 2.06
N ALA A 53 5.23 -8.64 1.12
CA ALA A 53 4.65 -9.98 1.37
C ALA A 53 5.72 -11.06 1.24
N GLY A 54 6.64 -10.85 0.29
CA GLY A 54 7.74 -11.78 0.01
C GLY A 54 8.99 -11.50 0.81
N ASP A 55 8.97 -10.38 1.58
CA ASP A 55 10.08 -9.91 2.43
C ASP A 55 11.36 -9.67 1.60
N ASP A 56 11.16 -9.15 0.37
CA ASP A 56 12.26 -8.77 -0.55
C ASP A 56 12.98 -7.54 0.02
N ARG A 57 13.92 -7.80 0.93
CA ARG A 57 14.58 -6.76 1.75
C ARG A 57 15.36 -5.75 0.89
N GLU A 58 15.90 -6.23 -0.25
CA GLU A 58 16.72 -5.40 -1.16
C GLU A 58 15.86 -4.36 -1.88
N LYS A 59 14.67 -4.78 -2.36
CA LYS A 59 13.73 -3.91 -3.09
C LYS A 59 13.10 -2.89 -2.15
N VAL A 60 12.71 -3.36 -0.95
CA VAL A 60 12.12 -2.55 0.11
C VAL A 60 13.10 -1.44 0.56
N ALA A 61 14.36 -1.84 0.85
CA ALA A 61 15.42 -0.92 1.30
C ALA A 61 15.78 0.10 0.21
N ALA A 62 15.74 -0.34 -1.06
CA ALA A 62 16.03 0.52 -2.22
C ALA A 62 14.98 1.63 -2.35
N TRP A 63 13.71 1.25 -2.17
CA TRP A 63 12.55 2.16 -2.31
C TRP A 63 12.39 3.08 -1.09
N LEU A 64 12.75 2.57 0.10
CA LEU A 64 12.74 3.36 1.36
C LEU A 64 13.80 4.47 1.31
N SER A 65 15.03 4.10 0.89
CA SER A 65 16.16 5.04 0.74
C SER A 65 15.91 6.03 -0.40
N GLY A 66 15.24 5.55 -1.47
CA GLY A 66 14.87 6.39 -2.61
C GLY A 66 13.68 7.31 -2.33
N GLY A 67 12.97 7.05 -1.21
CA GLY A 67 11.83 7.85 -0.78
C GLY A 67 10.55 7.53 -1.55
N GLY A 68 10.62 6.53 -2.44
CA GLY A 68 9.48 6.11 -3.25
C GLY A 68 8.49 5.30 -2.44
N LEU A 69 8.98 4.71 -1.34
CA LEU A 69 8.14 3.99 -0.37
C LEU A 69 8.48 4.56 1.01
N SER A 70 7.45 4.90 1.79
CA SER A 70 7.56 5.60 3.08
C SER A 70 6.55 5.03 4.07
N LYS A 71 6.65 5.46 5.35
CA LYS A 71 5.60 5.22 6.36
C LYS A 71 4.78 6.52 6.51
N VAL A 72 3.48 6.36 6.79
CA VAL A 72 2.54 7.49 6.88
C VAL A 72 2.49 8.00 8.34
N GLY A 73 3.09 9.18 8.55
CA GLY A 73 3.06 9.86 9.84
C GLY A 73 1.85 10.78 9.98
N GLU A 74 1.85 11.66 11.01
CA GLU A 74 0.73 12.56 11.31
C GLU A 74 0.52 13.59 10.19
N ASP A 75 1.62 14.14 9.65
CA ASP A 75 1.56 15.15 8.58
C ASP A 75 1.11 14.51 7.25
N ALA A 76 1.68 13.33 6.95
CA ALA A 76 1.32 12.53 5.77
C ALA A 76 -0.15 12.08 5.85
N ALA A 77 -0.65 11.90 7.08
CA ALA A 77 -2.05 11.54 7.35
C ALA A 77 -3.00 12.68 6.98
N LYS A 78 -2.61 13.91 7.37
CA LYS A 78 -3.35 15.15 7.06
C LYS A 78 -3.39 15.36 5.55
N ASP A 79 -2.30 14.95 4.87
CA ASP A 79 -2.19 15.06 3.41
C ASP A 79 -3.27 14.21 2.73
N PHE A 80 -3.28 12.89 3.05
CA PHE A 80 -4.25 11.93 2.49
C PHE A 80 -5.71 12.35 2.79
N LEU A 81 -5.94 12.88 4.01
CA LEU A 81 -7.27 13.39 4.45
C LEU A 81 -7.74 14.55 3.52
N GLU A 82 -6.79 15.42 3.17
CA GLU A 82 -7.06 16.61 2.32
C GLU A 82 -6.81 16.31 0.82
N ARG A 83 -6.31 15.11 0.50
CA ARG A 83 -5.98 14.73 -0.89
C ARG A 83 -7.27 14.46 -1.70
N ASP A 84 -7.73 13.19 -1.76
CA ASP A 84 -8.96 12.82 -2.49
C ASP A 84 -10.26 12.97 -1.63
N PRO A 85 -10.38 12.38 -0.36
CA PRO A 85 -9.37 11.50 0.34
C PRO A 85 -9.40 10.01 -0.07
N THR A 86 -10.40 9.65 -0.88
CA THR A 86 -10.58 8.31 -1.51
C THR A 86 -9.28 7.80 -2.18
N LEU A 87 -8.70 6.74 -1.62
CA LEU A 87 -7.40 6.21 -2.08
C LEU A 87 -7.47 4.69 -2.20
N TRP A 88 -6.37 4.10 -2.68
CA TRP A 88 -6.21 2.64 -2.75
C TRP A 88 -5.47 2.13 -1.50
N ALA A 89 -5.93 1.00 -0.97
CA ALA A 89 -5.33 0.33 0.19
C ALA A 89 -5.40 -1.17 -0.03
N VAL A 90 -4.25 -1.86 0.03
CA VAL A 90 -4.16 -3.33 -0.06
C VAL A 90 -3.57 -3.88 1.25
N VAL A 91 -4.35 -4.73 1.93
CA VAL A 91 -3.94 -5.35 3.18
C VAL A 91 -2.96 -6.51 2.90
N VAL A 92 -1.70 -6.29 3.30
CA VAL A 92 -0.63 -7.30 3.25
C VAL A 92 -0.56 -7.98 4.63
N ALA A 93 0.09 -9.17 4.69
CA ALA A 93 0.12 -10.04 5.90
C ALA A 93 0.53 -9.29 7.22
N PRO A 94 1.63 -8.44 7.24
CA PRO A 94 1.98 -7.66 8.45
C PRO A 94 1.25 -6.30 8.55
N TRP A 95 1.06 -5.61 7.40
CA TRP A 95 0.61 -4.19 7.37
C TRP A 95 -0.19 -3.88 6.09
N VAL A 96 -0.83 -2.70 6.06
CA VAL A 96 -1.65 -2.24 4.90
C VAL A 96 -0.85 -1.21 4.10
N VAL A 97 -0.61 -1.49 2.82
CA VAL A 97 0.12 -0.58 1.92
C VAL A 97 -0.87 0.24 1.10
N ILE A 98 -0.74 1.58 1.15
CA ILE A 98 -1.68 2.53 0.50
C ILE A 98 -0.97 3.40 -0.54
N GLN A 99 -1.79 4.07 -1.35
CA GLN A 99 -1.35 5.05 -2.37
C GLN A 99 -2.55 5.94 -2.71
N GLU A 100 -2.34 7.26 -2.79
CA GLU A 100 -3.41 8.21 -3.18
C GLU A 100 -3.85 7.94 -4.64
N ARG A 101 -5.19 7.85 -4.83
CA ARG A 101 -5.82 7.49 -6.12
C ARG A 101 -5.65 8.61 -7.16
N ALA A 102 -5.73 9.89 -6.70
CA ALA A 102 -5.70 11.09 -7.57
C ALA A 102 -6.94 11.10 -8.50
N GLU A 103 -8.08 10.65 -7.94
CA GLU A 103 -9.38 10.49 -8.62
C GLU A 103 -9.84 11.84 -9.19
N LYS A 104 -9.77 12.85 -8.31
CA LYS A 104 -10.21 14.22 -8.63
C LYS A 104 -9.32 14.87 -9.71
N ALA A 105 -8.02 14.51 -9.70
CA ALA A 105 -6.98 14.95 -10.67
C ALA A 105 -6.62 16.45 -10.58
N THR A 106 -7.46 17.26 -9.87
CA THR A 106 -7.32 18.74 -9.77
C THR A 106 -7.59 19.44 -11.15
N LEU A 107 -8.02 18.65 -12.16
CA LEU A 107 -8.28 19.13 -13.52
C LEU A 107 -9.76 19.57 -13.60
N HIS A 108 -9.98 20.87 -13.84
CA HIS A 108 -11.33 21.48 -13.92
C HIS A 108 -11.47 22.25 -15.26
N GLY A 1 -11.26 -34.59 19.02
CA GLY A 1 -12.30 -33.85 18.29
C GLY A 1 -12.05 -33.81 16.80
N SER A 2 -11.76 -32.62 16.25
CA SER A 2 -11.56 -32.40 14.81
C SER A 2 -10.75 -31.12 14.58
N HIS A 3 -9.95 -31.11 13.49
CA HIS A 3 -9.14 -29.93 13.11
C HIS A 3 -9.99 -28.90 12.34
N MET A 4 -9.38 -27.74 12.09
CA MET A 4 -9.97 -26.66 11.29
C MET A 4 -8.83 -25.91 10.57
N THR A 5 -8.56 -26.31 9.32
CA THR A 5 -7.51 -25.72 8.49
C THR A 5 -8.11 -24.57 7.65
N GLU A 6 -7.82 -23.33 8.06
CA GLU A 6 -8.28 -22.09 7.38
C GLU A 6 -7.08 -21.15 7.13
N GLN A 7 -7.40 -19.96 6.56
CA GLN A 7 -6.44 -18.86 6.22
C GLN A 7 -5.19 -19.32 5.42
N THR A 8 -5.33 -20.47 4.74
CA THR A 8 -4.22 -21.11 4.00
C THR A 8 -3.85 -20.29 2.74
N SER A 9 -2.86 -19.39 2.93
CA SER A 9 -2.33 -18.50 1.88
C SER A 9 -3.41 -17.53 1.35
N THR A 10 -4.40 -17.21 2.22
CA THR A 10 -5.53 -16.32 1.88
C THR A 10 -5.03 -14.88 1.64
N LEU A 11 -3.94 -14.50 2.35
CA LEU A 11 -3.31 -13.17 2.24
C LEU A 11 -2.70 -13.01 0.84
N TYR A 12 -2.02 -14.07 0.38
CA TYR A 12 -1.36 -14.10 -0.94
C TYR A 12 -2.42 -14.07 -2.06
N ALA A 13 -3.51 -14.82 -1.85
CA ALA A 13 -4.61 -14.92 -2.82
C ALA A 13 -5.41 -13.60 -2.92
N LYS A 14 -5.50 -12.86 -1.80
CA LYS A 14 -6.26 -11.60 -1.72
C LYS A 14 -5.44 -10.43 -2.30
N LEU A 15 -4.14 -10.41 -1.99
CA LEU A 15 -3.21 -9.36 -2.42
C LEU A 15 -2.97 -9.51 -3.93
N LEU A 16 -2.52 -10.71 -4.32
CA LEU A 16 -2.31 -11.07 -5.72
C LEU A 16 -3.65 -11.56 -6.29
N GLY A 17 -4.42 -10.59 -6.79
CA GLY A 17 -5.74 -10.83 -7.37
C GLY A 17 -6.39 -9.53 -7.76
N GLU A 18 -6.60 -8.66 -6.76
CA GLU A 18 -7.23 -7.34 -6.96
C GLU A 18 -6.83 -6.38 -5.83
N THR A 19 -6.35 -5.18 -6.21
CA THR A 19 -6.09 -4.08 -5.27
C THR A 19 -7.40 -3.31 -5.00
N ALA A 20 -7.68 -3.04 -3.72
CA ALA A 20 -8.94 -2.40 -3.28
C ALA A 20 -8.73 -0.91 -2.99
N VAL A 21 -9.58 -0.05 -3.57
CA VAL A 21 -9.63 1.38 -3.23
C VAL A 21 -10.70 1.58 -2.13
N ILE A 22 -10.32 2.24 -1.03
CA ILE A 22 -11.16 2.40 0.15
C ILE A 22 -10.95 3.82 0.74
N SER A 23 -11.89 4.28 1.58
CA SER A 23 -11.78 5.59 2.24
C SER A 23 -10.63 5.60 3.26
N TRP A 24 -9.93 6.75 3.32
CA TRP A 24 -8.82 7.00 4.26
C TRP A 24 -9.28 6.87 5.73
N ALA A 25 -10.56 7.21 5.97
CA ALA A 25 -11.15 7.22 7.32
C ALA A 25 -11.25 5.80 7.94
N GLU A 26 -11.15 4.77 7.11
CA GLU A 26 -11.10 3.36 7.56
C GLU A 26 -9.68 3.01 8.07
N LEU A 27 -8.69 3.72 7.53
CA LEU A 27 -7.26 3.47 7.75
C LEU A 27 -6.66 4.36 8.85
N GLN A 28 -7.52 5.16 9.53
CA GLN A 28 -7.09 6.03 10.66
C GLN A 28 -6.41 5.24 11.82
N PRO A 29 -6.97 4.07 12.33
CA PRO A 29 -6.30 3.25 13.37
C PRO A 29 -4.97 2.65 12.87
N PHE A 30 -4.90 2.36 11.55
CA PHE A 30 -3.73 1.78 10.89
C PHE A 30 -2.59 2.80 10.75
N PHE A 31 -2.94 4.09 10.56
CA PHE A 31 -1.95 5.19 10.54
C PHE A 31 -1.48 5.48 11.98
N ALA A 32 -2.43 5.37 12.94
CA ALA A 32 -2.17 5.68 14.37
C ALA A 32 -1.08 4.76 14.95
N ARG A 33 -1.12 3.48 14.55
CA ARG A 33 -0.10 2.47 14.95
C ARG A 33 1.15 2.53 14.04
N GLY A 34 1.04 3.25 12.92
CA GLY A 34 2.14 3.41 11.94
C GLY A 34 2.31 2.21 11.01
N ALA A 35 1.22 1.46 10.82
CA ALA A 35 1.20 0.29 9.91
C ALA A 35 0.75 0.68 8.49
N LEU A 36 0.70 1.99 8.19
CA LEU A 36 0.43 2.49 6.84
C LEU A 36 1.74 2.91 6.16
N LEU A 37 2.00 2.31 4.99
CA LEU A 37 3.16 2.64 4.15
C LEU A 37 2.68 3.41 2.90
N GLN A 38 3.19 4.62 2.74
CA GLN A 38 2.85 5.53 1.64
C GLN A 38 3.73 5.23 0.43
N VAL A 39 3.08 4.79 -0.64
CA VAL A 39 3.72 4.51 -1.93
C VAL A 39 3.52 5.72 -2.84
N ASP A 40 4.62 6.21 -3.42
CA ASP A 40 4.60 7.34 -4.35
C ASP A 40 3.95 6.93 -5.68
N ALA A 41 3.34 7.90 -6.38
CA ALA A 41 2.65 7.68 -7.67
C ALA A 41 3.64 7.20 -8.77
N ALA A 42 4.95 7.42 -8.57
CA ALA A 42 6.02 6.91 -9.45
C ALA A 42 6.14 5.38 -9.36
N LEU A 43 5.84 4.82 -8.16
CA LEU A 43 5.86 3.37 -7.91
C LEU A 43 4.44 2.78 -8.10
N ASP A 44 4.32 1.47 -7.95
CA ASP A 44 3.04 0.74 -8.09
C ASP A 44 2.69 0.03 -6.78
N LEU A 45 1.38 -0.03 -6.48
CA LEU A 45 0.87 -0.62 -5.24
C LEU A 45 1.05 -2.16 -5.21
N VAL A 46 0.94 -2.80 -6.38
CA VAL A 46 0.97 -4.27 -6.49
C VAL A 46 2.41 -4.79 -6.26
N GLU A 47 3.40 -4.11 -6.90
CA GLU A 47 4.82 -4.53 -6.85
C GLU A 47 5.41 -4.40 -5.42
N VAL A 48 5.07 -3.29 -4.73
CA VAL A 48 5.60 -3.00 -3.38
C VAL A 48 5.02 -4.00 -2.35
N ALA A 49 3.73 -4.33 -2.51
CA ALA A 49 2.98 -5.18 -1.56
C ALA A 49 3.36 -6.65 -1.73
N GLU A 50 3.54 -7.07 -3.00
CA GLU A 50 3.99 -8.43 -3.36
C GLU A 50 5.42 -8.68 -2.84
N ALA A 51 6.27 -7.63 -2.91
CA ALA A 51 7.64 -7.67 -2.37
C ALA A 51 7.61 -7.92 -0.86
N LEU A 52 6.71 -7.24 -0.16
CA LEU A 52 6.52 -7.39 1.31
C LEU A 52 5.85 -8.74 1.67
N ALA A 53 5.05 -9.28 0.74
CA ALA A 53 4.37 -10.59 0.90
C ALA A 53 5.37 -11.74 0.75
N GLY A 54 6.33 -11.57 -0.18
CA GLY A 54 7.37 -12.56 -0.44
C GLY A 54 8.67 -12.28 0.30
N ASP A 55 8.65 -11.24 1.16
CA ASP A 55 9.80 -10.83 2.02
C ASP A 55 11.02 -10.34 1.17
N ASP A 56 10.75 -9.99 -0.10
CA ASP A 56 11.73 -9.32 -0.98
C ASP A 56 11.96 -7.90 -0.44
N ARG A 57 13.02 -7.76 0.34
CA ARG A 57 13.38 -6.53 1.02
C ARG A 57 14.23 -5.61 0.14
N GLU A 58 14.93 -6.17 -0.87
CA GLU A 58 15.90 -5.40 -1.70
C GLU A 58 15.19 -4.33 -2.58
N LYS A 59 13.95 -4.63 -3.03
CA LYS A 59 13.14 -3.63 -3.78
C LYS A 59 12.69 -2.50 -2.84
N VAL A 60 12.02 -2.88 -1.75
CA VAL A 60 11.37 -1.92 -0.83
C VAL A 60 12.38 -1.10 -0.02
N ALA A 61 13.57 -1.67 0.24
CA ALA A 61 14.63 -1.01 1.04
C ALA A 61 15.27 0.13 0.24
N ALA A 62 15.39 -0.07 -1.08
CA ALA A 62 15.90 0.96 -2.01
C ALA A 62 14.93 2.15 -2.06
N TRP A 63 13.62 1.84 -2.01
CA TRP A 63 12.54 2.83 -2.02
C TRP A 63 12.42 3.56 -0.66
N LEU A 64 12.69 2.84 0.45
CA LEU A 64 12.68 3.40 1.82
C LEU A 64 13.86 4.37 2.02
N SER A 65 15.04 3.96 1.52
CA SER A 65 16.29 4.72 1.67
C SER A 65 16.29 5.94 0.73
N GLY A 66 15.55 5.84 -0.38
CA GLY A 66 15.40 6.93 -1.34
C GLY A 66 14.91 6.45 -2.69
N GLY A 67 13.58 6.30 -2.82
CA GLY A 67 12.96 5.85 -4.08
C GLY A 67 11.51 6.25 -4.21
N GLY A 68 10.78 6.24 -3.07
CA GLY A 68 9.39 6.71 -3.03
C GLY A 68 8.50 5.88 -2.11
N LEU A 69 9.08 5.34 -1.03
CA LEU A 69 8.32 4.56 -0.03
C LEU A 69 8.70 5.07 1.36
N SER A 70 7.71 5.56 2.10
CA SER A 70 7.87 6.12 3.44
C SER A 70 6.64 5.79 4.28
N LYS A 71 6.79 5.66 5.60
CA LYS A 71 5.64 5.42 6.50
C LYS A 71 4.80 6.71 6.64
N VAL A 72 3.51 6.55 6.96
CA VAL A 72 2.58 7.68 7.14
C VAL A 72 2.72 8.26 8.54
N GLY A 73 3.25 9.48 8.61
CA GLY A 73 3.32 10.26 9.85
C GLY A 73 2.01 10.98 10.15
N GLU A 74 1.97 11.69 11.28
CA GLU A 74 0.75 12.41 11.70
C GLU A 74 0.46 13.59 10.78
N ASP A 75 1.52 14.25 10.27
CA ASP A 75 1.38 15.35 9.29
C ASP A 75 0.90 14.81 7.92
N ALA A 76 1.40 13.61 7.56
CA ALA A 76 1.03 12.90 6.31
C ALA A 76 -0.47 12.55 6.31
N ALA A 77 -1.06 12.36 7.51
CA ALA A 77 -2.50 12.13 7.68
C ALA A 77 -3.35 13.29 7.14
N LYS A 78 -2.89 14.54 7.41
CA LYS A 78 -3.57 15.77 6.95
C LYS A 78 -3.48 15.90 5.42
N ASP A 79 -2.34 15.44 4.88
CA ASP A 79 -2.08 15.42 3.42
C ASP A 79 -3.08 14.48 2.72
N PHE A 80 -3.09 13.20 3.17
CA PHE A 80 -3.99 12.14 2.66
C PHE A 80 -5.47 12.55 2.72
N LEU A 81 -5.87 13.16 3.84
CA LEU A 81 -7.25 13.67 4.04
C LEU A 81 -7.62 14.75 2.98
N GLU A 82 -6.60 15.47 2.48
CA GLU A 82 -6.79 16.50 1.43
C GLU A 82 -6.38 16.04 0.01
N ARG A 83 -5.79 14.82 -0.14
CA ARG A 83 -5.38 14.31 -1.48
C ARG A 83 -6.63 14.08 -2.36
N ASP A 84 -7.19 12.86 -2.31
CA ASP A 84 -8.40 12.49 -3.07
C ASP A 84 -9.72 12.79 -2.31
N PRO A 85 -9.92 12.44 -0.96
CA PRO A 85 -8.93 11.78 -0.02
C PRO A 85 -8.78 10.23 -0.17
N THR A 86 -9.73 9.61 -0.86
CA THR A 86 -9.79 8.14 -1.08
C THR A 86 -8.46 7.59 -1.67
N LEU A 87 -8.13 6.32 -1.37
CA LEU A 87 -6.81 5.76 -1.72
C LEU A 87 -6.87 4.23 -1.83
N TRP A 88 -5.95 3.67 -2.59
CA TRP A 88 -5.85 2.24 -2.85
C TRP A 88 -5.04 1.58 -1.74
N ALA A 89 -5.73 0.81 -0.89
CA ALA A 89 -5.14 0.14 0.27
C ALA A 89 -5.23 -1.38 0.13
N VAL A 90 -4.08 -2.06 0.24
CA VAL A 90 -3.98 -3.53 0.29
C VAL A 90 -3.34 -3.94 1.62
N VAL A 91 -4.05 -4.76 2.40
CA VAL A 91 -3.52 -5.33 3.64
C VAL A 91 -2.55 -6.48 3.30
N VAL A 92 -1.29 -6.28 3.68
CA VAL A 92 -0.24 -7.30 3.60
C VAL A 92 -0.03 -7.87 5.02
N ALA A 93 0.58 -9.06 5.12
CA ALA A 93 0.78 -9.76 6.42
C ALA A 93 1.50 -8.89 7.50
N PRO A 94 2.65 -8.18 7.20
CA PRO A 94 3.28 -7.26 8.19
C PRO A 94 2.39 -6.01 8.48
N TRP A 95 2.03 -5.26 7.42
CA TRP A 95 1.31 -3.98 7.53
C TRP A 95 0.43 -3.71 6.29
N VAL A 96 -0.40 -2.66 6.36
CA VAL A 96 -1.25 -2.22 5.24
C VAL A 96 -0.49 -1.20 4.38
N VAL A 97 -0.43 -1.47 3.08
CA VAL A 97 0.29 -0.63 2.10
C VAL A 97 -0.74 0.18 1.29
N ILE A 98 -0.49 1.50 1.15
CA ILE A 98 -1.46 2.46 0.55
C ILE A 98 -0.79 3.36 -0.50
N GLN A 99 -1.62 3.91 -1.40
CA GLN A 99 -1.23 4.89 -2.43
C GLN A 99 -2.50 5.66 -2.83
N GLU A 100 -2.44 7.00 -2.94
CA GLU A 100 -3.65 7.83 -3.14
C GLU A 100 -4.30 7.57 -4.52
N ARG A 101 -5.64 7.63 -4.53
CA ARG A 101 -6.44 7.60 -5.78
C ARG A 101 -6.28 8.94 -6.54
N ALA A 102 -5.85 10.00 -5.83
CA ALA A 102 -5.53 11.30 -6.44
C ALA A 102 -4.24 11.22 -7.27
N GLU A 103 -4.37 10.72 -8.50
CA GLU A 103 -3.25 10.68 -9.47
C GLU A 103 -2.99 12.10 -10.03
N LYS A 104 -3.98 13.00 -9.83
CA LYS A 104 -3.84 14.43 -10.09
C LYS A 104 -2.79 15.07 -9.15
N ALA A 105 -2.68 14.51 -7.93
CA ALA A 105 -1.73 15.01 -6.91
C ALA A 105 -0.27 14.75 -7.34
N THR A 106 0.34 15.79 -7.91
CA THR A 106 1.74 15.78 -8.36
C THR A 106 2.69 16.21 -7.20
N LEU A 107 2.14 16.32 -5.98
CA LEU A 107 2.90 16.68 -4.78
C LEU A 107 3.68 15.44 -4.26
N HIS A 108 4.80 15.15 -4.93
CA HIS A 108 5.65 13.98 -4.63
C HIS A 108 6.60 14.33 -3.46
N GLY A 1 -2.13 -21.41 -14.90
CA GLY A 1 -2.81 -22.58 -15.48
C GLY A 1 -3.68 -23.31 -14.46
N SER A 2 -4.86 -23.79 -14.91
CA SER A 2 -5.82 -24.53 -14.07
C SER A 2 -5.21 -25.89 -13.61
N HIS A 3 -4.42 -26.49 -14.51
CA HIS A 3 -3.84 -27.82 -14.33
C HIS A 3 -2.59 -27.75 -13.41
N MET A 4 -1.98 -26.54 -13.28
CA MET A 4 -0.89 -26.30 -12.31
C MET A 4 -1.46 -25.98 -10.92
N THR A 5 -0.73 -26.42 -9.88
CA THR A 5 -1.07 -26.18 -8.48
C THR A 5 -0.32 -24.96 -7.91
N GLU A 6 0.34 -24.20 -8.81
CA GLU A 6 1.22 -23.08 -8.45
C GLU A 6 0.53 -21.74 -8.72
N GLN A 7 0.72 -20.76 -7.81
CA GLN A 7 0.29 -19.35 -7.96
C GLN A 7 -1.23 -19.21 -8.25
N THR A 8 -2.02 -20.11 -7.64
CA THR A 8 -3.48 -20.16 -7.80
C THR A 8 -4.15 -20.23 -6.41
N SER A 9 -4.44 -19.04 -5.85
CA SER A 9 -5.01 -18.89 -4.49
C SER A 9 -5.72 -17.52 -4.35
N THR A 10 -6.45 -17.35 -3.23
CA THR A 10 -7.30 -16.17 -2.96
C THR A 10 -6.46 -14.87 -2.86
N LEU A 11 -5.47 -14.84 -1.94
CA LEU A 11 -4.65 -13.63 -1.70
C LEU A 11 -3.74 -13.33 -2.91
N TYR A 12 -3.44 -14.35 -3.73
CA TYR A 12 -2.66 -14.17 -4.96
C TYR A 12 -3.40 -13.22 -5.93
N ALA A 13 -4.70 -13.48 -6.13
CA ALA A 13 -5.55 -12.67 -7.01
C ALA A 13 -5.87 -11.29 -6.39
N LYS A 14 -6.01 -11.27 -5.05
CA LYS A 14 -6.40 -10.07 -4.28
C LYS A 14 -5.27 -9.02 -4.25
N LEU A 15 -4.10 -9.44 -3.74
CA LEU A 15 -2.94 -8.56 -3.55
C LEU A 15 -2.31 -8.22 -4.91
N LEU A 16 -2.09 -9.26 -5.73
CA LEU A 16 -1.50 -9.12 -7.06
C LEU A 16 -2.62 -9.05 -8.12
N GLY A 17 -3.16 -7.84 -8.30
CA GLY A 17 -4.19 -7.60 -9.31
C GLY A 17 -5.02 -6.35 -9.00
N GLU A 18 -6.21 -6.58 -8.42
CA GLU A 18 -7.20 -5.51 -8.15
C GLU A 18 -6.91 -4.84 -6.80
N THR A 19 -6.63 -3.52 -6.83
CA THR A 19 -6.43 -2.70 -5.64
C THR A 19 -7.79 -2.25 -5.08
N ALA A 20 -7.97 -2.37 -3.76
CA ALA A 20 -9.26 -2.10 -3.09
C ALA A 20 -9.39 -0.60 -2.77
N VAL A 21 -10.41 0.05 -3.37
CA VAL A 21 -10.72 1.46 -3.11
C VAL A 21 -11.35 1.59 -1.70
N ILE A 22 -10.81 2.51 -0.90
CA ILE A 22 -11.22 2.74 0.49
C ILE A 22 -11.21 4.24 0.82
N SER A 23 -11.91 4.61 1.90
CA SER A 23 -11.84 5.97 2.47
C SER A 23 -10.59 6.08 3.35
N TRP A 24 -9.95 7.25 3.33
CA TRP A 24 -8.75 7.53 4.15
C TRP A 24 -9.06 7.39 5.66
N ALA A 25 -10.25 7.83 6.07
CA ALA A 25 -10.67 7.86 7.49
C ALA A 25 -10.82 6.43 8.09
N GLU A 26 -10.89 5.43 7.21
CA GLU A 26 -10.91 4.00 7.59
C GLU A 26 -9.49 3.46 7.93
N LEU A 27 -8.46 4.21 7.51
CA LEU A 27 -7.03 3.83 7.65
C LEU A 27 -6.37 4.50 8.85
N GLN A 28 -7.12 5.38 9.54
CA GLN A 28 -6.62 6.11 10.73
C GLN A 28 -6.13 5.15 11.88
N PRO A 29 -6.85 4.02 12.24
CA PRO A 29 -6.35 3.04 13.27
C PRO A 29 -5.04 2.32 12.85
N PHE A 30 -4.85 2.14 11.52
CA PHE A 30 -3.65 1.49 10.95
C PHE A 30 -2.44 2.45 11.02
N PHE A 31 -2.70 3.72 10.68
CA PHE A 31 -1.73 4.82 10.78
C PHE A 31 -1.37 5.09 12.27
N ALA A 32 -2.37 4.93 13.14
CA ALA A 32 -2.22 5.18 14.60
C ALA A 32 -1.22 4.22 15.25
N ARG A 33 -1.17 2.97 14.73
CA ARG A 33 -0.23 1.94 15.22
C ARG A 33 1.04 1.87 14.33
N GLY A 34 1.03 2.64 13.22
CA GLY A 34 2.21 2.78 12.34
C GLY A 34 2.33 1.68 11.29
N ALA A 35 1.26 0.89 11.11
CA ALA A 35 1.21 -0.23 10.14
C ALA A 35 0.62 0.21 8.79
N LEU A 36 0.75 1.50 8.46
CA LEU A 36 0.23 2.07 7.23
C LEU A 36 1.40 2.65 6.43
N LEU A 37 1.72 2.05 5.27
CA LEU A 37 2.86 2.48 4.44
C LEU A 37 2.35 3.26 3.21
N GLN A 38 2.99 4.41 2.95
CA GLN A 38 2.72 5.25 1.79
C GLN A 38 3.55 4.78 0.58
N VAL A 39 2.84 4.22 -0.40
CA VAL A 39 3.36 3.97 -1.73
C VAL A 39 2.99 5.19 -2.60
N ASP A 40 4.02 5.82 -3.18
CA ASP A 40 3.84 7.01 -4.05
C ASP A 40 3.21 6.57 -5.40
N ALA A 41 2.59 7.53 -6.11
CA ALA A 41 1.98 7.29 -7.43
C ALA A 41 3.05 6.94 -8.49
N ALA A 42 4.32 7.29 -8.19
CA ALA A 42 5.51 6.90 -9.00
C ALA A 42 5.75 5.38 -8.93
N LEU A 43 5.38 4.77 -7.79
CA LEU A 43 5.45 3.31 -7.58
C LEU A 43 4.06 2.69 -7.83
N ASP A 44 3.87 1.41 -7.43
CA ASP A 44 2.58 0.72 -7.59
C ASP A 44 2.34 -0.23 -6.42
N LEU A 45 1.09 -0.31 -5.96
CA LEU A 45 0.69 -1.15 -4.82
C LEU A 45 1.06 -2.64 -5.02
N VAL A 46 0.72 -3.19 -6.20
CA VAL A 46 0.92 -4.63 -6.49
C VAL A 46 2.40 -5.05 -6.35
N GLU A 47 3.33 -4.23 -6.88
CA GLU A 47 4.77 -4.56 -6.90
C GLU A 47 5.46 -4.31 -5.54
N VAL A 48 5.04 -3.25 -4.82
CA VAL A 48 5.62 -2.91 -3.50
C VAL A 48 5.12 -3.88 -2.43
N ALA A 49 3.80 -4.15 -2.48
CA ALA A 49 3.13 -5.12 -1.59
C ALA A 49 3.70 -6.54 -1.79
N GLU A 50 4.02 -6.85 -3.06
CA GLU A 50 4.68 -8.13 -3.44
C GLU A 50 6.03 -8.28 -2.73
N ALA A 51 6.81 -7.18 -2.73
CA ALA A 51 8.15 -7.12 -2.11
C ALA A 51 8.09 -7.36 -0.58
N LEU A 52 7.00 -6.89 0.03
CA LEU A 52 6.74 -7.02 1.49
C LEU A 52 6.19 -8.43 1.83
N ALA A 53 5.40 -8.99 0.89
CA ALA A 53 4.84 -10.35 1.02
C ALA A 53 5.92 -11.42 0.73
N GLY A 54 6.90 -11.02 -0.08
CA GLY A 54 8.04 -11.87 -0.41
C GLY A 54 9.21 -11.69 0.55
N ASP A 55 9.18 -10.57 1.31
CA ASP A 55 10.21 -10.19 2.31
C ASP A 55 11.54 -9.81 1.59
N ASP A 56 11.43 -9.37 0.32
CA ASP A 56 12.60 -8.92 -0.48
C ASP A 56 13.14 -7.61 0.11
N ARG A 57 14.33 -7.70 0.71
CA ARG A 57 14.96 -6.60 1.45
C ARG A 57 15.45 -5.48 0.49
N GLU A 58 15.83 -5.87 -0.74
CA GLU A 58 16.49 -4.96 -1.70
C GLU A 58 15.48 -3.94 -2.28
N LYS A 59 14.32 -4.46 -2.75
CA LYS A 59 13.25 -3.64 -3.35
C LYS A 59 12.73 -2.60 -2.35
N VAL A 60 12.37 -3.10 -1.15
CA VAL A 60 11.74 -2.27 -0.12
C VAL A 60 12.71 -1.19 0.41
N ALA A 61 13.99 -1.56 0.63
CA ALA A 61 15.01 -0.66 1.21
C ALA A 61 15.37 0.48 0.23
N ALA A 62 15.37 0.16 -1.06
CA ALA A 62 15.62 1.14 -2.13
C ALA A 62 14.55 2.24 -2.11
N TRP A 63 13.28 1.80 -2.01
CA TRP A 63 12.11 2.69 -1.99
C TRP A 63 11.96 3.43 -0.64
N LEU A 64 12.36 2.76 0.47
CA LEU A 64 12.26 3.32 1.83
C LEU A 64 13.25 4.47 2.03
N SER A 65 14.50 4.25 1.58
CA SER A 65 15.58 5.25 1.72
C SER A 65 15.32 6.47 0.82
N GLY A 66 14.86 6.21 -0.41
CA GLY A 66 14.57 7.29 -1.36
C GLY A 66 14.13 6.76 -2.72
N GLY A 67 12.88 6.27 -2.79
CA GLY A 67 12.28 5.78 -4.05
C GLY A 67 10.82 6.15 -4.18
N GLY A 68 10.13 6.23 -3.04
CA GLY A 68 8.72 6.63 -3.00
C GLY A 68 7.91 5.90 -1.93
N LEU A 69 8.59 5.17 -1.03
CA LEU A 69 7.95 4.38 0.04
C LEU A 69 8.41 4.91 1.40
N SER A 70 7.44 5.24 2.25
CA SER A 70 7.65 5.69 3.64
C SER A 70 6.47 5.23 4.49
N LYS A 71 6.54 5.39 5.81
CA LYS A 71 5.36 5.15 6.67
C LYS A 71 4.57 6.44 6.82
N VAL A 72 3.24 6.31 6.91
CA VAL A 72 2.33 7.45 7.00
C VAL A 72 2.33 8.00 8.45
N GLY A 73 3.16 9.02 8.69
CA GLY A 73 3.17 9.73 9.98
C GLY A 73 2.03 10.74 10.09
N GLU A 74 2.00 11.49 11.20
CA GLU A 74 0.95 12.51 11.46
C GLU A 74 0.95 13.62 10.39
N ASP A 75 2.15 13.91 9.85
CA ASP A 75 2.34 14.91 8.79
C ASP A 75 1.78 14.41 7.45
N ALA A 76 2.12 13.15 7.12
CA ALA A 76 1.67 12.45 5.89
C ALA A 76 0.15 12.15 5.95
N ALA A 77 -0.38 12.04 7.19
CA ALA A 77 -1.80 11.81 7.44
C ALA A 77 -2.67 12.97 6.91
N LYS A 78 -2.12 14.20 7.02
CA LYS A 78 -2.75 15.41 6.49
C LYS A 78 -2.82 15.32 4.95
N ASP A 79 -1.71 14.82 4.36
CA ASP A 79 -1.51 14.78 2.90
C ASP A 79 -2.64 14.02 2.19
N PHE A 80 -2.84 12.77 2.62
CA PHE A 80 -3.88 11.87 2.04
C PHE A 80 -5.29 12.45 2.19
N LEU A 81 -5.58 13.05 3.36
CA LEU A 81 -6.88 13.70 3.63
C LEU A 81 -7.11 14.88 2.65
N GLU A 82 -6.01 15.52 2.25
CA GLU A 82 -6.04 16.70 1.35
C GLU A 82 -5.75 16.33 -0.13
N ARG A 83 -5.40 15.04 -0.40
CA ARG A 83 -5.14 14.57 -1.78
C ARG A 83 -6.45 14.43 -2.59
N ASP A 84 -7.08 13.24 -2.58
CA ASP A 84 -8.32 13.00 -3.33
C ASP A 84 -9.60 13.39 -2.52
N PRO A 85 -9.84 12.95 -1.21
CA PRO A 85 -8.90 12.15 -0.32
C PRO A 85 -8.88 10.62 -0.57
N THR A 86 -9.90 10.12 -1.30
CA THR A 86 -10.08 8.67 -1.59
C THR A 86 -8.79 8.04 -2.19
N LEU A 87 -8.55 6.77 -1.86
CA LEU A 87 -7.30 6.08 -2.20
C LEU A 87 -7.52 4.57 -2.23
N TRP A 88 -6.44 3.83 -2.48
CA TRP A 88 -6.49 2.36 -2.58
C TRP A 88 -5.65 1.77 -1.46
N ALA A 89 -6.25 0.87 -0.67
CA ALA A 89 -5.56 0.15 0.40
C ALA A 89 -5.59 -1.35 0.11
N VAL A 90 -4.40 -1.97 0.02
CA VAL A 90 -4.25 -3.43 -0.06
C VAL A 90 -3.44 -3.90 1.17
N VAL A 91 -4.05 -4.77 1.95
CA VAL A 91 -3.50 -5.22 3.23
C VAL A 91 -2.56 -6.41 2.98
N VAL A 92 -1.26 -6.18 3.21
CA VAL A 92 -0.21 -7.20 3.04
C VAL A 92 -0.05 -7.96 4.39
N ALA A 93 0.69 -9.07 4.37
CA ALA A 93 0.92 -9.94 5.55
C ALA A 93 1.53 -9.18 6.79
N PRO A 94 2.60 -8.28 6.65
CA PRO A 94 3.12 -7.49 7.79
C PRO A 94 2.19 -6.30 8.15
N TRP A 95 1.91 -5.47 7.13
CA TRP A 95 1.15 -4.22 7.27
C TRP A 95 0.35 -3.92 5.98
N VAL A 96 -0.51 -2.90 6.06
CA VAL A 96 -1.30 -2.41 4.90
C VAL A 96 -0.53 -1.27 4.20
N VAL A 97 -0.51 -1.32 2.86
CA VAL A 97 0.11 -0.29 2.01
C VAL A 97 -0.99 0.43 1.21
N ILE A 98 -0.81 1.74 1.01
CA ILE A 98 -1.80 2.63 0.38
C ILE A 98 -1.15 3.52 -0.67
N GLN A 99 -1.87 3.76 -1.75
CA GLN A 99 -1.48 4.69 -2.82
C GLN A 99 -2.69 5.57 -3.12
N GLU A 100 -2.49 6.89 -3.10
CA GLU A 100 -3.56 7.86 -3.28
C GLU A 100 -4.09 7.81 -4.73
N ARG A 101 -5.42 7.92 -4.85
CA ARG A 101 -6.14 7.84 -6.13
C ARG A 101 -5.98 9.14 -6.96
N ALA A 102 -5.51 10.23 -6.29
CA ALA A 102 -5.28 11.54 -6.93
C ALA A 102 -3.89 11.60 -7.63
N GLU A 103 -3.62 10.60 -8.48
CA GLU A 103 -2.33 10.46 -9.23
C GLU A 103 -2.01 11.71 -10.07
N LYS A 104 -3.07 12.41 -10.53
CA LYS A 104 -2.95 13.58 -11.40
C LYS A 104 -2.31 14.79 -10.68
N ALA A 105 -2.36 14.78 -9.33
CA ALA A 105 -1.80 15.86 -8.49
C ALA A 105 -0.28 15.93 -8.66
N THR A 106 0.40 14.82 -8.24
CA THR A 106 1.87 14.55 -8.41
C THR A 106 2.77 15.81 -8.30
N LEU A 107 2.38 16.73 -7.40
CA LEU A 107 3.02 18.03 -7.27
C LEU A 107 4.28 17.87 -6.38
N HIS A 108 5.43 17.68 -7.04
CA HIS A 108 6.74 17.50 -6.39
C HIS A 108 7.85 17.74 -7.44
N GLY A 1 -1.74 -5.82 -22.44
CA GLY A 1 -1.77 -6.82 -21.36
C GLY A 1 -3.10 -7.55 -21.30
N SER A 2 -3.84 -7.39 -20.17
CA SER A 2 -5.16 -8.05 -19.89
C SER A 2 -5.02 -9.59 -19.79
N HIS A 3 -4.79 -10.25 -20.93
CA HIS A 3 -4.54 -11.71 -20.98
C HIS A 3 -3.15 -12.02 -20.39
N MET A 4 -3.13 -12.35 -19.09
CA MET A 4 -1.91 -12.77 -18.39
C MET A 4 -1.70 -14.29 -18.63
N THR A 5 -0.50 -14.67 -19.09
CA THR A 5 -0.18 -16.05 -19.50
C THR A 5 0.50 -16.87 -18.37
N GLU A 6 0.71 -16.23 -17.21
CA GLU A 6 1.40 -16.86 -16.07
C GLU A 6 0.52 -17.96 -15.43
N GLN A 7 1.00 -19.21 -15.50
CA GLN A 7 0.32 -20.42 -15.00
C GLN A 7 0.58 -20.66 -13.50
N THR A 8 1.24 -19.67 -12.84
CA THR A 8 1.41 -19.63 -11.38
C THR A 8 0.00 -19.64 -10.70
N SER A 9 -0.09 -20.11 -9.43
CA SER A 9 -1.36 -20.25 -8.67
C SER A 9 -2.21 -18.96 -8.69
N THR A 10 -3.52 -19.13 -8.46
CA THR A 10 -4.50 -18.01 -8.47
C THR A 10 -4.13 -16.90 -7.46
N LEU A 11 -3.34 -17.26 -6.43
CA LEU A 11 -2.77 -16.32 -5.44
C LEU A 11 -1.99 -15.18 -6.14
N TYR A 12 -1.17 -15.56 -7.15
CA TYR A 12 -0.42 -14.60 -8.00
C TYR A 12 -1.38 -13.68 -8.75
N ALA A 13 -2.42 -14.27 -9.36
CA ALA A 13 -3.47 -13.53 -10.11
C ALA A 13 -4.25 -12.55 -9.18
N LYS A 14 -4.42 -12.98 -7.92
CA LYS A 14 -5.11 -12.21 -6.86
C LYS A 14 -4.24 -11.03 -6.42
N LEU A 15 -2.91 -11.28 -6.35
CA LEU A 15 -1.92 -10.25 -5.95
C LEU A 15 -1.85 -9.18 -7.06
N LEU A 16 -1.82 -9.64 -8.33
CA LEU A 16 -1.70 -8.78 -9.54
C LEU A 16 -3.03 -8.06 -9.87
N GLY A 17 -4.06 -8.28 -9.04
CA GLY A 17 -5.31 -7.55 -9.11
C GLY A 17 -5.93 -7.42 -7.73
N GLU A 18 -7.27 -7.40 -7.68
CA GLU A 18 -8.08 -7.52 -6.43
C GLU A 18 -7.72 -6.42 -5.38
N THR A 19 -7.20 -5.29 -5.88
CA THR A 19 -6.79 -4.13 -5.06
C THR A 19 -8.05 -3.37 -4.61
N ALA A 20 -8.19 -3.15 -3.29
CA ALA A 20 -9.37 -2.50 -2.70
C ALA A 20 -9.15 -0.98 -2.61
N VAL A 21 -10.19 -0.21 -2.97
CA VAL A 21 -10.24 1.25 -2.77
C VAL A 21 -11.24 1.54 -1.63
N ILE A 22 -10.85 2.45 -0.72
CA ILE A 22 -11.59 2.75 0.51
C ILE A 22 -11.39 4.23 0.90
N SER A 23 -12.19 4.73 1.84
CA SER A 23 -12.00 6.08 2.42
C SER A 23 -10.77 6.09 3.35
N TRP A 24 -10.05 7.23 3.36
CA TRP A 24 -8.87 7.44 4.22
C TRP A 24 -9.23 7.32 5.72
N ALA A 25 -10.43 7.78 6.09
CA ALA A 25 -10.88 7.87 7.51
C ALA A 25 -10.89 6.52 8.24
N GLU A 26 -10.91 5.42 7.47
CA GLU A 26 -10.87 4.04 7.99
C GLU A 26 -9.44 3.62 8.37
N LEU A 27 -8.45 4.25 7.71
CA LEU A 27 -7.01 3.96 7.87
C LEU A 27 -6.34 4.81 8.98
N GLN A 28 -7.15 5.59 9.71
CA GLN A 28 -6.66 6.47 10.79
C GLN A 28 -6.06 5.69 12.01
N PRO A 29 -6.66 4.55 12.50
CA PRO A 29 -5.99 3.68 13.51
C PRO A 29 -4.70 3.02 12.95
N PHE A 30 -4.67 2.79 11.61
CA PHE A 30 -3.58 2.07 10.93
C PHE A 30 -2.29 2.90 10.83
N PHE A 31 -2.43 4.22 10.53
CA PHE A 31 -1.24 5.12 10.48
C PHE A 31 -0.79 5.47 11.92
N ALA A 32 -1.78 5.58 12.84
CA ALA A 32 -1.55 5.98 14.24
C ALA A 32 -0.64 4.98 14.99
N ARG A 33 -0.79 3.68 14.67
CA ARG A 33 0.08 2.62 15.22
C ARG A 33 1.40 2.51 14.42
N GLY A 34 1.41 3.05 13.18
CA GLY A 34 2.62 3.06 12.34
C GLY A 34 2.74 1.84 11.42
N ALA A 35 1.60 1.16 11.19
CA ALA A 35 1.53 -0.05 10.32
C ALA A 35 0.90 0.30 8.96
N LEU A 36 1.19 1.51 8.48
CA LEU A 36 0.65 2.03 7.21
C LEU A 36 1.80 2.62 6.38
N LEU A 37 1.98 2.11 5.15
CA LEU A 37 3.09 2.52 4.25
C LEU A 37 2.53 3.28 3.03
N GLN A 38 3.16 4.42 2.72
CA GLN A 38 2.78 5.32 1.62
C GLN A 38 3.58 4.99 0.35
N VAL A 39 2.87 4.65 -0.72
CA VAL A 39 3.45 4.46 -2.06
C VAL A 39 3.31 5.78 -2.83
N ASP A 40 4.46 6.29 -3.31
CA ASP A 40 4.49 7.41 -4.26
C ASP A 40 3.92 6.91 -5.60
N ALA A 41 3.20 7.77 -6.32
CA ALA A 41 2.52 7.41 -7.57
C ALA A 41 3.51 6.91 -8.65
N ALA A 42 4.78 7.36 -8.55
CA ALA A 42 5.87 6.93 -9.47
C ALA A 42 6.17 5.41 -9.35
N LEU A 43 5.81 4.82 -8.20
CA LEU A 43 5.90 3.37 -7.97
C LEU A 43 4.54 2.72 -8.30
N ASP A 44 4.36 1.44 -7.94
CA ASP A 44 3.13 0.69 -8.20
C ASP A 44 2.77 -0.12 -6.95
N LEU A 45 1.57 0.16 -6.43
CA LEU A 45 1.05 -0.45 -5.17
C LEU A 45 1.16 -2.00 -5.18
N VAL A 46 0.92 -2.60 -6.36
CA VAL A 46 0.89 -4.06 -6.54
C VAL A 46 2.31 -4.67 -6.36
N GLU A 47 3.32 -4.10 -7.05
CA GLU A 47 4.70 -4.63 -7.01
C GLU A 47 5.40 -4.30 -5.66
N VAL A 48 4.99 -3.18 -5.03
CA VAL A 48 5.43 -2.79 -3.68
C VAL A 48 4.91 -3.83 -2.66
N ALA A 49 3.62 -4.18 -2.83
CA ALA A 49 2.94 -5.20 -2.01
C ALA A 49 3.54 -6.60 -2.26
N GLU A 50 3.95 -6.85 -3.53
CA GLU A 50 4.51 -8.16 -3.96
C GLU A 50 5.88 -8.40 -3.34
N ALA A 51 6.63 -7.30 -3.14
CA ALA A 51 7.94 -7.33 -2.47
C ALA A 51 7.79 -7.79 -1.02
N LEU A 52 6.86 -7.16 -0.31
CA LEU A 52 6.55 -7.45 1.11
C LEU A 52 5.94 -8.87 1.27
N ALA A 53 5.16 -9.28 0.25
CA ALA A 53 4.52 -10.61 0.19
C ALA A 53 5.53 -11.72 -0.14
N GLY A 54 6.55 -11.35 -0.96
CA GLY A 54 7.58 -12.27 -1.43
C GLY A 54 8.86 -12.22 -0.62
N ASP A 55 8.81 -11.50 0.53
CA ASP A 55 9.92 -11.37 1.51
C ASP A 55 11.11 -10.55 0.94
N ASP A 56 10.90 -9.93 -0.23
CA ASP A 56 11.91 -9.08 -0.88
C ASP A 56 12.05 -7.75 -0.11
N ARG A 57 12.88 -7.82 0.94
CA ARG A 57 13.27 -6.67 1.77
C ARG A 57 14.11 -5.67 0.96
N GLU A 58 14.84 -6.18 -0.05
CA GLU A 58 15.84 -5.40 -0.81
C GLU A 58 15.18 -4.32 -1.69
N LYS A 59 13.99 -4.65 -2.24
CA LYS A 59 13.23 -3.74 -3.12
C LYS A 59 12.68 -2.55 -2.32
N VAL A 60 12.00 -2.87 -1.21
CA VAL A 60 11.34 -1.87 -0.35
C VAL A 60 12.37 -1.04 0.45
N ALA A 61 13.51 -1.66 0.85
CA ALA A 61 14.57 -0.97 1.64
C ALA A 61 15.23 0.16 0.82
N ALA A 62 15.29 -0.04 -0.51
CA ALA A 62 15.78 0.98 -1.45
C ALA A 62 14.88 2.22 -1.44
N TRP A 63 13.57 1.97 -1.44
CA TRP A 63 12.54 3.03 -1.42
C TRP A 63 12.42 3.72 -0.04
N LEU A 64 12.69 2.98 1.05
CA LEU A 64 12.70 3.50 2.44
C LEU A 64 13.94 4.40 2.66
N SER A 65 15.05 4.04 2.01
CA SER A 65 16.31 4.79 2.08
C SER A 65 16.23 6.07 1.22
N GLY A 66 15.57 5.95 0.06
CA GLY A 66 15.40 7.04 -0.88
C GLY A 66 14.86 6.55 -2.22
N GLY A 67 13.52 6.47 -2.34
CA GLY A 67 12.86 6.05 -3.58
C GLY A 67 11.45 6.59 -3.67
N GLY A 68 10.60 6.20 -2.71
CA GLY A 68 9.22 6.71 -2.64
C GLY A 68 8.28 5.86 -1.82
N LEU A 69 8.80 5.08 -0.86
CA LEU A 69 7.97 4.29 0.06
C LEU A 69 8.41 4.65 1.50
N SER A 70 7.49 5.24 2.26
CA SER A 70 7.75 5.72 3.63
C SER A 70 6.46 5.61 4.46
N LYS A 71 6.59 5.31 5.76
CA LYS A 71 5.44 5.16 6.68
C LYS A 71 4.60 6.46 6.77
N VAL A 72 3.30 6.30 7.06
CA VAL A 72 2.34 7.43 7.10
C VAL A 72 2.27 8.00 8.53
N GLY A 73 2.84 9.21 8.72
CA GLY A 73 2.81 9.91 10.01
C GLY A 73 1.71 10.97 10.07
N GLU A 74 1.82 11.91 11.03
CA GLU A 74 0.86 13.03 11.20
C GLU A 74 0.80 13.91 9.94
N ASP A 75 1.98 14.23 9.39
CA ASP A 75 2.11 15.09 8.19
C ASP A 75 1.43 14.44 6.98
N ALA A 76 1.76 13.17 6.75
CA ALA A 76 1.20 12.35 5.66
C ALA A 76 -0.31 12.10 5.85
N ALA A 77 -0.76 12.14 7.11
CA ALA A 77 -2.18 11.92 7.48
C ALA A 77 -3.11 12.99 6.87
N LYS A 78 -2.79 14.28 7.09
CA LYS A 78 -3.58 15.40 6.53
C LYS A 78 -3.43 15.44 5.00
N ASP A 79 -2.26 15.02 4.50
CA ASP A 79 -2.00 14.92 3.04
C ASP A 79 -3.02 13.98 2.39
N PHE A 80 -3.09 12.74 2.92
CA PHE A 80 -4.02 11.68 2.45
C PHE A 80 -5.49 12.06 2.62
N LEU A 81 -5.80 12.81 3.69
CA LEU A 81 -7.15 13.38 3.92
C LEU A 81 -7.51 14.37 2.77
N GLU A 82 -6.49 15.09 2.27
CA GLU A 82 -6.65 16.12 1.24
C GLU A 82 -6.30 15.60 -0.18
N ARG A 83 -5.80 14.33 -0.30
CA ARG A 83 -5.50 13.74 -1.63
C ARG A 83 -6.80 13.63 -2.47
N ASP A 84 -7.49 12.49 -2.39
CA ASP A 84 -8.80 12.29 -3.01
C ASP A 84 -10.01 12.66 -2.08
N PRO A 85 -10.12 12.19 -0.76
CA PRO A 85 -9.18 11.28 0.01
C PRO A 85 -9.26 9.78 -0.34
N THR A 86 -10.34 9.38 -1.03
CA THR A 86 -10.60 8.01 -1.55
C THR A 86 -9.34 7.39 -2.24
N LEU A 87 -8.73 6.41 -1.60
CA LEU A 87 -7.41 5.89 -2.00
C LEU A 87 -7.39 4.35 -2.03
N TRP A 88 -6.41 3.78 -2.72
CA TRP A 88 -6.25 2.32 -2.86
C TRP A 88 -5.43 1.77 -1.70
N ALA A 89 -6.12 1.04 -0.81
CA ALA A 89 -5.52 0.41 0.37
C ALA A 89 -5.53 -1.12 0.21
N VAL A 90 -4.33 -1.74 0.27
CA VAL A 90 -4.18 -3.21 0.28
C VAL A 90 -3.48 -3.64 1.58
N VAL A 91 -4.14 -4.52 2.36
CA VAL A 91 -3.53 -5.10 3.56
C VAL A 91 -2.59 -6.25 3.14
N VAL A 92 -1.29 -6.04 3.35
CA VAL A 92 -0.24 -7.04 3.06
C VAL A 92 0.12 -7.77 4.38
N ALA A 93 0.81 -8.92 4.27
CA ALA A 93 1.15 -9.79 5.41
C ALA A 93 1.85 -9.03 6.60
N PRO A 94 2.97 -8.23 6.39
CA PRO A 94 3.59 -7.46 7.51
C PRO A 94 2.69 -6.29 7.99
N TRP A 95 2.29 -5.42 7.05
CA TRP A 95 1.53 -4.18 7.33
C TRP A 95 0.64 -3.81 6.13
N VAL A 96 -0.24 -2.81 6.34
CA VAL A 96 -1.12 -2.28 5.29
C VAL A 96 -0.35 -1.23 4.48
N VAL A 97 -0.49 -1.29 3.14
CA VAL A 97 0.20 -0.39 2.20
C VAL A 97 -0.86 0.30 1.32
N ILE A 98 -0.68 1.61 1.07
CA ILE A 98 -1.67 2.47 0.41
C ILE A 98 -1.02 3.36 -0.66
N GLN A 99 -1.84 3.83 -1.60
CA GLN A 99 -1.49 4.86 -2.59
C GLN A 99 -2.73 5.74 -2.82
N GLU A 100 -2.54 7.00 -3.25
CA GLU A 100 -3.66 7.87 -3.66
C GLU A 100 -4.24 7.39 -5.00
N ARG A 101 -5.57 7.55 -5.17
CA ARG A 101 -6.27 7.15 -6.41
C ARG A 101 -5.92 8.13 -7.56
N ALA A 102 -5.80 9.42 -7.22
CA ALA A 102 -5.31 10.45 -8.15
C ALA A 102 -3.88 10.10 -8.64
N GLU A 103 -3.78 9.42 -9.81
CA GLU A 103 -2.50 8.99 -10.39
C GLU A 103 -1.61 10.21 -10.75
N LYS A 104 -0.72 10.58 -9.81
CA LYS A 104 0.26 11.67 -10.03
C LYS A 104 1.45 11.20 -10.89
N ALA A 105 1.36 9.94 -11.36
CA ALA A 105 2.23 9.39 -12.39
C ALA A 105 1.36 8.86 -13.54
N THR A 106 0.53 9.75 -14.08
CA THR A 106 -0.29 9.45 -15.27
C THR A 106 0.55 9.61 -16.57
N LEU A 107 1.77 10.19 -16.42
CA LEU A 107 2.80 10.21 -17.49
C LEU A 107 3.37 8.80 -17.70
N HIS A 108 3.70 8.11 -16.58
CA HIS A 108 4.24 6.74 -16.58
C HIS A 108 3.64 5.96 -15.37
N GLY A 1 -2.84 -36.90 7.18
CA GLY A 1 -2.04 -36.46 6.02
C GLY A 1 -2.53 -37.05 4.71
N SER A 2 -3.71 -36.59 4.26
CA SER A 2 -4.28 -36.98 2.96
C SER A 2 -3.71 -36.07 1.85
N HIS A 3 -3.44 -36.66 0.68
CA HIS A 3 -3.01 -35.89 -0.51
C HIS A 3 -4.17 -35.03 -1.03
N MET A 4 -4.04 -33.70 -0.87
CA MET A 4 -5.10 -32.72 -1.21
C MET A 4 -4.52 -31.57 -2.06
N THR A 5 -5.37 -30.56 -2.32
CA THR A 5 -5.02 -29.38 -3.12
C THR A 5 -4.06 -28.44 -2.34
N GLU A 6 -2.82 -28.33 -2.82
CA GLU A 6 -1.81 -27.40 -2.28
C GLU A 6 -1.96 -26.04 -2.98
N GLN A 7 -3.06 -25.37 -2.65
CA GLN A 7 -3.53 -24.16 -3.35
C GLN A 7 -2.83 -22.86 -2.87
N THR A 8 -1.52 -22.96 -2.53
CA THR A 8 -0.70 -21.83 -2.06
C THR A 8 -0.50 -20.76 -3.16
N SER A 9 0.19 -19.64 -2.79
CA SER A 9 0.23 -18.37 -3.55
C SER A 9 -1.16 -17.68 -3.49
N THR A 10 -1.97 -18.07 -2.47
CA THR A 10 -3.35 -17.60 -2.27
C THR A 10 -3.37 -16.10 -1.92
N LEU A 11 -2.43 -15.70 -1.03
CA LEU A 11 -2.25 -14.29 -0.61
C LEU A 11 -1.81 -13.45 -1.83
N TYR A 12 -0.93 -14.01 -2.67
CA TYR A 12 -0.41 -13.32 -3.86
C TYR A 12 -1.49 -13.20 -4.96
N ALA A 13 -2.42 -14.17 -4.98
CA ALA A 13 -3.55 -14.17 -5.93
C ALA A 13 -4.58 -13.08 -5.56
N LYS A 14 -4.81 -12.91 -4.24
CA LYS A 14 -5.61 -11.80 -3.70
C LYS A 14 -4.91 -10.46 -4.00
N LEU A 15 -3.59 -10.42 -3.73
CA LEU A 15 -2.75 -9.22 -3.88
C LEU A 15 -2.82 -8.69 -5.32
N LEU A 16 -2.72 -9.62 -6.27
CA LEU A 16 -2.79 -9.32 -7.70
C LEU A 16 -4.28 -9.17 -8.09
N GLY A 17 -4.77 -7.92 -8.06
CA GLY A 17 -6.11 -7.60 -8.56
C GLY A 17 -7.00 -6.91 -7.53
N GLU A 18 -7.03 -7.44 -6.29
CA GLU A 18 -7.93 -6.92 -5.24
C GLU A 18 -7.34 -5.63 -4.63
N THR A 19 -7.74 -4.48 -5.20
CA THR A 19 -7.40 -3.15 -4.71
C THR A 19 -8.63 -2.52 -4.05
N ALA A 20 -8.58 -2.32 -2.71
CA ALA A 20 -9.73 -1.80 -1.97
C ALA A 20 -9.75 -0.26 -2.05
N VAL A 21 -10.71 0.29 -2.81
CA VAL A 21 -10.91 1.74 -2.93
C VAL A 21 -11.78 2.18 -1.75
N ILE A 22 -11.13 2.69 -0.71
CA ILE A 22 -11.77 2.97 0.58
C ILE A 22 -11.49 4.43 1.00
N SER A 23 -12.36 4.98 1.86
CA SER A 23 -12.19 6.31 2.45
C SER A 23 -10.93 6.34 3.34
N TRP A 24 -10.17 7.43 3.25
CA TRP A 24 -8.93 7.61 4.04
C TRP A 24 -9.19 7.57 5.57
N ALA A 25 -10.35 8.09 6.02
CA ALA A 25 -10.68 8.19 7.47
C ALA A 25 -10.84 6.79 8.12
N GLU A 26 -11.01 5.76 7.29
CA GLU A 26 -11.03 4.35 7.74
C GLU A 26 -9.61 3.81 8.02
N LEU A 27 -8.60 4.48 7.44
CA LEU A 27 -7.19 4.08 7.57
C LEU A 27 -6.47 4.84 8.71
N GLN A 28 -7.23 5.68 9.43
CA GLN A 28 -6.75 6.39 10.64
C GLN A 28 -6.24 5.41 11.75
N PRO A 29 -6.99 4.29 12.11
CA PRO A 29 -6.51 3.32 13.14
C PRO A 29 -5.26 2.51 12.67
N PHE A 30 -5.10 2.36 11.35
CA PHE A 30 -3.99 1.61 10.73
C PHE A 30 -2.70 2.46 10.77
N PHE A 31 -2.85 3.77 10.51
CA PHE A 31 -1.76 4.74 10.69
C PHE A 31 -1.49 5.00 12.20
N ALA A 32 -2.54 4.86 13.04
CA ALA A 32 -2.45 5.08 14.50
C ALA A 32 -1.56 4.03 15.19
N ARG A 33 -1.57 2.79 14.64
CA ARG A 33 -0.74 1.68 15.12
C ARG A 33 0.61 1.62 14.37
N GLY A 34 0.79 2.52 13.39
CA GLY A 34 2.03 2.63 12.61
C GLY A 34 2.26 1.46 11.63
N ALA A 35 1.20 0.71 11.34
CA ALA A 35 1.24 -0.47 10.45
C ALA A 35 0.81 -0.07 9.03
N LEU A 36 0.97 1.22 8.69
CA LEU A 36 0.55 1.77 7.39
C LEU A 36 1.79 2.30 6.66
N LEU A 37 2.00 1.82 5.44
CA LEU A 37 3.08 2.26 4.54
C LEU A 37 2.47 3.04 3.36
N GLN A 38 2.99 4.25 3.13
CA GLN A 38 2.66 5.07 1.95
C GLN A 38 3.62 4.72 0.81
N VAL A 39 3.06 4.30 -0.32
CA VAL A 39 3.79 4.21 -1.58
C VAL A 39 3.28 5.33 -2.50
N ASP A 40 4.19 5.92 -3.28
CA ASP A 40 3.86 7.00 -4.23
C ASP A 40 3.19 6.40 -5.48
N ALA A 41 2.33 7.20 -6.12
CA ALA A 41 1.56 6.80 -7.32
C ALA A 41 2.46 6.42 -8.52
N ALA A 42 3.74 6.87 -8.50
CA ALA A 42 4.75 6.49 -9.51
C ALA A 42 5.09 5.00 -9.42
N LEU A 43 5.25 4.51 -8.18
CA LEU A 43 5.38 3.07 -7.89
C LEU A 43 3.96 2.46 -7.77
N ASP A 44 3.85 1.17 -7.41
CA ASP A 44 2.52 0.51 -7.32
C ASP A 44 2.43 -0.36 -6.06
N LEU A 45 1.18 -0.53 -5.60
CA LEU A 45 0.81 -1.35 -4.43
C LEU A 45 1.37 -2.77 -4.54
N VAL A 46 0.98 -3.49 -5.61
CA VAL A 46 1.27 -4.93 -5.76
C VAL A 46 2.80 -5.18 -5.94
N GLU A 47 3.50 -4.17 -6.48
CA GLU A 47 4.97 -4.22 -6.70
C GLU A 47 5.72 -4.16 -5.37
N VAL A 48 5.41 -3.13 -4.56
CA VAL A 48 6.03 -2.97 -3.23
C VAL A 48 5.56 -4.09 -2.28
N ALA A 49 4.34 -4.56 -2.54
CA ALA A 49 3.67 -5.56 -1.69
C ALA A 49 4.15 -6.98 -1.97
N GLU A 50 4.63 -7.23 -3.21
CA GLU A 50 5.28 -8.50 -3.58
C GLU A 50 6.62 -8.61 -2.83
N ALA A 51 7.32 -7.47 -2.76
CA ALA A 51 8.59 -7.33 -2.04
C ALA A 51 8.38 -7.44 -0.50
N LEU A 52 7.18 -7.09 -0.01
CA LEU A 52 6.83 -7.21 1.42
C LEU A 52 6.33 -8.63 1.76
N ALA A 53 5.59 -9.24 0.83
CA ALA A 53 5.03 -10.61 0.98
C ALA A 53 6.17 -11.65 1.02
N GLY A 54 7.16 -11.45 0.15
CA GLY A 54 8.34 -12.32 0.09
C GLY A 54 9.47 -11.89 1.03
N ASP A 55 9.29 -10.69 1.66
CA ASP A 55 10.28 -10.07 2.58
C ASP A 55 11.59 -9.71 1.81
N ASP A 56 11.44 -9.41 0.50
CA ASP A 56 12.54 -8.88 -0.33
C ASP A 56 12.92 -7.49 0.19
N ARG A 57 13.96 -7.49 1.02
CA ARG A 57 14.45 -6.32 1.75
C ARG A 57 15.26 -5.37 0.83
N GLU A 58 15.68 -5.87 -0.35
CA GLU A 58 16.51 -5.11 -1.29
C GLU A 58 15.65 -4.09 -2.07
N LYS A 59 14.47 -4.57 -2.55
CA LYS A 59 13.51 -3.73 -3.32
C LYS A 59 12.91 -2.63 -2.44
N VAL A 60 12.44 -3.01 -1.24
CA VAL A 60 11.78 -2.07 -0.31
C VAL A 60 12.78 -1.02 0.22
N ALA A 61 14.05 -1.44 0.45
CA ALA A 61 15.11 -0.52 0.95
C ALA A 61 15.48 0.52 -0.12
N ALA A 62 15.47 0.09 -1.39
CA ALA A 62 15.70 0.97 -2.56
C ALA A 62 14.65 2.09 -2.60
N TRP A 63 13.39 1.71 -2.32
CA TRP A 63 12.25 2.61 -2.36
C TRP A 63 12.12 3.47 -1.08
N LEU A 64 12.60 2.94 0.06
CA LEU A 64 12.62 3.69 1.34
C LEU A 64 13.63 4.85 1.24
N SER A 65 14.87 4.51 0.82
CA SER A 65 15.96 5.48 0.68
C SER A 65 15.72 6.41 -0.51
N GLY A 66 15.06 5.87 -1.55
CA GLY A 66 14.65 6.66 -2.73
C GLY A 66 13.56 7.68 -2.40
N GLY A 67 12.65 7.29 -1.50
CA GLY A 67 11.58 8.16 -1.02
C GLY A 67 10.22 7.87 -1.64
N GLY A 68 10.13 6.78 -2.42
CA GLY A 68 8.85 6.36 -3.02
C GLY A 68 8.01 5.56 -2.04
N LEU A 69 8.67 4.85 -1.14
CA LEU A 69 8.04 4.09 -0.06
C LEU A 69 8.44 4.73 1.28
N SER A 70 7.45 4.94 2.14
CA SER A 70 7.58 5.63 3.44
C SER A 70 6.50 5.12 4.38
N LYS A 71 6.62 5.41 5.68
CA LYS A 71 5.58 5.10 6.67
C LYS A 71 4.61 6.27 6.78
N VAL A 72 3.31 5.97 6.88
CA VAL A 72 2.27 7.00 7.04
C VAL A 72 2.35 7.56 8.46
N GLY A 73 3.06 8.70 8.60
CA GLY A 73 3.07 9.47 9.85
C GLY A 73 2.00 10.55 9.83
N GLU A 74 2.05 11.48 10.80
CA GLU A 74 1.07 12.57 10.94
C GLU A 74 1.13 13.52 9.73
N ASP A 75 2.34 13.67 9.17
CA ASP A 75 2.57 14.45 7.94
C ASP A 75 1.79 13.88 6.75
N ALA A 76 1.94 12.56 6.53
CA ALA A 76 1.26 11.82 5.44
C ALA A 76 -0.25 11.74 5.70
N ALA A 77 -0.62 11.77 6.99
CA ALA A 77 -2.02 11.71 7.43
C ALA A 77 -2.81 12.96 6.99
N LYS A 78 -2.15 14.13 7.08
CA LYS A 78 -2.72 15.41 6.61
C LYS A 78 -2.82 15.38 5.08
N ASP A 79 -1.76 14.84 4.46
CA ASP A 79 -1.62 14.79 2.99
C ASP A 79 -2.79 14.06 2.34
N PHE A 80 -2.97 12.79 2.72
CA PHE A 80 -4.02 11.91 2.15
C PHE A 80 -5.43 12.48 2.36
N LEU A 81 -5.66 13.04 3.56
CA LEU A 81 -6.97 13.66 3.91
C LEU A 81 -7.29 14.84 2.99
N GLU A 82 -6.27 15.65 2.70
CA GLU A 82 -6.40 16.86 1.86
C GLU A 82 -6.05 16.59 0.39
N ARG A 83 -5.59 15.35 0.07
CA ARG A 83 -5.20 14.98 -1.31
C ARG A 83 -6.46 14.73 -2.15
N ASP A 84 -6.95 13.48 -2.19
CA ASP A 84 -8.06 13.08 -3.06
C ASP A 84 -9.47 13.28 -2.41
N PRO A 85 -9.77 12.86 -1.10
CA PRO A 85 -8.90 12.02 -0.20
C PRO A 85 -8.90 10.49 -0.52
N THR A 86 -9.91 10.04 -1.29
CA THR A 86 -10.09 8.62 -1.67
C THR A 86 -8.81 8.03 -2.30
N LEU A 87 -8.46 6.79 -1.91
CA LEU A 87 -7.17 6.19 -2.27
C LEU A 87 -7.31 4.66 -2.34
N TRP A 88 -6.28 4.03 -2.92
CA TRP A 88 -6.23 2.58 -3.13
C TRP A 88 -5.42 1.94 -1.99
N ALA A 89 -6.14 1.25 -1.10
CA ALA A 89 -5.56 0.55 0.06
C ALA A 89 -5.59 -0.97 -0.17
N VAL A 90 -4.42 -1.63 -0.09
CA VAL A 90 -4.32 -3.10 -0.10
C VAL A 90 -3.55 -3.55 1.14
N VAL A 91 -4.20 -4.35 1.98
CA VAL A 91 -3.58 -4.92 3.18
C VAL A 91 -2.71 -6.12 2.79
N VAL A 92 -1.41 -6.02 3.08
CA VAL A 92 -0.40 -7.06 2.77
C VAL A 92 -0.12 -7.89 4.05
N ALA A 93 0.43 -9.11 3.87
CA ALA A 93 0.66 -10.08 4.97
C ALA A 93 1.41 -9.47 6.22
N PRO A 94 2.54 -8.67 6.07
CA PRO A 94 3.14 -7.94 7.22
C PRO A 94 2.27 -6.74 7.69
N TRP A 95 1.96 -5.80 6.76
CA TRP A 95 1.21 -4.56 7.06
C TRP A 95 0.41 -4.07 5.84
N VAL A 96 -0.46 -3.07 6.05
CA VAL A 96 -1.28 -2.45 4.98
C VAL A 96 -0.47 -1.34 4.26
N VAL A 97 -0.60 -1.27 2.92
CA VAL A 97 0.08 -0.27 2.06
C VAL A 97 -0.98 0.47 1.22
N ILE A 98 -0.79 1.80 1.04
CA ILE A 98 -1.74 2.69 0.33
C ILE A 98 -0.99 3.60 -0.65
N GLN A 99 -1.67 3.97 -1.75
CA GLN A 99 -1.19 5.02 -2.68
C GLN A 99 -2.33 5.98 -2.97
N GLU A 100 -2.01 7.29 -3.05
CA GLU A 100 -2.97 8.34 -3.34
C GLU A 100 -3.50 8.19 -4.77
N ARG A 101 -4.83 8.23 -4.92
CA ARG A 101 -5.51 8.11 -6.21
C ARG A 101 -5.19 9.34 -7.10
N ALA A 102 -5.24 10.56 -6.49
CA ALA A 102 -4.86 11.84 -7.14
C ALA A 102 -5.69 12.13 -8.42
N GLU A 103 -6.92 11.60 -8.41
CA GLU A 103 -7.90 11.70 -9.50
C GLU A 103 -8.40 13.15 -9.67
N LYS A 104 -8.11 14.01 -8.66
CA LYS A 104 -8.33 15.46 -8.74
C LYS A 104 -7.70 16.04 -10.01
N ALA A 105 -6.38 15.82 -10.16
CA ALA A 105 -5.61 16.32 -11.27
C ALA A 105 -5.84 15.43 -12.50
N THR A 106 -6.85 15.81 -13.30
CA THR A 106 -7.30 15.08 -14.50
C THR A 106 -6.22 15.11 -15.61
N LEU A 107 -5.35 16.14 -15.54
CA LEU A 107 -4.24 16.34 -16.48
C LEU A 107 -2.96 15.57 -16.06
N HIS A 108 -2.94 15.04 -14.82
CA HIS A 108 -1.76 14.33 -14.27
C HIS A 108 -1.84 12.83 -14.67
#